data_1Z7C
# 
_entry.id   1Z7C 
# 
_audit_conform.dict_name       mmcif_pdbx.dic 
_audit_conform.dict_version    5.399 
_audit_conform.dict_location   http://mmcif.pdb.org/dictionaries/ascii/mmcif_pdbx.dic 
# 
loop_
_database_2.database_id 
_database_2.database_code 
_database_2.pdbx_database_accession 
_database_2.pdbx_DOI 
PDB   1Z7C         pdb_00001z7c 10.2210/pdb1z7c/pdb 
RCSB  RCSB032389   ?            ?                   
WWPDB D_1000032389 ?            ?                   
# 
loop_
_pdbx_audit_revision_history.ordinal 
_pdbx_audit_revision_history.data_content_type 
_pdbx_audit_revision_history.major_revision 
_pdbx_audit_revision_history.minor_revision 
_pdbx_audit_revision_history.revision_date 
1 'Structure model' 1 0 2006-03-07 
2 'Structure model' 1 1 2008-04-30 
3 'Structure model' 1 2 2011-07-13 
4 'Structure model' 1 3 2019-07-24 
5 'Structure model' 1 4 2024-11-20 
# 
_pdbx_audit_revision_details.ordinal             1 
_pdbx_audit_revision_details.revision_ordinal    1 
_pdbx_audit_revision_details.data_content_type   'Structure model' 
_pdbx_audit_revision_details.provider            repository 
_pdbx_audit_revision_details.type                'Initial release' 
_pdbx_audit_revision_details.description         ? 
_pdbx_audit_revision_details.details             ? 
# 
loop_
_pdbx_audit_revision_group.ordinal 
_pdbx_audit_revision_group.revision_ordinal 
_pdbx_audit_revision_group.data_content_type 
_pdbx_audit_revision_group.group 
1 2 'Structure model' 'Version format compliance' 
2 3 'Structure model' Advisory                    
3 3 'Structure model' 'Version format compliance' 
4 4 'Structure model' 'Data collection'           
5 4 'Structure model' 'Refinement description'    
6 5 'Structure model' 'Data collection'           
7 5 'Structure model' 'Database references'       
8 5 'Structure model' 'Structure summary'         
# 
loop_
_pdbx_audit_revision_category.ordinal 
_pdbx_audit_revision_category.revision_ordinal 
_pdbx_audit_revision_category.data_content_type 
_pdbx_audit_revision_category.category 
1 4 'Structure model' software                  
2 5 'Structure model' chem_comp_atom            
3 5 'Structure model' chem_comp_bond            
4 5 'Structure model' database_2                
5 5 'Structure model' pdbx_entry_details        
6 5 'Structure model' pdbx_modification_feature 
# 
loop_
_pdbx_audit_revision_item.ordinal 
_pdbx_audit_revision_item.revision_ordinal 
_pdbx_audit_revision_item.data_content_type 
_pdbx_audit_revision_item.item 
1  4 'Structure model' '_software.classification'            
2  4 'Structure model' '_software.contact_author'            
3  4 'Structure model' '_software.contact_author_email'      
4  4 'Structure model' '_software.date'                      
5  4 'Structure model' '_software.location'                  
6  4 'Structure model' '_software.name'                      
7  4 'Structure model' '_software.type'                      
8  4 'Structure model' '_software.version'                   
9  5 'Structure model' '_database_2.pdbx_DOI'                
10 5 'Structure model' '_database_2.pdbx_database_accession' 
# 
_pdbx_database_status.entry_id                        1Z7C 
_pdbx_database_status.deposit_site                    RCSB 
_pdbx_database_status.process_site                    RCSB 
_pdbx_database_status.recvd_initial_deposition_date   2005-03-24 
_pdbx_database_status.status_code                     REL 
_pdbx_database_status.status_code_sf                  REL 
_pdbx_database_status.status_code_mr                  ? 
_pdbx_database_status.SG_entry                        ? 
_pdbx_database_status.pdb_format_compatible           Y 
_pdbx_database_status.status_code_cs                  ? 
_pdbx_database_status.methods_development_category    ? 
_pdbx_database_status.status_code_nmr_data            ? 
# 
loop_
_audit_author.name 
_audit_author.pdbx_ordinal 
'Walsh, S.T.R.'    1 
'Kossiakoff, A.A.' 2 
# 
_citation.id                        primary 
_citation.title                     'Crystal Structure and Site 1 Binding Energetics of Human Placental Lactogen.' 
_citation.journal_abbrev            J.Mol.Biol. 
_citation.journal_volume            358 
_citation.page_first                773 
_citation.page_last                 784 
_citation.year                      2006 
_citation.journal_id_ASTM           JMOBAK 
_citation.country                   UK 
_citation.journal_id_ISSN           0022-2836 
_citation.journal_id_CSD            0070 
_citation.book_publisher            ? 
_citation.pdbx_database_id_PubMed   16546209 
_citation.pdbx_database_id_DOI      10.1016/j.jmb.2006.02.038 
# 
loop_
_citation_author.citation_id 
_citation_author.name 
_citation_author.ordinal 
_citation_author.identifier_ORCID 
primary 'Walsh, S.T.R.'    1 ? 
primary 'Kossiakoff, A.A.' 2 ? 
# 
loop_
_entity.id 
_entity.type 
_entity.src_method 
_entity.pdbx_description 
_entity.formula_weight 
_entity.pdbx_number_of_molecules 
_entity.pdbx_ec 
_entity.pdbx_mutation 
_entity.pdbx_fragment 
_entity.details 
1 polymer man 'Chorionic somatomammotropin hormone' 22335.139 1  ? ? ? ? 
2 water   nat water                                 18.015    65 ? ? ? ? 
# 
_entity_name_com.entity_id   1 
_entity_name_com.name        'Choriomammotropin, Lactogen' 
# 
_entity_poly.entity_id                      1 
_entity_poly.type                           'polypeptide(L)' 
_entity_poly.nstd_linkage                   no 
_entity_poly.nstd_monomer                   no 
_entity_poly.pdbx_seq_one_letter_code       
;VQTVPLSRLFDHAMLQAHRAHQLAIDTYQEFEETYIPKDQKYSFLHDSQTSFCFSDSIPTPSNMEETQQKSNLELLRISL
LLIESWLEPVRFLRSMFANNLVYDTSDSDDYHLLKDLEEGIQTLMGRLEDGSRRTGQILKQTYSKFDTNSHNHDALLKNY
GLLYCFRKDMDKVETFLRMVQCRSVEGSCGF
;
_entity_poly.pdbx_seq_one_letter_code_can   
;VQTVPLSRLFDHAMLQAHRAHQLAIDTYQEFEETYIPKDQKYSFLHDSQTSFCFSDSIPTPSNMEETQQKSNLELLRISL
LLIESWLEPVRFLRSMFANNLVYDTSDSDDYHLLKDLEEGIQTLMGRLEDGSRRTGQILKQTYSKFDTNSHNHDALLKNY
GLLYCFRKDMDKVETFLRMVQCRSVEGSCGF
;
_entity_poly.pdbx_strand_id                 A 
_entity_poly.pdbx_target_identifier         ? 
# 
_pdbx_entity_nonpoly.entity_id   2 
_pdbx_entity_nonpoly.name        water 
_pdbx_entity_nonpoly.comp_id     HOH 
# 
loop_
_entity_poly_seq.entity_id 
_entity_poly_seq.num 
_entity_poly_seq.mon_id 
_entity_poly_seq.hetero 
1 1   VAL n 
1 2   GLN n 
1 3   THR n 
1 4   VAL n 
1 5   PRO n 
1 6   LEU n 
1 7   SER n 
1 8   ARG n 
1 9   LEU n 
1 10  PHE n 
1 11  ASP n 
1 12  HIS n 
1 13  ALA n 
1 14  MET n 
1 15  LEU n 
1 16  GLN n 
1 17  ALA n 
1 18  HIS n 
1 19  ARG n 
1 20  ALA n 
1 21  HIS n 
1 22  GLN n 
1 23  LEU n 
1 24  ALA n 
1 25  ILE n 
1 26  ASP n 
1 27  THR n 
1 28  TYR n 
1 29  GLN n 
1 30  GLU n 
1 31  PHE n 
1 32  GLU n 
1 33  GLU n 
1 34  THR n 
1 35  TYR n 
1 36  ILE n 
1 37  PRO n 
1 38  LYS n 
1 39  ASP n 
1 40  GLN n 
1 41  LYS n 
1 42  TYR n 
1 43  SER n 
1 44  PHE n 
1 45  LEU n 
1 46  HIS n 
1 47  ASP n 
1 48  SER n 
1 49  GLN n 
1 50  THR n 
1 51  SER n 
1 52  PHE n 
1 53  CYS n 
1 54  PHE n 
1 55  SER n 
1 56  ASP n 
1 57  SER n 
1 58  ILE n 
1 59  PRO n 
1 60  THR n 
1 61  PRO n 
1 62  SER n 
1 63  ASN n 
1 64  MET n 
1 65  GLU n 
1 66  GLU n 
1 67  THR n 
1 68  GLN n 
1 69  GLN n 
1 70  LYS n 
1 71  SER n 
1 72  ASN n 
1 73  LEU n 
1 74  GLU n 
1 75  LEU n 
1 76  LEU n 
1 77  ARG n 
1 78  ILE n 
1 79  SER n 
1 80  LEU n 
1 81  LEU n 
1 82  LEU n 
1 83  ILE n 
1 84  GLU n 
1 85  SER n 
1 86  TRP n 
1 87  LEU n 
1 88  GLU n 
1 89  PRO n 
1 90  VAL n 
1 91  ARG n 
1 92  PHE n 
1 93  LEU n 
1 94  ARG n 
1 95  SER n 
1 96  MET n 
1 97  PHE n 
1 98  ALA n 
1 99  ASN n 
1 100 ASN n 
1 101 LEU n 
1 102 VAL n 
1 103 TYR n 
1 104 ASP n 
1 105 THR n 
1 106 SER n 
1 107 ASP n 
1 108 SER n 
1 109 ASP n 
1 110 ASP n 
1 111 TYR n 
1 112 HIS n 
1 113 LEU n 
1 114 LEU n 
1 115 LYS n 
1 116 ASP n 
1 117 LEU n 
1 118 GLU n 
1 119 GLU n 
1 120 GLY n 
1 121 ILE n 
1 122 GLN n 
1 123 THR n 
1 124 LEU n 
1 125 MET n 
1 126 GLY n 
1 127 ARG n 
1 128 LEU n 
1 129 GLU n 
1 130 ASP n 
1 131 GLY n 
1 132 SER n 
1 133 ARG n 
1 134 ARG n 
1 135 THR n 
1 136 GLY n 
1 137 GLN n 
1 138 ILE n 
1 139 LEU n 
1 140 LYS n 
1 141 GLN n 
1 142 THR n 
1 143 TYR n 
1 144 SER n 
1 145 LYS n 
1 146 PHE n 
1 147 ASP n 
1 148 THR n 
1 149 ASN n 
1 150 SER n 
1 151 HIS n 
1 152 ASN n 
1 153 HIS n 
1 154 ASP n 
1 155 ALA n 
1 156 LEU n 
1 157 LEU n 
1 158 LYS n 
1 159 ASN n 
1 160 TYR n 
1 161 GLY n 
1 162 LEU n 
1 163 LEU n 
1 164 TYR n 
1 165 CYS n 
1 166 PHE n 
1 167 ARG n 
1 168 LYS n 
1 169 ASP n 
1 170 MET n 
1 171 ASP n 
1 172 LYS n 
1 173 VAL n 
1 174 GLU n 
1 175 THR n 
1 176 PHE n 
1 177 LEU n 
1 178 ARG n 
1 179 MET n 
1 180 VAL n 
1 181 GLN n 
1 182 CYS n 
1 183 ARG n 
1 184 SER n 
1 185 VAL n 
1 186 GLU n 
1 187 GLY n 
1 188 SER n 
1 189 CYS n 
1 190 GLY n 
1 191 PHE n 
# 
_entity_src_gen.entity_id                          1 
_entity_src_gen.pdbx_src_id                        1 
_entity_src_gen.pdbx_alt_source_flag               sample 
_entity_src_gen.pdbx_seq_type                      ? 
_entity_src_gen.pdbx_beg_seq_num                   ? 
_entity_src_gen.pdbx_end_seq_num                   ? 
_entity_src_gen.gene_src_common_name               human 
_entity_src_gen.gene_src_genus                     Homo 
_entity_src_gen.pdbx_gene_src_gene                 CSH1 
_entity_src_gen.gene_src_species                   ? 
_entity_src_gen.gene_src_strain                    ? 
_entity_src_gen.gene_src_tissue                    ? 
_entity_src_gen.gene_src_tissue_fraction           ? 
_entity_src_gen.gene_src_details                   ? 
_entity_src_gen.pdbx_gene_src_fragment             ? 
_entity_src_gen.pdbx_gene_src_scientific_name      'Homo sapiens' 
_entity_src_gen.pdbx_gene_src_ncbi_taxonomy_id     9606 
_entity_src_gen.pdbx_gene_src_variant              ? 
_entity_src_gen.pdbx_gene_src_cell_line            ? 
_entity_src_gen.pdbx_gene_src_atcc                 ? 
_entity_src_gen.pdbx_gene_src_organ                ? 
_entity_src_gen.pdbx_gene_src_organelle            ? 
_entity_src_gen.pdbx_gene_src_cell                 ? 
_entity_src_gen.pdbx_gene_src_cellular_location    ? 
_entity_src_gen.host_org_common_name               ? 
_entity_src_gen.pdbx_host_org_scientific_name      'Escherichia coli BL21' 
_entity_src_gen.pdbx_host_org_ncbi_taxonomy_id     511693 
_entity_src_gen.host_org_genus                     Escherichia 
_entity_src_gen.pdbx_host_org_gene                 ? 
_entity_src_gen.pdbx_host_org_organ                ? 
_entity_src_gen.host_org_species                   'Escherichia coli' 
_entity_src_gen.pdbx_host_org_tissue               ? 
_entity_src_gen.pdbx_host_org_tissue_fraction      ? 
_entity_src_gen.pdbx_host_org_strain               BL21 
_entity_src_gen.pdbx_host_org_variant              ? 
_entity_src_gen.pdbx_host_org_cell_line            ? 
_entity_src_gen.pdbx_host_org_atcc                 ? 
_entity_src_gen.pdbx_host_org_culture_collection   ? 
_entity_src_gen.pdbx_host_org_cell                 ? 
_entity_src_gen.pdbx_host_org_organelle            ? 
_entity_src_gen.pdbx_host_org_cellular_location    ? 
_entity_src_gen.pdbx_host_org_vector_type          Plasmid 
_entity_src_gen.pdbx_host_org_vector               ? 
_entity_src_gen.host_org_details                   ? 
_entity_src_gen.expression_system_id               ? 
_entity_src_gen.plasmid_name                       Custom 
_entity_src_gen.plasmid_details                    ? 
_entity_src_gen.pdbx_description                   ? 
# 
loop_
_chem_comp.id 
_chem_comp.type 
_chem_comp.mon_nstd_flag 
_chem_comp.name 
_chem_comp.pdbx_synonyms 
_chem_comp.formula 
_chem_comp.formula_weight 
ALA 'L-peptide linking' y ALANINE         ? 'C3 H7 N O2'     89.093  
ARG 'L-peptide linking' y ARGININE        ? 'C6 H15 N4 O2 1' 175.209 
ASN 'L-peptide linking' y ASPARAGINE      ? 'C4 H8 N2 O3'    132.118 
ASP 'L-peptide linking' y 'ASPARTIC ACID' ? 'C4 H7 N O4'     133.103 
CYS 'L-peptide linking' y CYSTEINE        ? 'C3 H7 N O2 S'   121.158 
GLN 'L-peptide linking' y GLUTAMINE       ? 'C5 H10 N2 O3'   146.144 
GLU 'L-peptide linking' y 'GLUTAMIC ACID' ? 'C5 H9 N O4'     147.129 
GLY 'peptide linking'   y GLYCINE         ? 'C2 H5 N O2'     75.067  
HIS 'L-peptide linking' y HISTIDINE       ? 'C6 H10 N3 O2 1' 156.162 
HOH non-polymer         . WATER           ? 'H2 O'           18.015  
ILE 'L-peptide linking' y ISOLEUCINE      ? 'C6 H13 N O2'    131.173 
LEU 'L-peptide linking' y LEUCINE         ? 'C6 H13 N O2'    131.173 
LYS 'L-peptide linking' y LYSINE          ? 'C6 H15 N2 O2 1' 147.195 
MET 'L-peptide linking' y METHIONINE      ? 'C5 H11 N O2 S'  149.211 
PHE 'L-peptide linking' y PHENYLALANINE   ? 'C9 H11 N O2'    165.189 
PRO 'L-peptide linking' y PROLINE         ? 'C5 H9 N O2'     115.130 
SER 'L-peptide linking' y SERINE          ? 'C3 H7 N O3'     105.093 
THR 'L-peptide linking' y THREONINE       ? 'C4 H9 N O3'     119.119 
TRP 'L-peptide linking' y TRYPTOPHAN      ? 'C11 H12 N2 O2'  204.225 
TYR 'L-peptide linking' y TYROSINE        ? 'C9 H11 N O3'    181.189 
VAL 'L-peptide linking' y VALINE          ? 'C5 H11 N O2'    117.146 
# 
loop_
_pdbx_poly_seq_scheme.asym_id 
_pdbx_poly_seq_scheme.entity_id 
_pdbx_poly_seq_scheme.seq_id 
_pdbx_poly_seq_scheme.mon_id 
_pdbx_poly_seq_scheme.ndb_seq_num 
_pdbx_poly_seq_scheme.pdb_seq_num 
_pdbx_poly_seq_scheme.auth_seq_num 
_pdbx_poly_seq_scheme.pdb_mon_id 
_pdbx_poly_seq_scheme.auth_mon_id 
_pdbx_poly_seq_scheme.pdb_strand_id 
_pdbx_poly_seq_scheme.pdb_ins_code 
_pdbx_poly_seq_scheme.hetero 
A 1 1   VAL 1   1   ?   ?   ?   A . n 
A 1 2   GLN 2   2   2   GLN GLN A . n 
A 1 3   THR 3   3   3   THR THR A . n 
A 1 4   VAL 4   4   4   VAL VAL A . n 
A 1 5   PRO 5   5   5   PRO PRO A . n 
A 1 6   LEU 6   6   6   LEU LEU A . n 
A 1 7   SER 7   7   7   SER SER A . n 
A 1 8   ARG 8   8   8   ARG ARG A . n 
A 1 9   LEU 9   9   9   LEU LEU A . n 
A 1 10  PHE 10  10  10  PHE PHE A . n 
A 1 11  ASP 11  11  11  ASP ASP A . n 
A 1 12  HIS 12  12  12  HIS HIS A . n 
A 1 13  ALA 13  13  13  ALA ALA A . n 
A 1 14  MET 14  14  14  MET MET A . n 
A 1 15  LEU 15  15  15  LEU LEU A . n 
A 1 16  GLN 16  16  16  GLN GLN A . n 
A 1 17  ALA 17  17  17  ALA ALA A . n 
A 1 18  HIS 18  18  18  HIS HIS A . n 
A 1 19  ARG 19  19  19  ARG ARG A . n 
A 1 20  ALA 20  20  20  ALA ALA A . n 
A 1 21  HIS 21  21  21  HIS HIS A . n 
A 1 22  GLN 22  22  22  GLN GLN A . n 
A 1 23  LEU 23  23  23  LEU LEU A . n 
A 1 24  ALA 24  24  24  ALA ALA A . n 
A 1 25  ILE 25  25  25  ILE ILE A . n 
A 1 26  ASP 26  26  26  ASP ASP A . n 
A 1 27  THR 27  27  27  THR THR A . n 
A 1 28  TYR 28  28  28  TYR TYR A . n 
A 1 29  GLN 29  29  29  GLN GLN A . n 
A 1 30  GLU 30  30  30  GLU GLU A . n 
A 1 31  PHE 31  31  31  PHE PHE A . n 
A 1 32  GLU 32  32  32  GLU GLU A . n 
A 1 33  GLU 33  33  33  GLU GLU A . n 
A 1 34  THR 34  34  34  THR THR A . n 
A 1 35  TYR 35  35  35  TYR TYR A . n 
A 1 36  ILE 36  36  36  ILE ILE A . n 
A 1 37  PRO 37  37  37  PRO PRO A . n 
A 1 38  LYS 38  38  38  LYS LYS A . n 
A 1 39  ASP 39  39  39  ASP ASP A . n 
A 1 40  GLN 40  40  40  GLN GLN A . n 
A 1 41  LYS 41  41  41  LYS LYS A . n 
A 1 42  TYR 42  42  42  TYR TYR A . n 
A 1 43  SER 43  43  43  SER SER A . n 
A 1 44  PHE 44  44  44  PHE PHE A . n 
A 1 45  LEU 45  45  45  LEU LEU A . n 
A 1 46  HIS 46  46  ?   ?   ?   A . n 
A 1 47  ASP 47  47  ?   ?   ?   A . n 
A 1 48  SER 48  48  ?   ?   ?   A . n 
A 1 49  GLN 49  49  ?   ?   ?   A . n 
A 1 50  THR 50  50  ?   ?   ?   A . n 
A 1 51  SER 51  51  51  SER SER A . n 
A 1 52  PHE 52  52  52  PHE PHE A . n 
A 1 53  CYS 53  53  53  CYS CYS A . n 
A 1 54  PHE 54  54  54  PHE PHE A . n 
A 1 55  SER 55  55  55  SER SER A . n 
A 1 56  ASP 56  56  56  ASP ASP A . n 
A 1 57  SER 57  57  57  SER SER A . n 
A 1 58  ILE 58  58  58  ILE ILE A . n 
A 1 59  PRO 59  59  59  PRO PRO A . n 
A 1 60  THR 60  60  60  THR THR A . n 
A 1 61  PRO 61  61  ?   ?   ?   A . n 
A 1 62  SER 62  62  ?   ?   ?   A . n 
A 1 63  ASN 63  63  ?   ?   ?   A . n 
A 1 64  MET 64  64  ?   ?   ?   A . n 
A 1 65  GLU 65  65  ?   ?   ?   A . n 
A 1 66  GLU 66  66  ?   ?   ?   A . n 
A 1 67  THR 67  67  ?   ?   ?   A . n 
A 1 68  GLN 68  68  ?   ?   ?   A . n 
A 1 69  GLN 69  69  ?   ?   ?   A . n 
A 1 70  LYS 70  70  ?   ?   ?   A . n 
A 1 71  SER 71  71  71  SER SER A . n 
A 1 72  ASN 72  72  72  ASN ASN A . n 
A 1 73  LEU 73  73  73  LEU LEU A . n 
A 1 74  GLU 74  74  74  GLU GLU A . n 
A 1 75  LEU 75  75  75  LEU LEU A . n 
A 1 76  LEU 76  76  76  LEU LEU A . n 
A 1 77  ARG 77  77  77  ARG ARG A . n 
A 1 78  ILE 78  78  78  ILE ILE A . n 
A 1 79  SER 79  79  79  SER SER A . n 
A 1 80  LEU 80  80  80  LEU LEU A . n 
A 1 81  LEU 81  81  81  LEU LEU A . n 
A 1 82  LEU 82  82  82  LEU LEU A . n 
A 1 83  ILE 83  83  83  ILE ILE A . n 
A 1 84  GLU 84  84  84  GLU GLU A . n 
A 1 85  SER 85  85  85  SER SER A . n 
A 1 86  TRP 86  86  86  TRP TRP A . n 
A 1 87  LEU 87  87  87  LEU LEU A . n 
A 1 88  GLU 88  88  88  GLU GLU A . n 
A 1 89  PRO 89  89  89  PRO PRO A . n 
A 1 90  VAL 90  90  90  VAL VAL A . n 
A 1 91  ARG 91  91  91  ARG ARG A . n 
A 1 92  PHE 92  92  92  PHE PHE A . n 
A 1 93  LEU 93  93  93  LEU LEU A . n 
A 1 94  ARG 94  94  94  ARG ARG A . n 
A 1 95  SER 95  95  95  SER SER A . n 
A 1 96  MET 96  96  96  MET MET A . n 
A 1 97  PHE 97  97  97  PHE PHE A . n 
A 1 98  ALA 98  98  98  ALA ALA A . n 
A 1 99  ASN 99  99  99  ASN ASN A . n 
A 1 100 ASN 100 100 100 ASN GLY A . n 
A 1 101 LEU 101 101 101 LEU LEU A . n 
A 1 102 VAL 102 102 102 VAL VAL A . n 
A 1 103 TYR 103 103 103 TYR TYR A . n 
A 1 104 ASP 104 104 104 ASP ASP A . n 
A 1 105 THR 105 105 105 THR THR A . n 
A 1 106 SER 106 106 106 SER SER A . n 
A 1 107 ASP 107 107 107 ASP ASP A . n 
A 1 108 SER 108 108 108 SER SER A . n 
A 1 109 ASP 109 109 109 ASP ASP A . n 
A 1 110 ASP 110 110 110 ASP ASP A . n 
A 1 111 TYR 111 111 111 TYR TYR A . n 
A 1 112 HIS 112 112 112 HIS HIS A . n 
A 1 113 LEU 113 113 113 LEU LEU A . n 
A 1 114 LEU 114 114 114 LEU LEU A . n 
A 1 115 LYS 115 115 115 LYS LYS A . n 
A 1 116 ASP 116 116 116 ASP ASP A . n 
A 1 117 LEU 117 117 117 LEU LEU A . n 
A 1 118 GLU 118 118 118 GLU GLU A . n 
A 1 119 GLU 119 119 119 GLU GLU A . n 
A 1 120 GLY 120 120 120 GLY GLY A . n 
A 1 121 ILE 121 121 121 ILE ILE A . n 
A 1 122 GLN 122 122 122 GLN GLN A . n 
A 1 123 THR 123 123 123 THR THR A . n 
A 1 124 LEU 124 124 124 LEU LEU A . n 
A 1 125 MET 125 125 125 MET MET A . n 
A 1 126 GLY 126 126 126 GLY GLY A . n 
A 1 127 ARG 127 127 127 ARG ARG A . n 
A 1 128 LEU 128 128 128 LEU LEU A . n 
A 1 129 GLU 129 129 129 GLU GLU A . n 
A 1 130 ASP 130 130 ?   ?   ?   A . n 
A 1 131 GLY 131 131 ?   ?   ?   A . n 
A 1 132 SER 132 132 ?   ?   ?   A . n 
A 1 133 ARG 133 133 ?   ?   ?   A . n 
A 1 134 ARG 134 134 ?   ?   ?   A . n 
A 1 135 THR 135 135 ?   ?   ?   A . n 
A 1 136 GLY 136 136 ?   ?   ?   A . n 
A 1 137 GLN 137 137 137 GLN GLN A . n 
A 1 138 ILE 138 138 138 ILE ILE A . n 
A 1 139 LEU 139 139 139 LEU LEU A . n 
A 1 140 LYS 140 140 140 LYS ALA A . n 
A 1 141 GLN 141 141 141 GLN GLN A . n 
A 1 142 THR 142 142 142 THR THR A . n 
A 1 143 TYR 143 143 143 TYR TYR A . n 
A 1 144 SER 144 144 144 SER SER A . n 
A 1 145 LYS 145 145 145 LYS LYS A . n 
A 1 146 PHE 146 146 146 PHE PHE A . n 
A 1 147 ASP 147 147 147 ASP ASP A . n 
A 1 148 THR 148 148 148 THR THR A . n 
A 1 149 ASN 149 149 ?   ?   ?   A . n 
A 1 150 SER 150 150 ?   ?   ?   A . n 
A 1 151 HIS 151 151 ?   ?   ?   A . n 
A 1 152 ASN 152 152 ?   ?   ?   A . n 
A 1 153 HIS 153 153 ?   ?   ?   A . n 
A 1 154 ASP 154 154 154 ASP ASP A . n 
A 1 155 ALA 155 155 155 ALA ALA A . n 
A 1 156 LEU 156 156 156 LEU LEU A . n 
A 1 157 LEU 157 157 157 LEU LEU A . n 
A 1 158 LYS 158 158 158 LYS LYS A . n 
A 1 159 ASN 159 159 159 ASN ASN A . n 
A 1 160 TYR 160 160 160 TYR TYR A . n 
A 1 161 GLY 161 161 161 GLY GLY A . n 
A 1 162 LEU 162 162 162 LEU LEU A . n 
A 1 163 LEU 163 163 163 LEU LEU A . n 
A 1 164 TYR 164 164 164 TYR TYR A . n 
A 1 165 CYS 165 165 165 CYS CYS A . n 
A 1 166 PHE 166 166 166 PHE PHE A . n 
A 1 167 ARG 167 167 167 ARG ARG A . n 
A 1 168 LYS 168 168 168 LYS LYS A . n 
A 1 169 ASP 169 169 169 ASP ASP A . n 
A 1 170 MET 170 170 170 MET MET A . n 
A 1 171 ASP 171 171 171 ASP ASP A . n 
A 1 172 LYS 172 172 172 LYS LYS A . n 
A 1 173 VAL 173 173 173 VAL VAL A . n 
A 1 174 GLU 174 174 174 GLU GLU A . n 
A 1 175 THR 175 175 175 THR THR A . n 
A 1 176 PHE 176 176 176 PHE PHE A . n 
A 1 177 LEU 177 177 177 LEU LEU A . n 
A 1 178 ARG 178 178 178 ARG ARG A . n 
A 1 179 MET 179 179 179 MET MET A . n 
A 1 180 VAL 180 180 180 VAL VAL A . n 
A 1 181 GLN 181 181 181 GLN GLN A . n 
A 1 182 CYS 182 182 182 CYS CYS A . n 
A 1 183 ARG 183 183 183 ARG ARG A . n 
A 1 184 SER 184 184 184 SER SER A . n 
A 1 185 VAL 185 185 185 VAL VAL A . n 
A 1 186 GLU 186 186 186 GLU GLU A . n 
A 1 187 GLY 187 187 187 GLY GLY A . n 
A 1 188 SER 188 188 188 SER SER A . n 
A 1 189 CYS 189 189 189 CYS CYS A . n 
A 1 190 GLY 190 190 ?   ?   ?   A . n 
A 1 191 PHE 191 191 ?   ?   ?   A . n 
# 
loop_
_pdbx_nonpoly_scheme.asym_id 
_pdbx_nonpoly_scheme.entity_id 
_pdbx_nonpoly_scheme.mon_id 
_pdbx_nonpoly_scheme.ndb_seq_num 
_pdbx_nonpoly_scheme.pdb_seq_num 
_pdbx_nonpoly_scheme.auth_seq_num 
_pdbx_nonpoly_scheme.pdb_mon_id 
_pdbx_nonpoly_scheme.auth_mon_id 
_pdbx_nonpoly_scheme.pdb_strand_id 
_pdbx_nonpoly_scheme.pdb_ins_code 
B 2 HOH 1  192 1  HOH HOH A . 
B 2 HOH 2  193 2  HOH HOH A . 
B 2 HOH 3  194 3  HOH HOH A . 
B 2 HOH 4  195 4  HOH HOH A . 
B 2 HOH 5  196 5  HOH HOH A . 
B 2 HOH 6  197 6  HOH HOH A . 
B 2 HOH 7  198 7  HOH HOH A . 
B 2 HOH 8  199 8  HOH HOH A . 
B 2 HOH 9  200 9  HOH HOH A . 
B 2 HOH 10 201 10 HOH HOH A . 
B 2 HOH 11 202 11 HOH HOH A . 
B 2 HOH 12 203 12 HOH HOH A . 
B 2 HOH 13 204 13 HOH HOH A . 
B 2 HOH 14 205 14 HOH HOH A . 
B 2 HOH 15 206 15 HOH HOH A . 
B 2 HOH 16 207 16 HOH HOH A . 
B 2 HOH 17 208 17 HOH HOH A . 
B 2 HOH 18 209 18 HOH HOH A . 
B 2 HOH 19 210 19 HOH HOH A . 
B 2 HOH 20 211 20 HOH HOH A . 
B 2 HOH 21 212 21 HOH HOH A . 
B 2 HOH 22 213 22 HOH HOH A . 
B 2 HOH 23 214 23 HOH HOH A . 
B 2 HOH 24 215 24 HOH HOH A . 
B 2 HOH 25 216 25 HOH HOH A . 
B 2 HOH 26 217 26 HOH HOH A . 
B 2 HOH 27 218 27 HOH HOH A . 
B 2 HOH 28 219 28 HOH HOH A . 
B 2 HOH 29 220 29 HOH HOH A . 
B 2 HOH 30 221 30 HOH HOH A . 
B 2 HOH 31 222 31 HOH HOH A . 
B 2 HOH 32 223 32 HOH HOH A . 
B 2 HOH 33 224 33 HOH HOH A . 
B 2 HOH 34 225 34 HOH HOH A . 
B 2 HOH 35 226 35 HOH HOH A . 
B 2 HOH 36 227 36 HOH HOH A . 
B 2 HOH 37 228 37 HOH HOH A . 
B 2 HOH 38 229 38 HOH HOH A . 
B 2 HOH 39 230 39 HOH HOH A . 
B 2 HOH 40 231 40 HOH HOH A . 
B 2 HOH 41 232 41 HOH HOH A . 
B 2 HOH 42 233 42 HOH HOH A . 
B 2 HOH 43 234 43 HOH HOH A . 
B 2 HOH 44 235 44 HOH HOH A . 
B 2 HOH 45 236 45 HOH HOH A . 
B 2 HOH 46 237 46 HOH HOH A . 
B 2 HOH 47 238 47 HOH HOH A . 
B 2 HOH 48 239 48 HOH HOH A . 
B 2 HOH 49 240 49 HOH HOH A . 
B 2 HOH 50 241 50 HOH HOH A . 
B 2 HOH 51 242 51 HOH HOH A . 
B 2 HOH 52 243 52 HOH HOH A . 
B 2 HOH 53 244 53 HOH HOH A . 
B 2 HOH 54 245 54 HOH HOH A . 
B 2 HOH 55 246 55 HOH HOH A . 
B 2 HOH 56 247 56 HOH HOH A . 
B 2 HOH 57 248 57 HOH HOH A . 
B 2 HOH 58 249 58 HOH HOH A . 
B 2 HOH 59 250 59 HOH HOH A . 
B 2 HOH 60 251 60 HOH HOH A . 
B 2 HOH 61 252 61 HOH HOH A . 
B 2 HOH 62 253 62 HOH HOH A . 
B 2 HOH 63 254 63 HOH HOH A . 
B 2 HOH 64 255 64 HOH HOH A . 
B 2 HOH 65 256 65 HOH HOH A . 
# 
loop_
_pdbx_unobs_or_zero_occ_atoms.id 
_pdbx_unobs_or_zero_occ_atoms.PDB_model_num 
_pdbx_unobs_or_zero_occ_atoms.polymer_flag 
_pdbx_unobs_or_zero_occ_atoms.occupancy_flag 
_pdbx_unobs_or_zero_occ_atoms.auth_asym_id 
_pdbx_unobs_or_zero_occ_atoms.auth_comp_id 
_pdbx_unobs_or_zero_occ_atoms.auth_seq_id 
_pdbx_unobs_or_zero_occ_atoms.PDB_ins_code 
_pdbx_unobs_or_zero_occ_atoms.auth_atom_id 
_pdbx_unobs_or_zero_occ_atoms.label_alt_id 
_pdbx_unobs_or_zero_occ_atoms.label_asym_id 
_pdbx_unobs_or_zero_occ_atoms.label_comp_id 
_pdbx_unobs_or_zero_occ_atoms.label_seq_id 
_pdbx_unobs_or_zero_occ_atoms.label_atom_id 
1 1 Y 1 A ASN 100 ? CB  ? A ASN 100 CB  
2 1 Y 1 A ASN 100 ? CG  ? A ASN 100 CG  
3 1 Y 1 A ASN 100 ? OD1 ? A ASN 100 OD1 
4 1 Y 1 A ASN 100 ? ND2 ? A ASN 100 ND2 
5 1 Y 1 A LYS 140 ? CG  ? A LYS 140 CG  
6 1 Y 1 A LYS 140 ? CD  ? A LYS 140 CD  
7 1 Y 1 A LYS 140 ? CE  ? A LYS 140 CE  
8 1 Y 1 A LYS 140 ? NZ  ? A LYS 140 NZ  
# 
loop_
_software.name 
_software.version 
_software.date 
_software.type 
_software.contact_author 
_software.contact_author_email 
_software.classification 
_software.location 
_software.language 
_software.citation_id 
_software.pdbx_ordinal 
REFMAC    5.2.0005 ?           ?       ?                   ?                     refinement       ?                             ? 
? 1 
RESOLVE   2.06     02-Jan-2004 program 'Terwilliger, T. C' terwilliger@LANL.gov  phasing          http://www.solve.lanl.gov/    ? 
? 2 
CNS       .        ?           package 'Axel T. Brunger'   axel.brunger@yale.edu refinement       http://cns.csb.yale.edu/v1.1/ 
Fortran_77 ? 3 
HKL-2000  .        ?           ?       ?                   ?                     'data reduction' ?                             ? 
? 4 
SCALEPACK .        ?           ?       ?                   ?                     'data scaling'   ?                             ? 
? 5 
SOLVE     2.06     28-Dec-2003 program 'Tom Terwilliger'   terwilliger@LANL.gov  phasing          http://www.solve.lanl.gov/    ? 
? 6 
# 
_cell.entry_id           1Z7C 
_cell.length_a           115.504 
_cell.length_b           30.047 
_cell.length_c           53.490 
_cell.angle_alpha        90.00 
_cell.angle_beta         113.38 
_cell.angle_gamma        90.00 
_cell.Z_PDB              4 
_cell.pdbx_unique_axis   ? 
_cell.length_a_esd       ? 
_cell.length_b_esd       ? 
_cell.length_c_esd       ? 
_cell.angle_alpha_esd    ? 
_cell.angle_beta_esd     ? 
_cell.angle_gamma_esd    ? 
# 
_symmetry.entry_id                         1Z7C 
_symmetry.space_group_name_H-M             'C 1 2 1' 
_symmetry.pdbx_full_space_group_name_H-M   ? 
_symmetry.cell_setting                     ? 
_symmetry.Int_Tables_number                5 
_symmetry.space_group_name_Hall            ? 
# 
_exptl.entry_id          1Z7C 
_exptl.method            'X-RAY DIFFRACTION' 
_exptl.crystals_number   2 
# 
_exptl_crystal.id                    1 
_exptl_crystal.density_meas          ? 
_exptl_crystal.density_Matthews      2.0 
_exptl_crystal.density_percent_sol   38 
_exptl_crystal.description           ? 
_exptl_crystal.F_000                 ? 
_exptl_crystal.preparation           ? 
# 
_exptl_crystal_grow.crystal_id      1 
_exptl_crystal_grow.method          'VAPOR DIFFUSION, SITTING DROP' 
_exptl_crystal_grow.temp            292 
_exptl_crystal_grow.temp_details    ? 
_exptl_crystal_grow.pH              6.5 
_exptl_crystal_grow.pdbx_details    
'sodium phosphate, PEG 3400, sodium chloride, pH 6.5, VAPOR DIFFUSION, SITTING DROP, temperature 292K' 
_exptl_crystal_grow.pdbx_pH_range   . 
# 
loop_
_diffrn.id 
_diffrn.ambient_temp 
_diffrn.ambient_temp_details 
_diffrn.crystal_id 
1   93 ? 1 
2   93 ? 1 
1,2 ?  ? 1 
# 
loop_
_diffrn_detector.diffrn_id 
_diffrn_detector.detector 
_diffrn_detector.type 
_diffrn_detector.pdbx_collection_date 
_diffrn_detector.details 
1 CCD 'ADSC QUANTUM 4' 2001-06-03 ? 
2 CCD CUSTOM-MADE      2002-07-17 ? 
# 
loop_
_diffrn_radiation.diffrn_id 
_diffrn_radiation.wavelength_id 
_diffrn_radiation.pdbx_monochromatic_or_laue_m_l 
_diffrn_radiation.monochromator 
_diffrn_radiation.pdbx_diffrn_protocol 
_diffrn_radiation.pdbx_scattering_type 
1 1 M 'Si (111) double-crystal monochromator' 'SINGLE WAVELENGTH' x-ray 
2 1 M 'Si (111) double-crystal monochromator' MAD                 x-ray 
# 
loop_
_diffrn_radiation_wavelength.id 
_diffrn_radiation_wavelength.wavelength 
_diffrn_radiation_wavelength.wt 
1 1.00       1.0 
2 0.9792934  1.0 
3 0.97912954 1.0 
4 0.95373385 1.0 
# 
loop_
_diffrn_source.diffrn_id 
_diffrn_source.source 
_diffrn_source.type 
_diffrn_source.pdbx_synchrotron_site 
_diffrn_source.pdbx_synchrotron_beamline 
_diffrn_source.pdbx_wavelength 
_diffrn_source.pdbx_wavelength_list 
1 SYNCHROTRON 'APS BEAMLINE 14-BM-D' APS 14-BM-D ? 1.00                                
2 SYNCHROTRON 'APS BEAMLINE 19-ID'   APS 19-ID   ? '0.9792934, 0.97912954, 0.95373385' 
# 
_reflns.entry_id                     1Z7C 
_reflns.observed_criterion_sigma_I   2.0 
_reflns.observed_criterion_sigma_F   2.0 
_reflns.d_resolution_low             30 
_reflns.d_resolution_high            1.9 
_reflns.number_obs                   13322 
_reflns.number_all                   ? 
_reflns.percent_possible_obs         95.9 
_reflns.pdbx_Rmerge_I_obs            0.05 
_reflns.pdbx_Rsym_value              0.05 
_reflns.pdbx_netI_over_sigmaI        21.9 
_reflns.B_iso_Wilson_estimate        ? 
_reflns.pdbx_redundancy              3.6 
_reflns.R_free_details               ? 
_reflns.limit_h_max                  ? 
_reflns.limit_h_min                  ? 
_reflns.limit_k_max                  ? 
_reflns.limit_k_min                  ? 
_reflns.limit_l_max                  ? 
_reflns.limit_l_min                  ? 
_reflns.observed_criterion_F_max     ? 
_reflns.observed_criterion_F_min     ? 
_reflns.pdbx_chi_squared             ? 
_reflns.pdbx_scaling_rejects         ? 
_reflns.pdbx_ordinal                 1 
_reflns.pdbx_diffrn_id               1,2 
# 
_reflns_shell.d_res_high             1.9 
_reflns_shell.d_res_low              1.9 
_reflns_shell.percent_possible_all   70.6 
_reflns_shell.Rmerge_I_obs           0.505 
_reflns_shell.pdbx_Rsym_value        0.503 
_reflns_shell.meanI_over_sigI_obs    1.5 
_reflns_shell.pdbx_redundancy        2.0 
_reflns_shell.percent_possible_obs   ? 
_reflns_shell.number_unique_all      ? 
_reflns_shell.number_measured_all    ? 
_reflns_shell.number_measured_obs    ? 
_reflns_shell.number_unique_obs      ? 
_reflns_shell.pdbx_chi_squared       ? 
_reflns_shell.pdbx_ordinal           1 
_reflns_shell.pdbx_diffrn_id         1,2 
# 
_refine.entry_id                                 1Z7C 
_refine.ls_number_reflns_obs                     10328 
_refine.ls_number_reflns_all                     ? 
_refine.pdbx_ls_sigma_I                          ? 
_refine.pdbx_ls_sigma_F                          ? 
_refine.pdbx_data_cutoff_high_absF               ? 
_refine.pdbx_data_cutoff_low_absF                ? 
_refine.pdbx_data_cutoff_high_rms_absF           ? 
_refine.ls_d_res_low                             15.00 
_refine.ls_d_res_high                            2.00 
_refine.ls_percent_reflns_obs                    98.12 
_refine.ls_R_factor_obs                          0.23308 
_refine.ls_R_factor_all                          ? 
_refine.ls_R_factor_R_work                       0.22939 
_refine.ls_R_factor_R_free                       0.26704 
_refine.ls_R_factor_R_free_error                 ? 
_refine.ls_R_factor_R_free_error_details         ? 
_refine.ls_percent_reflns_R_free                 9.8 
_refine.ls_number_reflns_R_free                  1126 
_refine.ls_number_parameters                     ? 
_refine.ls_number_restraints                     ? 
_refine.occupancy_min                            ? 
_refine.occupancy_max                            ? 
_refine.correlation_coeff_Fo_to_Fc               0.936 
_refine.correlation_coeff_Fo_to_Fc_free          0.916 
_refine.B_iso_mean                               36.324 
_refine.aniso_B[1][1]                            0.24 
_refine.aniso_B[2][2]                            1.19 
_refine.aniso_B[3][3]                            -0.95 
_refine.aniso_B[1][2]                            0.00 
_refine.aniso_B[1][3]                            0.61 
_refine.aniso_B[2][3]                            0.00 
_refine.solvent_model_details                    'BABINET MODEL WITH MASK' 
_refine.solvent_model_param_ksol                 ? 
_refine.solvent_model_param_bsol                 ? 
_refine.pdbx_solvent_vdw_probe_radii             1.20 
_refine.pdbx_solvent_ion_probe_radii             0.80 
_refine.pdbx_solvent_shrinkage_radii             0.80 
_refine.pdbx_ls_cross_valid_method               THROUGHOUT 
_refine.details                                  'HYDROGENS HAVE BEEN ADDED IN THE RIDING POSITIONS' 
_refine.pdbx_starting_model                      ? 
_refine.pdbx_method_to_determine_struct          MAD 
_refine.pdbx_isotropic_thermal_model             ? 
_refine.pdbx_stereochemistry_target_values       'MAXIMUM LIKELIHOOD' 
_refine.pdbx_stereochem_target_val_spec_case     ? 
_refine.pdbx_R_Free_selection_details            RANDOM 
_refine.pdbx_overall_ESU_R                       0.257 
_refine.pdbx_overall_ESU_R_Free                  0.204 
_refine.overall_SU_ML                            0.144 
_refine.overall_SU_B                             11.418 
_refine.ls_redundancy_reflns_obs                 ? 
_refine.B_iso_min                                ? 
_refine.B_iso_max                                ? 
_refine.overall_SU_R_Cruickshank_DPI             ? 
_refine.overall_SU_R_free                        ? 
_refine.ls_wR_factor_R_free                      ? 
_refine.ls_wR_factor_R_work                      ? 
_refine.overall_FOM_free_R_set                   ? 
_refine.overall_FOM_work_R_set                   ? 
_refine.pdbx_refine_id                           'X-RAY DIFFRACTION' 
_refine.pdbx_TLS_residual_ADP_flag               'LIKELY RESIDUAL' 
_refine.pdbx_diffrn_id                           1 
_refine.pdbx_overall_phase_error                 ? 
_refine.pdbx_overall_SU_R_free_Cruickshank_DPI   ? 
_refine.pdbx_overall_SU_R_Blow_DPI               ? 
_refine.pdbx_overall_SU_R_free_Blow_DPI          ? 
# 
_refine_analyze.entry_id                        1Z7C 
_refine_analyze.Luzzati_coordinate_error_obs    0.31 
_refine_analyze.Luzzati_sigma_a_obs             0.29 
_refine_analyze.Luzzati_d_res_low_obs           5.0 
_refine_analyze.Luzzati_coordinate_error_free   0.37 
_refine_analyze.Luzzati_sigma_a_free            0.34 
_refine_analyze.Luzzati_d_res_low_free          ? 
_refine_analyze.number_disordered_residues      ? 
_refine_analyze.occupancy_sum_hydrogen          ? 
_refine_analyze.occupancy_sum_non_hydrogen      ? 
_refine_analyze.pdbx_Luzzati_d_res_high_obs     ? 
_refine_analyze.pdbx_refine_id                  'X-RAY DIFFRACTION' 
# 
_refine_hist.pdbx_refine_id                   'X-RAY DIFFRACTION' 
_refine_hist.cycle_id                         LAST 
_refine_hist.pdbx_number_atoms_protein        1322 
_refine_hist.pdbx_number_atoms_nucleic_acid   0 
_refine_hist.pdbx_number_atoms_ligand         0 
_refine_hist.number_atoms_solvent             65 
_refine_hist.number_atoms_total               1387 
_refine_hist.d_res_high                       2.00 
_refine_hist.d_res_low                        15.00 
# 
loop_
_refine_ls_restr.type 
_refine_ls_restr.dev_ideal 
_refine_ls_restr.dev_ideal_target 
_refine_ls_restr.weight 
_refine_ls_restr.number 
_refine_ls_restr.pdbx_refine_id 
_refine_ls_restr.pdbx_restraint_function 
r_bond_refined_d             0.023  0.022  ? 1347 'X-RAY DIFFRACTION' ? 
r_bond_other_d               ?      ?      ? ?    'X-RAY DIFFRACTION' ? 
r_angle_refined_deg          2.141  1.973  ? 1813 'X-RAY DIFFRACTION' ? 
r_angle_other_deg            ?      ?      ? ?    'X-RAY DIFFRACTION' ? 
r_dihedral_angle_1_deg       8.406  5.000  ? 156  'X-RAY DIFFRACTION' ? 
r_dihedral_angle_2_deg       40.483 23.971 ? 68   'X-RAY DIFFRACTION' ? 
r_dihedral_angle_3_deg       21.704 15.000 ? 246  'X-RAY DIFFRACTION' ? 
r_dihedral_angle_4_deg       27.280 15.000 ? 9    'X-RAY DIFFRACTION' ? 
r_chiral_restr               0.159  0.200  ? 203  'X-RAY DIFFRACTION' ? 
r_gen_planes_refined         0.010  0.020  ? 997  'X-RAY DIFFRACTION' ? 
r_gen_planes_other           ?      ?      ? ?    'X-RAY DIFFRACTION' ? 
r_nbd_refined                0.283  0.200  ? 662  'X-RAY DIFFRACTION' ? 
r_nbd_other                  ?      ?      ? ?    'X-RAY DIFFRACTION' ? 
r_nbtor_refined              0.317  0.200  ? 914  'X-RAY DIFFRACTION' ? 
r_nbtor_other                ?      ?      ? ?    'X-RAY DIFFRACTION' ? 
r_xyhbond_nbd_refined        0.216  0.200  ? 65   'X-RAY DIFFRACTION' ? 
r_xyhbond_nbd_other          ?      ?      ? ?    'X-RAY DIFFRACTION' ? 
r_metal_ion_refined          ?      ?      ? ?    'X-RAY DIFFRACTION' ? 
r_metal_ion_other            ?      ?      ? ?    'X-RAY DIFFRACTION' ? 
r_symmetry_vdw_refined       0.213  0.200  ? 53   'X-RAY DIFFRACTION' ? 
r_symmetry_vdw_other         ?      ?      ? ?    'X-RAY DIFFRACTION' ? 
r_symmetry_hbond_refined     0.216  0.200  ? 11   'X-RAY DIFFRACTION' ? 
r_symmetry_hbond_other       ?      ?      ? ?    'X-RAY DIFFRACTION' ? 
r_symmetry_metal_ion_refined ?      ?      ? ?    'X-RAY DIFFRACTION' ? 
r_symmetry_metal_ion_other   ?      ?      ? ?    'X-RAY DIFFRACTION' ? 
r_mcbond_it                  1.443  1.500  ? 840  'X-RAY DIFFRACTION' ? 
r_mcbond_other               ?      ?      ? ?    'X-RAY DIFFRACTION' ? 
r_mcangle_it                 2.252  2.000  ? 1285 'X-RAY DIFFRACTION' ? 
r_scbond_it                  3.481  3.000  ? 594  'X-RAY DIFFRACTION' ? 
r_scangle_it                 4.951  4.500  ? 528  'X-RAY DIFFRACTION' ? 
r_rigid_bond_restr           ?      ?      ? ?    'X-RAY DIFFRACTION' ? 
r_sphericity_free            ?      ?      ? ?    'X-RAY DIFFRACTION' ? 
r_sphericity_bonded          ?      ?      ? ?    'X-RAY DIFFRACTION' ? 
# 
_refine_ls_shell.pdbx_total_number_of_bins_used   20 
_refine_ls_shell.d_res_high                       2.000 
_refine_ls_shell.d_res_low                        2.051 
_refine_ls_shell.number_reflns_R_work             648 
_refine_ls_shell.R_factor_R_work                  0.286 
_refine_ls_shell.percent_reflns_obs               85.33 
_refine_ls_shell.R_factor_R_free                  0.362 
_refine_ls_shell.R_factor_R_free_error            ? 
_refine_ls_shell.percent_reflns_R_free            ? 
_refine_ls_shell.number_reflns_R_free             73 
_refine_ls_shell.number_reflns_all                ? 
_refine_ls_shell.R_factor_all                     ? 
_refine_ls_shell.redundancy_reflns_obs            ? 
_refine_ls_shell.number_reflns_obs                ? 
_refine_ls_shell.pdbx_refine_id                   'X-RAY DIFFRACTION' 
# 
loop_
_pdbx_xplor_file.serial_no 
_pdbx_xplor_file.param_file 
_pdbx_xplor_file.topol_file 
_pdbx_xplor_file.pdbx_refine_id 
1 CNS_TOPPAR:protein.param   CNS_TOPPAR:protein.top 'X-RAY DIFFRACTION' 
2 CNS_TOPPAR:water_rep.param CNS_TOPPAR:gol.top     'X-RAY DIFFRACTION' 
3 CNS_TOPPAR:ion.param       CNS_TOPPAR:peg.top     'X-RAY DIFFRACTION' 
4 CNS_TOPPAR:gol.param       ?                      'X-RAY DIFFRACTION' 
5 CNS_TOPPAR:peg.param       ?                      'X-RAY DIFFRACTION' 
# 
_struct.entry_id                  1Z7C 
_struct.title                     'Crystal Structure of Human Placental Lactogen' 
_struct.pdbx_model_details        ? 
_struct.pdbx_CASP_flag            ? 
_struct.pdbx_model_type_details   ? 
# 
_struct_keywords.entry_id        1Z7C 
_struct_keywords.pdbx_keywords   'HORMONE/GROWTH FACTOR' 
_struct_keywords.text            'four-helix bundle protein, HORMONE-GROWTH FACTOR COMPLEX' 
# 
loop_
_struct_asym.id 
_struct_asym.pdbx_blank_PDB_chainid_flag 
_struct_asym.pdbx_modified 
_struct_asym.entity_id 
_struct_asym.details 
A N N 1 ? 
B N N 2 ? 
# 
_struct_ref.id                         1 
_struct_ref.db_name                    UNP 
_struct_ref.db_code                    CSH_HUMAN 
_struct_ref.pdbx_db_accession          P01243 
_struct_ref.entity_id                  1 
_struct_ref.pdbx_seq_one_letter_code   
;VQTVPLSRLFDHAMLQAHRAHQLAIDTYQEFEETYIPKDQKYSFLHDSQTSFCFSDSIPTPSNMEETQQKSNLELLRISL
LLIESWLEPVRFLRSMFANNLVYDTSDSDDYHLLKDLEEGIQTLMGRLEDGSRRTGQILKQTYSKFDTNSHNHDALLKNY
GLLYCFRKDMDKVETFLRMVQCRSVEGSCGF
;
_struct_ref.pdbx_align_begin           27 
_struct_ref.pdbx_db_isoform            ? 
# 
_struct_ref_seq.align_id                      1 
_struct_ref_seq.ref_id                        1 
_struct_ref_seq.pdbx_PDB_id_code              1Z7C 
_struct_ref_seq.pdbx_strand_id                A 
_struct_ref_seq.seq_align_beg                 1 
_struct_ref_seq.pdbx_seq_align_beg_ins_code   ? 
_struct_ref_seq.seq_align_end                 191 
_struct_ref_seq.pdbx_seq_align_end_ins_code   ? 
_struct_ref_seq.pdbx_db_accession             P01243 
_struct_ref_seq.db_align_beg                  27 
_struct_ref_seq.pdbx_db_align_beg_ins_code    ? 
_struct_ref_seq.db_align_end                  217 
_struct_ref_seq.pdbx_db_align_end_ins_code    ? 
_struct_ref_seq.pdbx_auth_seq_align_beg       1 
_struct_ref_seq.pdbx_auth_seq_align_end       191 
# 
_pdbx_struct_assembly.id                   1 
_pdbx_struct_assembly.details              author_defined_assembly 
_pdbx_struct_assembly.method_details       ? 
_pdbx_struct_assembly.oligomeric_details   monomeric 
_pdbx_struct_assembly.oligomeric_count     1 
# 
_pdbx_struct_assembly_gen.assembly_id       1 
_pdbx_struct_assembly_gen.oper_expression   1 
_pdbx_struct_assembly_gen.asym_id_list      A,B 
# 
_pdbx_struct_oper_list.id                   1 
_pdbx_struct_oper_list.type                 'identity operation' 
_pdbx_struct_oper_list.name                 1_555 
_pdbx_struct_oper_list.symmetry_operation   x,y,z 
_pdbx_struct_oper_list.matrix[1][1]         1.0000000000 
_pdbx_struct_oper_list.matrix[1][2]         0.0000000000 
_pdbx_struct_oper_list.matrix[1][3]         0.0000000000 
_pdbx_struct_oper_list.vector[1]            0.0000000000 
_pdbx_struct_oper_list.matrix[2][1]         0.0000000000 
_pdbx_struct_oper_list.matrix[2][2]         1.0000000000 
_pdbx_struct_oper_list.matrix[2][3]         0.0000000000 
_pdbx_struct_oper_list.vector[2]            0.0000000000 
_pdbx_struct_oper_list.matrix[3][1]         0.0000000000 
_pdbx_struct_oper_list.matrix[3][2]         0.0000000000 
_pdbx_struct_oper_list.matrix[3][3]         1.0000000000 
_pdbx_struct_oper_list.vector[3]            0.0000000000 
# 
_struct_biol.id   1 
# 
loop_
_struct_conf.conf_type_id 
_struct_conf.id 
_struct_conf.pdbx_PDB_helix_id 
_struct_conf.beg_label_comp_id 
_struct_conf.beg_label_asym_id 
_struct_conf.beg_label_seq_id 
_struct_conf.pdbx_beg_PDB_ins_code 
_struct_conf.end_label_comp_id 
_struct_conf.end_label_asym_id 
_struct_conf.end_label_seq_id 
_struct_conf.pdbx_end_PDB_ins_code 
_struct_conf.beg_auth_comp_id 
_struct_conf.beg_auth_asym_id 
_struct_conf.beg_auth_seq_id 
_struct_conf.end_auth_comp_id 
_struct_conf.end_auth_asym_id 
_struct_conf.end_auth_seq_id 
_struct_conf.pdbx_PDB_helix_class 
_struct_conf.details 
_struct_conf.pdbx_PDB_helix_length 
HELX_P HELX_P1 1 PRO A 5   ? ILE A 36  ? PRO A 5   ILE A 36  1 ? 32 
HELX_P HELX_P2 2 PRO A 37  ? LYS A 41  ? PRO A 37  LYS A 41  5 ? 5  
HELX_P HELX_P3 3 CYS A 53  ? SER A 57  ? CYS A 53  SER A 57  5 ? 5  
HELX_P HELX_P4 4 ASN A 72  ? SER A 85  ? ASN A 72  SER A 85  1 ? 14 
HELX_P HELX_P5 5 TRP A 86  ? LEU A 87  ? TRP A 86  LEU A 87  5 ? 2  
HELX_P HELX_P6 6 GLU A 88  ? ALA A 98  ? GLU A 88  ALA A 98  5 ? 11 
HELX_P HELX_P7 7 ASP A 109 ? TYR A 111 ? ASP A 109 TYR A 111 5 ? 3  
HELX_P HELX_P8 8 HIS A 112 ? GLU A 129 ? HIS A 112 GLU A 129 1 ? 18 
HELX_P HELX_P9 9 ASP A 154 ? VAL A 185 ? ASP A 154 VAL A 185 1 ? 32 
# 
_struct_conf_type.id          HELX_P 
_struct_conf_type.criteria    ? 
_struct_conf_type.reference   ? 
# 
loop_
_struct_conn.id 
_struct_conn.conn_type_id 
_struct_conn.pdbx_leaving_atom_flag 
_struct_conn.pdbx_PDB_id 
_struct_conn.ptnr1_label_asym_id 
_struct_conn.ptnr1_label_comp_id 
_struct_conn.ptnr1_label_seq_id 
_struct_conn.ptnr1_label_atom_id 
_struct_conn.pdbx_ptnr1_label_alt_id 
_struct_conn.pdbx_ptnr1_PDB_ins_code 
_struct_conn.pdbx_ptnr1_standard_comp_id 
_struct_conn.ptnr1_symmetry 
_struct_conn.ptnr2_label_asym_id 
_struct_conn.ptnr2_label_comp_id 
_struct_conn.ptnr2_label_seq_id 
_struct_conn.ptnr2_label_atom_id 
_struct_conn.pdbx_ptnr2_label_alt_id 
_struct_conn.pdbx_ptnr2_PDB_ins_code 
_struct_conn.ptnr1_auth_asym_id 
_struct_conn.ptnr1_auth_comp_id 
_struct_conn.ptnr1_auth_seq_id 
_struct_conn.ptnr2_auth_asym_id 
_struct_conn.ptnr2_auth_comp_id 
_struct_conn.ptnr2_auth_seq_id 
_struct_conn.ptnr2_symmetry 
_struct_conn.pdbx_ptnr3_label_atom_id 
_struct_conn.pdbx_ptnr3_label_seq_id 
_struct_conn.pdbx_ptnr3_label_comp_id 
_struct_conn.pdbx_ptnr3_label_asym_id 
_struct_conn.pdbx_ptnr3_label_alt_id 
_struct_conn.pdbx_ptnr3_PDB_ins_code 
_struct_conn.details 
_struct_conn.pdbx_dist_value 
_struct_conn.pdbx_value_order 
_struct_conn.pdbx_role 
disulf1 disulf ? ? A CYS 53  SG ? ? ? 1_555 A CYS 165 SG ? ? A CYS 53  A CYS 165 1_555 ? ? ? ? ? ? ? 2.042 ? ? 
disulf2 disulf ? ? A CYS 182 SG ? ? ? 1_555 A CYS 189 SG ? ? A CYS 182 A CYS 189 1_555 ? ? ? ? ? ? ? 2.054 ? ? 
# 
_struct_conn_type.id          disulf 
_struct_conn_type.criteria    ? 
_struct_conn_type.reference   ? 
# 
loop_
_pdbx_modification_feature.ordinal 
_pdbx_modification_feature.label_comp_id 
_pdbx_modification_feature.label_asym_id 
_pdbx_modification_feature.label_seq_id 
_pdbx_modification_feature.label_alt_id 
_pdbx_modification_feature.modified_residue_label_comp_id 
_pdbx_modification_feature.modified_residue_label_asym_id 
_pdbx_modification_feature.modified_residue_label_seq_id 
_pdbx_modification_feature.modified_residue_label_alt_id 
_pdbx_modification_feature.auth_comp_id 
_pdbx_modification_feature.auth_asym_id 
_pdbx_modification_feature.auth_seq_id 
_pdbx_modification_feature.PDB_ins_code 
_pdbx_modification_feature.symmetry 
_pdbx_modification_feature.modified_residue_auth_comp_id 
_pdbx_modification_feature.modified_residue_auth_asym_id 
_pdbx_modification_feature.modified_residue_auth_seq_id 
_pdbx_modification_feature.modified_residue_PDB_ins_code 
_pdbx_modification_feature.modified_residue_symmetry 
_pdbx_modification_feature.comp_id_linking_atom 
_pdbx_modification_feature.modified_residue_id_linking_atom 
_pdbx_modification_feature.modified_residue_id 
_pdbx_modification_feature.ref_pcm_id 
_pdbx_modification_feature.ref_comp_id 
_pdbx_modification_feature.type 
_pdbx_modification_feature.category 
1 CYS A 53  ? CYS A 165 ? CYS A 53  ? 1_555 CYS A 165 ? 1_555 SG SG . . . None 'Disulfide bridge' 
2 CYS A 182 ? CYS A 189 ? CYS A 182 ? 1_555 CYS A 189 ? 1_555 SG SG . . . None 'Disulfide bridge' 
# 
_pdbx_entry_details.entry_id                   1Z7C 
_pdbx_entry_details.compound_details           ? 
_pdbx_entry_details.source_details             ? 
_pdbx_entry_details.nonpolymer_details         ? 
_pdbx_entry_details.sequence_details           ? 
_pdbx_entry_details.has_ligand_of_interest     ? 
_pdbx_entry_details.has_protein_modification   Y 
# 
loop_
_pdbx_validate_close_contact.id 
_pdbx_validate_close_contact.PDB_model_num 
_pdbx_validate_close_contact.auth_atom_id_1 
_pdbx_validate_close_contact.auth_asym_id_1 
_pdbx_validate_close_contact.auth_comp_id_1 
_pdbx_validate_close_contact.auth_seq_id_1 
_pdbx_validate_close_contact.PDB_ins_code_1 
_pdbx_validate_close_contact.label_alt_id_1 
_pdbx_validate_close_contact.auth_atom_id_2 
_pdbx_validate_close_contact.auth_asym_id_2 
_pdbx_validate_close_contact.auth_comp_id_2 
_pdbx_validate_close_contact.auth_seq_id_2 
_pdbx_validate_close_contact.PDB_ins_code_2 
_pdbx_validate_close_contact.label_alt_id_2 
_pdbx_validate_close_contact.dist 
1 1 O   A SER 108 ? ? O   A ASP 109 ? ? 1.69 
2 1 O   A TRP 86  ? ? CG2 A VAL 90  ? ? 1.93 
3 1 O   A VAL 4   ? ? NH2 A ARG 127 ? ? 2.10 
4 1 OD2 A ASP 116 ? ? O   A HOH 208 ? ? 2.10 
# 
_pdbx_validate_rmsd_bond.id                        1 
_pdbx_validate_rmsd_bond.PDB_model_num             1 
_pdbx_validate_rmsd_bond.auth_atom_id_1            CD1 
_pdbx_validate_rmsd_bond.auth_asym_id_1            A 
_pdbx_validate_rmsd_bond.auth_comp_id_1            TYR 
_pdbx_validate_rmsd_bond.auth_seq_id_1             160 
_pdbx_validate_rmsd_bond.PDB_ins_code_1            ? 
_pdbx_validate_rmsd_bond.label_alt_id_1            ? 
_pdbx_validate_rmsd_bond.auth_atom_id_2            CE1 
_pdbx_validate_rmsd_bond.auth_asym_id_2            A 
_pdbx_validate_rmsd_bond.auth_comp_id_2            TYR 
_pdbx_validate_rmsd_bond.auth_seq_id_2             160 
_pdbx_validate_rmsd_bond.PDB_ins_code_2            ? 
_pdbx_validate_rmsd_bond.label_alt_id_2            ? 
_pdbx_validate_rmsd_bond.bond_value                1.483 
_pdbx_validate_rmsd_bond.bond_target_value         1.389 
_pdbx_validate_rmsd_bond.bond_deviation            0.094 
_pdbx_validate_rmsd_bond.bond_standard_deviation   0.015 
_pdbx_validate_rmsd_bond.linker_flag               N 
# 
_pdbx_validate_rmsd_angle.id                         1 
_pdbx_validate_rmsd_angle.PDB_model_num              1 
_pdbx_validate_rmsd_angle.auth_atom_id_1             N 
_pdbx_validate_rmsd_angle.auth_asym_id_1             A 
_pdbx_validate_rmsd_angle.auth_comp_id_1             ASN 
_pdbx_validate_rmsd_angle.auth_seq_id_1              99 
_pdbx_validate_rmsd_angle.PDB_ins_code_1             ? 
_pdbx_validate_rmsd_angle.label_alt_id_1             ? 
_pdbx_validate_rmsd_angle.auth_atom_id_2             CA 
_pdbx_validate_rmsd_angle.auth_asym_id_2             A 
_pdbx_validate_rmsd_angle.auth_comp_id_2             ASN 
_pdbx_validate_rmsd_angle.auth_seq_id_2              99 
_pdbx_validate_rmsd_angle.PDB_ins_code_2             ? 
_pdbx_validate_rmsd_angle.label_alt_id_2             ? 
_pdbx_validate_rmsd_angle.auth_atom_id_3             CB 
_pdbx_validate_rmsd_angle.auth_asym_id_3             A 
_pdbx_validate_rmsd_angle.auth_comp_id_3             ASN 
_pdbx_validate_rmsd_angle.auth_seq_id_3              99 
_pdbx_validate_rmsd_angle.PDB_ins_code_3             ? 
_pdbx_validate_rmsd_angle.label_alt_id_3             ? 
_pdbx_validate_rmsd_angle.angle_value                98.11 
_pdbx_validate_rmsd_angle.angle_target_value         110.60 
_pdbx_validate_rmsd_angle.angle_deviation            -12.49 
_pdbx_validate_rmsd_angle.angle_standard_deviation   1.80 
_pdbx_validate_rmsd_angle.linker_flag                N 
# 
loop_
_pdbx_validate_torsion.id 
_pdbx_validate_torsion.PDB_model_num 
_pdbx_validate_torsion.auth_comp_id 
_pdbx_validate_torsion.auth_asym_id 
_pdbx_validate_torsion.auth_seq_id 
_pdbx_validate_torsion.PDB_ins_code 
_pdbx_validate_torsion.label_alt_id 
_pdbx_validate_torsion.phi 
_pdbx_validate_torsion.psi 
1 1 LYS A 38  ? ? -29.94 -53.07  
2 1 PRO A 59  ? ? -59.69 -173.66 
3 1 SER A 108 ? ? -24.62 69.14   
4 1 ASP A 109 ? ? 16.11  163.95  
5 1 ASP A 110 ? ? -56.20 -1.35   
6 1 HIS A 112 ? ? -57.18 -0.43   
7 1 LEU A 113 ? ? -32.40 -37.22  
# 
_pdbx_validate_peptide_omega.id               1 
_pdbx_validate_peptide_omega.PDB_model_num    1 
_pdbx_validate_peptide_omega.auth_comp_id_1   SER 
_pdbx_validate_peptide_omega.auth_asym_id_1   A 
_pdbx_validate_peptide_omega.auth_seq_id_1    106 
_pdbx_validate_peptide_omega.PDB_ins_code_1   ? 
_pdbx_validate_peptide_omega.label_alt_id_1   ? 
_pdbx_validate_peptide_omega.auth_comp_id_2   ASP 
_pdbx_validate_peptide_omega.auth_asym_id_2   A 
_pdbx_validate_peptide_omega.auth_seq_id_2    107 
_pdbx_validate_peptide_omega.PDB_ins_code_2   ? 
_pdbx_validate_peptide_omega.label_alt_id_2   ? 
_pdbx_validate_peptide_omega.omega            -144.58 
# 
_pdbx_struct_special_symmetry.id              1 
_pdbx_struct_special_symmetry.PDB_model_num   1 
_pdbx_struct_special_symmetry.auth_asym_id    A 
_pdbx_struct_special_symmetry.auth_comp_id    HOH 
_pdbx_struct_special_symmetry.auth_seq_id     192 
_pdbx_struct_special_symmetry.PDB_ins_code    ? 
_pdbx_struct_special_symmetry.label_asym_id   B 
_pdbx_struct_special_symmetry.label_comp_id   HOH 
_pdbx_struct_special_symmetry.label_seq_id    . 
# 
_pdbx_refine_tls.id               1 
_pdbx_refine_tls.details          ? 
_pdbx_refine_tls.method           refined 
_pdbx_refine_tls.origin_x         0.3591 
_pdbx_refine_tls.origin_y         0.0915 
_pdbx_refine_tls.origin_z         0.0615 
_pdbx_refine_tls.T[1][1]          -0.0224 
_pdbx_refine_tls.T[2][2]          -0.0385 
_pdbx_refine_tls.T[3][3]          -0.0538 
_pdbx_refine_tls.T[1][2]          0.0131 
_pdbx_refine_tls.T[1][3]          -0.0128 
_pdbx_refine_tls.T[2][3]          0.0083 
_pdbx_refine_tls.L[1][1]          2.4486 
_pdbx_refine_tls.L[2][2]          1.3129 
_pdbx_refine_tls.L[3][3]          0.6782 
_pdbx_refine_tls.L[1][2]          0.9392 
_pdbx_refine_tls.L[1][3]          -0.6264 
_pdbx_refine_tls.L[2][3]          -0.3010 
_pdbx_refine_tls.S[1][1]          0.0607 
_pdbx_refine_tls.S[1][2]          0.1760 
_pdbx_refine_tls.S[1][3]          0.0909 
_pdbx_refine_tls.S[2][1]          0.0421 
_pdbx_refine_tls.S[2][2]          0.0018 
_pdbx_refine_tls.S[2][3]          0.1591 
_pdbx_refine_tls.S[3][1]          -0.0030 
_pdbx_refine_tls.S[3][2]          -0.0221 
_pdbx_refine_tls.S[3][3]          -0.0624 
_pdbx_refine_tls.pdbx_refine_id   'X-RAY DIFFRACTION' 
# 
_pdbx_refine_tls_group.id                  1 
_pdbx_refine_tls_group.refine_tls_id       1 
_pdbx_refine_tls_group.beg_auth_asym_id    A 
_pdbx_refine_tls_group.beg_auth_seq_id     2 
_pdbx_refine_tls_group.beg_label_asym_id   A 
_pdbx_refine_tls_group.beg_label_seq_id    2 
_pdbx_refine_tls_group.end_auth_asym_id    A 
_pdbx_refine_tls_group.end_auth_seq_id     189 
_pdbx_refine_tls_group.end_label_asym_id   A 
_pdbx_refine_tls_group.end_label_seq_id    189 
_pdbx_refine_tls_group.selection           ? 
_pdbx_refine_tls_group.pdbx_refine_id      'X-RAY DIFFRACTION' 
_pdbx_refine_tls_group.selection_details   ? 
# 
loop_
_pdbx_phasing_MAD_set_site.id 
_pdbx_phasing_MAD_set_site.atom_type_symbol 
_pdbx_phasing_MAD_set_site.occupancy 
_pdbx_phasing_MAD_set_site.fract_x 
_pdbx_phasing_MAD_set_site.fract_y 
_pdbx_phasing_MAD_set_site.fract_z 
_pdbx_phasing_MAD_set_site.b_iso 
1 Se 0.479 0.147 0.000 0.203 23.671 
2 Se 0.628 0.573 0.484 0.370 60.000 
3 Se 0.505 0.103 0.440 0.301 52.555 
4 Se 0.615 0.331 0.289 0.034 60.000 
5 Se 0.507 0.180 0.239 0.399 60.000 
# 
loop_
_pdbx_phasing_MAD_shell.d_res_low 
_pdbx_phasing_MAD_shell.d_res_high 
_pdbx_phasing_MAD_shell.reflns 
_pdbx_phasing_MAD_shell.fom 
15.00 8.55 285 0.600 
8.55  5.80 414 0.630 
5.80  4.65 503 0.590 
4.65  3.99 596 0.550 
3.99  3.55 656 0.540 
3.55  3.23 720 0.450 
3.23  2.98 772 0.400 
2.98  2.78 777 0.320 
# 
_pdbx_phasing_dm.entry_id          1Z7C 
_pdbx_phasing_dm.fom_acentric      0.710 
_pdbx_phasing_dm.fom_centric       0.680 
_pdbx_phasing_dm.fom               0.710 
_pdbx_phasing_dm.reflns_acentric   4165 
_pdbx_phasing_dm.reflns_centric    558 
_pdbx_phasing_dm.reflns            4723 
# 
loop_
_pdbx_phasing_dm_shell.d_res_high 
_pdbx_phasing_dm_shell.d_res_low 
_pdbx_phasing_dm_shell.delta_phi_final 
_pdbx_phasing_dm_shell.delta_phi_initial 
_pdbx_phasing_dm_shell.fom_acentric 
_pdbx_phasing_dm_shell.fom_centric 
_pdbx_phasing_dm_shell.fom 
_pdbx_phasing_dm_shell.reflns_acentric 
_pdbx_phasing_dm_shell.reflns_centric 
_pdbx_phasing_dm_shell.reflns 
7.700 14.943 ? ? 0.940 0.820 0.900 140  53  193  
4.800 7.700  ? ? 0.890 0.820 0.880 543  116 659  
3.900 4.800  ? ? 0.880 0.850 0.870 702  102 804  
3.400 3.900  ? ? 0.810 0.730 0.800 721  93  814  
2.900 3.400  ? ? 0.620 0.490 0.610 1289 127 1416 
2.700 2.900  ? ? 0.450 0.340 0.440 770  67  837  
# 
_phasing.method   MAD 
# 
_phasing_MAD.entry_id          1Z7C 
_phasing_MAD.pdbx_d_res_high   2.70 
_phasing_MAD.pdbx_d_res_low    15.00 
_phasing_MAD.pdbx_reflns       4723 
_phasing_MAD.pdbx_fom          0.480 
# 
_phasing_MAD_clust.id           1 
_phasing_MAD_clust.expt_id      '3 wavelength' 
_phasing_MAD_clust.number_set   ? 
# 
_phasing_MAD_expt.id         '3 wavelength' 
_phasing_MAD_expt.mean_fom   ? 
# 
loop_
_phasing_MAD_set.clust_id 
_phasing_MAD_set.expt_id 
_phasing_MAD_set.set_id 
_phasing_MAD_set.wavelength 
_phasing_MAD_set.pdbx_f_prime_refined 
_phasing_MAD_set.pdbx_f_double_prime_refined 
1 '3 wavelength' 1 0.9793 -9.90 3.50 
1 '3 wavelength' 2 0.9791 -7.60 6.00 
1 '3 wavelength' 3 0.9537 -2.90 3.60 
# 
loop_
_phasing_set.id 
_phasing_set.pdbx_d_res_high 
_phasing_set.pdbx_d_res_low 
1 . . 
2 . . 
3 . . 
# 
loop_
_pdbx_unobs_or_zero_occ_residues.id 
_pdbx_unobs_or_zero_occ_residues.PDB_model_num 
_pdbx_unobs_or_zero_occ_residues.polymer_flag 
_pdbx_unobs_or_zero_occ_residues.occupancy_flag 
_pdbx_unobs_or_zero_occ_residues.auth_asym_id 
_pdbx_unobs_or_zero_occ_residues.auth_comp_id 
_pdbx_unobs_or_zero_occ_residues.auth_seq_id 
_pdbx_unobs_or_zero_occ_residues.PDB_ins_code 
_pdbx_unobs_or_zero_occ_residues.label_asym_id 
_pdbx_unobs_or_zero_occ_residues.label_comp_id 
_pdbx_unobs_or_zero_occ_residues.label_seq_id 
1  1 Y 1 A VAL 1   ? A VAL 1   
2  1 Y 1 A HIS 46  ? A HIS 46  
3  1 Y 1 A ASP 47  ? A ASP 47  
4  1 Y 1 A SER 48  ? A SER 48  
5  1 Y 1 A GLN 49  ? A GLN 49  
6  1 Y 1 A THR 50  ? A THR 50  
7  1 Y 1 A PRO 61  ? A PRO 61  
8  1 Y 1 A SER 62  ? A SER 62  
9  1 Y 1 A ASN 63  ? A ASN 63  
10 1 Y 1 A MET 64  ? A MET 64  
11 1 Y 1 A GLU 65  ? A GLU 65  
12 1 Y 1 A GLU 66  ? A GLU 66  
13 1 Y 1 A THR 67  ? A THR 67  
14 1 Y 1 A GLN 68  ? A GLN 68  
15 1 Y 1 A GLN 69  ? A GLN 69  
16 1 Y 1 A LYS 70  ? A LYS 70  
17 1 Y 1 A ASP 130 ? A ASP 130 
18 1 Y 1 A GLY 131 ? A GLY 131 
19 1 Y 1 A SER 132 ? A SER 132 
20 1 Y 1 A ARG 133 ? A ARG 133 
21 1 Y 1 A ARG 134 ? A ARG 134 
22 1 Y 1 A THR 135 ? A THR 135 
23 1 Y 1 A GLY 136 ? A GLY 136 
24 1 Y 1 A ASN 149 ? A ASN 149 
25 1 Y 1 A SER 150 ? A SER 150 
26 1 Y 1 A HIS 151 ? A HIS 151 
27 1 Y 1 A ASN 152 ? A ASN 152 
28 1 Y 1 A HIS 153 ? A HIS 153 
29 1 Y 1 A GLY 190 ? A GLY 190 
30 1 Y 1 A PHE 191 ? A PHE 191 
# 
loop_
_chem_comp_atom.comp_id 
_chem_comp_atom.atom_id 
_chem_comp_atom.type_symbol 
_chem_comp_atom.pdbx_aromatic_flag 
_chem_comp_atom.pdbx_stereo_config 
_chem_comp_atom.pdbx_ordinal 
ALA N    N N N 1   
ALA CA   C N S 2   
ALA C    C N N 3   
ALA O    O N N 4   
ALA CB   C N N 5   
ALA OXT  O N N 6   
ALA H    H N N 7   
ALA H2   H N N 8   
ALA HA   H N N 9   
ALA HB1  H N N 10  
ALA HB2  H N N 11  
ALA HB3  H N N 12  
ALA HXT  H N N 13  
ARG N    N N N 14  
ARG CA   C N S 15  
ARG C    C N N 16  
ARG O    O N N 17  
ARG CB   C N N 18  
ARG CG   C N N 19  
ARG CD   C N N 20  
ARG NE   N N N 21  
ARG CZ   C N N 22  
ARG NH1  N N N 23  
ARG NH2  N N N 24  
ARG OXT  O N N 25  
ARG H    H N N 26  
ARG H2   H N N 27  
ARG HA   H N N 28  
ARG HB2  H N N 29  
ARG HB3  H N N 30  
ARG HG2  H N N 31  
ARG HG3  H N N 32  
ARG HD2  H N N 33  
ARG HD3  H N N 34  
ARG HE   H N N 35  
ARG HH11 H N N 36  
ARG HH12 H N N 37  
ARG HH21 H N N 38  
ARG HH22 H N N 39  
ARG HXT  H N N 40  
ASN N    N N N 41  
ASN CA   C N S 42  
ASN C    C N N 43  
ASN O    O N N 44  
ASN CB   C N N 45  
ASN CG   C N N 46  
ASN OD1  O N N 47  
ASN ND2  N N N 48  
ASN OXT  O N N 49  
ASN H    H N N 50  
ASN H2   H N N 51  
ASN HA   H N N 52  
ASN HB2  H N N 53  
ASN HB3  H N N 54  
ASN HD21 H N N 55  
ASN HD22 H N N 56  
ASN HXT  H N N 57  
ASP N    N N N 58  
ASP CA   C N S 59  
ASP C    C N N 60  
ASP O    O N N 61  
ASP CB   C N N 62  
ASP CG   C N N 63  
ASP OD1  O N N 64  
ASP OD2  O N N 65  
ASP OXT  O N N 66  
ASP H    H N N 67  
ASP H2   H N N 68  
ASP HA   H N N 69  
ASP HB2  H N N 70  
ASP HB3  H N N 71  
ASP HD2  H N N 72  
ASP HXT  H N N 73  
CYS N    N N N 74  
CYS CA   C N R 75  
CYS C    C N N 76  
CYS O    O N N 77  
CYS CB   C N N 78  
CYS SG   S N N 79  
CYS OXT  O N N 80  
CYS H    H N N 81  
CYS H2   H N N 82  
CYS HA   H N N 83  
CYS HB2  H N N 84  
CYS HB3  H N N 85  
CYS HG   H N N 86  
CYS HXT  H N N 87  
GLN N    N N N 88  
GLN CA   C N S 89  
GLN C    C N N 90  
GLN O    O N N 91  
GLN CB   C N N 92  
GLN CG   C N N 93  
GLN CD   C N N 94  
GLN OE1  O N N 95  
GLN NE2  N N N 96  
GLN OXT  O N N 97  
GLN H    H N N 98  
GLN H2   H N N 99  
GLN HA   H N N 100 
GLN HB2  H N N 101 
GLN HB3  H N N 102 
GLN HG2  H N N 103 
GLN HG3  H N N 104 
GLN HE21 H N N 105 
GLN HE22 H N N 106 
GLN HXT  H N N 107 
GLU N    N N N 108 
GLU CA   C N S 109 
GLU C    C N N 110 
GLU O    O N N 111 
GLU CB   C N N 112 
GLU CG   C N N 113 
GLU CD   C N N 114 
GLU OE1  O N N 115 
GLU OE2  O N N 116 
GLU OXT  O N N 117 
GLU H    H N N 118 
GLU H2   H N N 119 
GLU HA   H N N 120 
GLU HB2  H N N 121 
GLU HB3  H N N 122 
GLU HG2  H N N 123 
GLU HG3  H N N 124 
GLU HE2  H N N 125 
GLU HXT  H N N 126 
GLY N    N N N 127 
GLY CA   C N N 128 
GLY C    C N N 129 
GLY O    O N N 130 
GLY OXT  O N N 131 
GLY H    H N N 132 
GLY H2   H N N 133 
GLY HA2  H N N 134 
GLY HA3  H N N 135 
GLY HXT  H N N 136 
HIS N    N N N 137 
HIS CA   C N S 138 
HIS C    C N N 139 
HIS O    O N N 140 
HIS CB   C N N 141 
HIS CG   C Y N 142 
HIS ND1  N Y N 143 
HIS CD2  C Y N 144 
HIS CE1  C Y N 145 
HIS NE2  N Y N 146 
HIS OXT  O N N 147 
HIS H    H N N 148 
HIS H2   H N N 149 
HIS HA   H N N 150 
HIS HB2  H N N 151 
HIS HB3  H N N 152 
HIS HD1  H N N 153 
HIS HD2  H N N 154 
HIS HE1  H N N 155 
HIS HE2  H N N 156 
HIS HXT  H N N 157 
HOH O    O N N 158 
HOH H1   H N N 159 
HOH H2   H N N 160 
ILE N    N N N 161 
ILE CA   C N S 162 
ILE C    C N N 163 
ILE O    O N N 164 
ILE CB   C N S 165 
ILE CG1  C N N 166 
ILE CG2  C N N 167 
ILE CD1  C N N 168 
ILE OXT  O N N 169 
ILE H    H N N 170 
ILE H2   H N N 171 
ILE HA   H N N 172 
ILE HB   H N N 173 
ILE HG12 H N N 174 
ILE HG13 H N N 175 
ILE HG21 H N N 176 
ILE HG22 H N N 177 
ILE HG23 H N N 178 
ILE HD11 H N N 179 
ILE HD12 H N N 180 
ILE HD13 H N N 181 
ILE HXT  H N N 182 
LEU N    N N N 183 
LEU CA   C N S 184 
LEU C    C N N 185 
LEU O    O N N 186 
LEU CB   C N N 187 
LEU CG   C N N 188 
LEU CD1  C N N 189 
LEU CD2  C N N 190 
LEU OXT  O N N 191 
LEU H    H N N 192 
LEU H2   H N N 193 
LEU HA   H N N 194 
LEU HB2  H N N 195 
LEU HB3  H N N 196 
LEU HG   H N N 197 
LEU HD11 H N N 198 
LEU HD12 H N N 199 
LEU HD13 H N N 200 
LEU HD21 H N N 201 
LEU HD22 H N N 202 
LEU HD23 H N N 203 
LEU HXT  H N N 204 
LYS N    N N N 205 
LYS CA   C N S 206 
LYS C    C N N 207 
LYS O    O N N 208 
LYS CB   C N N 209 
LYS CG   C N N 210 
LYS CD   C N N 211 
LYS CE   C N N 212 
LYS NZ   N N N 213 
LYS OXT  O N N 214 
LYS H    H N N 215 
LYS H2   H N N 216 
LYS HA   H N N 217 
LYS HB2  H N N 218 
LYS HB3  H N N 219 
LYS HG2  H N N 220 
LYS HG3  H N N 221 
LYS HD2  H N N 222 
LYS HD3  H N N 223 
LYS HE2  H N N 224 
LYS HE3  H N N 225 
LYS HZ1  H N N 226 
LYS HZ2  H N N 227 
LYS HZ3  H N N 228 
LYS HXT  H N N 229 
MET N    N N N 230 
MET CA   C N S 231 
MET C    C N N 232 
MET O    O N N 233 
MET CB   C N N 234 
MET CG   C N N 235 
MET SD   S N N 236 
MET CE   C N N 237 
MET OXT  O N N 238 
MET H    H N N 239 
MET H2   H N N 240 
MET HA   H N N 241 
MET HB2  H N N 242 
MET HB3  H N N 243 
MET HG2  H N N 244 
MET HG3  H N N 245 
MET HE1  H N N 246 
MET HE2  H N N 247 
MET HE3  H N N 248 
MET HXT  H N N 249 
PHE N    N N N 250 
PHE CA   C N S 251 
PHE C    C N N 252 
PHE O    O N N 253 
PHE CB   C N N 254 
PHE CG   C Y N 255 
PHE CD1  C Y N 256 
PHE CD2  C Y N 257 
PHE CE1  C Y N 258 
PHE CE2  C Y N 259 
PHE CZ   C Y N 260 
PHE OXT  O N N 261 
PHE H    H N N 262 
PHE H2   H N N 263 
PHE HA   H N N 264 
PHE HB2  H N N 265 
PHE HB3  H N N 266 
PHE HD1  H N N 267 
PHE HD2  H N N 268 
PHE HE1  H N N 269 
PHE HE2  H N N 270 
PHE HZ   H N N 271 
PHE HXT  H N N 272 
PRO N    N N N 273 
PRO CA   C N S 274 
PRO C    C N N 275 
PRO O    O N N 276 
PRO CB   C N N 277 
PRO CG   C N N 278 
PRO CD   C N N 279 
PRO OXT  O N N 280 
PRO H    H N N 281 
PRO HA   H N N 282 
PRO HB2  H N N 283 
PRO HB3  H N N 284 
PRO HG2  H N N 285 
PRO HG3  H N N 286 
PRO HD2  H N N 287 
PRO HD3  H N N 288 
PRO HXT  H N N 289 
SER N    N N N 290 
SER CA   C N S 291 
SER C    C N N 292 
SER O    O N N 293 
SER CB   C N N 294 
SER OG   O N N 295 
SER OXT  O N N 296 
SER H    H N N 297 
SER H2   H N N 298 
SER HA   H N N 299 
SER HB2  H N N 300 
SER HB3  H N N 301 
SER HG   H N N 302 
SER HXT  H N N 303 
THR N    N N N 304 
THR CA   C N S 305 
THR C    C N N 306 
THR O    O N N 307 
THR CB   C N R 308 
THR OG1  O N N 309 
THR CG2  C N N 310 
THR OXT  O N N 311 
THR H    H N N 312 
THR H2   H N N 313 
THR HA   H N N 314 
THR HB   H N N 315 
THR HG1  H N N 316 
THR HG21 H N N 317 
THR HG22 H N N 318 
THR HG23 H N N 319 
THR HXT  H N N 320 
TRP N    N N N 321 
TRP CA   C N S 322 
TRP C    C N N 323 
TRP O    O N N 324 
TRP CB   C N N 325 
TRP CG   C Y N 326 
TRP CD1  C Y N 327 
TRP CD2  C Y N 328 
TRP NE1  N Y N 329 
TRP CE2  C Y N 330 
TRP CE3  C Y N 331 
TRP CZ2  C Y N 332 
TRP CZ3  C Y N 333 
TRP CH2  C Y N 334 
TRP OXT  O N N 335 
TRP H    H N N 336 
TRP H2   H N N 337 
TRP HA   H N N 338 
TRP HB2  H N N 339 
TRP HB3  H N N 340 
TRP HD1  H N N 341 
TRP HE1  H N N 342 
TRP HE3  H N N 343 
TRP HZ2  H N N 344 
TRP HZ3  H N N 345 
TRP HH2  H N N 346 
TRP HXT  H N N 347 
TYR N    N N N 348 
TYR CA   C N S 349 
TYR C    C N N 350 
TYR O    O N N 351 
TYR CB   C N N 352 
TYR CG   C Y N 353 
TYR CD1  C Y N 354 
TYR CD2  C Y N 355 
TYR CE1  C Y N 356 
TYR CE2  C Y N 357 
TYR CZ   C Y N 358 
TYR OH   O N N 359 
TYR OXT  O N N 360 
TYR H    H N N 361 
TYR H2   H N N 362 
TYR HA   H N N 363 
TYR HB2  H N N 364 
TYR HB3  H N N 365 
TYR HD1  H N N 366 
TYR HD2  H N N 367 
TYR HE1  H N N 368 
TYR HE2  H N N 369 
TYR HH   H N N 370 
TYR HXT  H N N 371 
VAL N    N N N 372 
VAL CA   C N S 373 
VAL C    C N N 374 
VAL O    O N N 375 
VAL CB   C N N 376 
VAL CG1  C N N 377 
VAL CG2  C N N 378 
VAL OXT  O N N 379 
VAL H    H N N 380 
VAL H2   H N N 381 
VAL HA   H N N 382 
VAL HB   H N N 383 
VAL HG11 H N N 384 
VAL HG12 H N N 385 
VAL HG13 H N N 386 
VAL HG21 H N N 387 
VAL HG22 H N N 388 
VAL HG23 H N N 389 
VAL HXT  H N N 390 
# 
loop_
_chem_comp_bond.comp_id 
_chem_comp_bond.atom_id_1 
_chem_comp_bond.atom_id_2 
_chem_comp_bond.value_order 
_chem_comp_bond.pdbx_aromatic_flag 
_chem_comp_bond.pdbx_stereo_config 
_chem_comp_bond.pdbx_ordinal 
ALA N   CA   sing N N 1   
ALA N   H    sing N N 2   
ALA N   H2   sing N N 3   
ALA CA  C    sing N N 4   
ALA CA  CB   sing N N 5   
ALA CA  HA   sing N N 6   
ALA C   O    doub N N 7   
ALA C   OXT  sing N N 8   
ALA CB  HB1  sing N N 9   
ALA CB  HB2  sing N N 10  
ALA CB  HB3  sing N N 11  
ALA OXT HXT  sing N N 12  
ARG N   CA   sing N N 13  
ARG N   H    sing N N 14  
ARG N   H2   sing N N 15  
ARG CA  C    sing N N 16  
ARG CA  CB   sing N N 17  
ARG CA  HA   sing N N 18  
ARG C   O    doub N N 19  
ARG C   OXT  sing N N 20  
ARG CB  CG   sing N N 21  
ARG CB  HB2  sing N N 22  
ARG CB  HB3  sing N N 23  
ARG CG  CD   sing N N 24  
ARG CG  HG2  sing N N 25  
ARG CG  HG3  sing N N 26  
ARG CD  NE   sing N N 27  
ARG CD  HD2  sing N N 28  
ARG CD  HD3  sing N N 29  
ARG NE  CZ   sing N N 30  
ARG NE  HE   sing N N 31  
ARG CZ  NH1  sing N N 32  
ARG CZ  NH2  doub N N 33  
ARG NH1 HH11 sing N N 34  
ARG NH1 HH12 sing N N 35  
ARG NH2 HH21 sing N N 36  
ARG NH2 HH22 sing N N 37  
ARG OXT HXT  sing N N 38  
ASN N   CA   sing N N 39  
ASN N   H    sing N N 40  
ASN N   H2   sing N N 41  
ASN CA  C    sing N N 42  
ASN CA  CB   sing N N 43  
ASN CA  HA   sing N N 44  
ASN C   O    doub N N 45  
ASN C   OXT  sing N N 46  
ASN CB  CG   sing N N 47  
ASN CB  HB2  sing N N 48  
ASN CB  HB3  sing N N 49  
ASN CG  OD1  doub N N 50  
ASN CG  ND2  sing N N 51  
ASN ND2 HD21 sing N N 52  
ASN ND2 HD22 sing N N 53  
ASN OXT HXT  sing N N 54  
ASP N   CA   sing N N 55  
ASP N   H    sing N N 56  
ASP N   H2   sing N N 57  
ASP CA  C    sing N N 58  
ASP CA  CB   sing N N 59  
ASP CA  HA   sing N N 60  
ASP C   O    doub N N 61  
ASP C   OXT  sing N N 62  
ASP CB  CG   sing N N 63  
ASP CB  HB2  sing N N 64  
ASP CB  HB3  sing N N 65  
ASP CG  OD1  doub N N 66  
ASP CG  OD2  sing N N 67  
ASP OD2 HD2  sing N N 68  
ASP OXT HXT  sing N N 69  
CYS N   CA   sing N N 70  
CYS N   H    sing N N 71  
CYS N   H2   sing N N 72  
CYS CA  C    sing N N 73  
CYS CA  CB   sing N N 74  
CYS CA  HA   sing N N 75  
CYS C   O    doub N N 76  
CYS C   OXT  sing N N 77  
CYS CB  SG   sing N N 78  
CYS CB  HB2  sing N N 79  
CYS CB  HB3  sing N N 80  
CYS SG  HG   sing N N 81  
CYS OXT HXT  sing N N 82  
GLN N   CA   sing N N 83  
GLN N   H    sing N N 84  
GLN N   H2   sing N N 85  
GLN CA  C    sing N N 86  
GLN CA  CB   sing N N 87  
GLN CA  HA   sing N N 88  
GLN C   O    doub N N 89  
GLN C   OXT  sing N N 90  
GLN CB  CG   sing N N 91  
GLN CB  HB2  sing N N 92  
GLN CB  HB3  sing N N 93  
GLN CG  CD   sing N N 94  
GLN CG  HG2  sing N N 95  
GLN CG  HG3  sing N N 96  
GLN CD  OE1  doub N N 97  
GLN CD  NE2  sing N N 98  
GLN NE2 HE21 sing N N 99  
GLN NE2 HE22 sing N N 100 
GLN OXT HXT  sing N N 101 
GLU N   CA   sing N N 102 
GLU N   H    sing N N 103 
GLU N   H2   sing N N 104 
GLU CA  C    sing N N 105 
GLU CA  CB   sing N N 106 
GLU CA  HA   sing N N 107 
GLU C   O    doub N N 108 
GLU C   OXT  sing N N 109 
GLU CB  CG   sing N N 110 
GLU CB  HB2  sing N N 111 
GLU CB  HB3  sing N N 112 
GLU CG  CD   sing N N 113 
GLU CG  HG2  sing N N 114 
GLU CG  HG3  sing N N 115 
GLU CD  OE1  doub N N 116 
GLU CD  OE2  sing N N 117 
GLU OE2 HE2  sing N N 118 
GLU OXT HXT  sing N N 119 
GLY N   CA   sing N N 120 
GLY N   H    sing N N 121 
GLY N   H2   sing N N 122 
GLY CA  C    sing N N 123 
GLY CA  HA2  sing N N 124 
GLY CA  HA3  sing N N 125 
GLY C   O    doub N N 126 
GLY C   OXT  sing N N 127 
GLY OXT HXT  sing N N 128 
HIS N   CA   sing N N 129 
HIS N   H    sing N N 130 
HIS N   H2   sing N N 131 
HIS CA  C    sing N N 132 
HIS CA  CB   sing N N 133 
HIS CA  HA   sing N N 134 
HIS C   O    doub N N 135 
HIS C   OXT  sing N N 136 
HIS CB  CG   sing N N 137 
HIS CB  HB2  sing N N 138 
HIS CB  HB3  sing N N 139 
HIS CG  ND1  sing Y N 140 
HIS CG  CD2  doub Y N 141 
HIS ND1 CE1  doub Y N 142 
HIS ND1 HD1  sing N N 143 
HIS CD2 NE2  sing Y N 144 
HIS CD2 HD2  sing N N 145 
HIS CE1 NE2  sing Y N 146 
HIS CE1 HE1  sing N N 147 
HIS NE2 HE2  sing N N 148 
HIS OXT HXT  sing N N 149 
HOH O   H1   sing N N 150 
HOH O   H2   sing N N 151 
ILE N   CA   sing N N 152 
ILE N   H    sing N N 153 
ILE N   H2   sing N N 154 
ILE CA  C    sing N N 155 
ILE CA  CB   sing N N 156 
ILE CA  HA   sing N N 157 
ILE C   O    doub N N 158 
ILE C   OXT  sing N N 159 
ILE CB  CG1  sing N N 160 
ILE CB  CG2  sing N N 161 
ILE CB  HB   sing N N 162 
ILE CG1 CD1  sing N N 163 
ILE CG1 HG12 sing N N 164 
ILE CG1 HG13 sing N N 165 
ILE CG2 HG21 sing N N 166 
ILE CG2 HG22 sing N N 167 
ILE CG2 HG23 sing N N 168 
ILE CD1 HD11 sing N N 169 
ILE CD1 HD12 sing N N 170 
ILE CD1 HD13 sing N N 171 
ILE OXT HXT  sing N N 172 
LEU N   CA   sing N N 173 
LEU N   H    sing N N 174 
LEU N   H2   sing N N 175 
LEU CA  C    sing N N 176 
LEU CA  CB   sing N N 177 
LEU CA  HA   sing N N 178 
LEU C   O    doub N N 179 
LEU C   OXT  sing N N 180 
LEU CB  CG   sing N N 181 
LEU CB  HB2  sing N N 182 
LEU CB  HB3  sing N N 183 
LEU CG  CD1  sing N N 184 
LEU CG  CD2  sing N N 185 
LEU CG  HG   sing N N 186 
LEU CD1 HD11 sing N N 187 
LEU CD1 HD12 sing N N 188 
LEU CD1 HD13 sing N N 189 
LEU CD2 HD21 sing N N 190 
LEU CD2 HD22 sing N N 191 
LEU CD2 HD23 sing N N 192 
LEU OXT HXT  sing N N 193 
LYS N   CA   sing N N 194 
LYS N   H    sing N N 195 
LYS N   H2   sing N N 196 
LYS CA  C    sing N N 197 
LYS CA  CB   sing N N 198 
LYS CA  HA   sing N N 199 
LYS C   O    doub N N 200 
LYS C   OXT  sing N N 201 
LYS CB  CG   sing N N 202 
LYS CB  HB2  sing N N 203 
LYS CB  HB3  sing N N 204 
LYS CG  CD   sing N N 205 
LYS CG  HG2  sing N N 206 
LYS CG  HG3  sing N N 207 
LYS CD  CE   sing N N 208 
LYS CD  HD2  sing N N 209 
LYS CD  HD3  sing N N 210 
LYS CE  NZ   sing N N 211 
LYS CE  HE2  sing N N 212 
LYS CE  HE3  sing N N 213 
LYS NZ  HZ1  sing N N 214 
LYS NZ  HZ2  sing N N 215 
LYS NZ  HZ3  sing N N 216 
LYS OXT HXT  sing N N 217 
MET N   CA   sing N N 218 
MET N   H    sing N N 219 
MET N   H2   sing N N 220 
MET CA  C    sing N N 221 
MET CA  CB   sing N N 222 
MET CA  HA   sing N N 223 
MET C   O    doub N N 224 
MET C   OXT  sing N N 225 
MET CB  CG   sing N N 226 
MET CB  HB2  sing N N 227 
MET CB  HB3  sing N N 228 
MET CG  SD   sing N N 229 
MET CG  HG2  sing N N 230 
MET CG  HG3  sing N N 231 
MET SD  CE   sing N N 232 
MET CE  HE1  sing N N 233 
MET CE  HE2  sing N N 234 
MET CE  HE3  sing N N 235 
MET OXT HXT  sing N N 236 
PHE N   CA   sing N N 237 
PHE N   H    sing N N 238 
PHE N   H2   sing N N 239 
PHE CA  C    sing N N 240 
PHE CA  CB   sing N N 241 
PHE CA  HA   sing N N 242 
PHE C   O    doub N N 243 
PHE C   OXT  sing N N 244 
PHE CB  CG   sing N N 245 
PHE CB  HB2  sing N N 246 
PHE CB  HB3  sing N N 247 
PHE CG  CD1  doub Y N 248 
PHE CG  CD2  sing Y N 249 
PHE CD1 CE1  sing Y N 250 
PHE CD1 HD1  sing N N 251 
PHE CD2 CE2  doub Y N 252 
PHE CD2 HD2  sing N N 253 
PHE CE1 CZ   doub Y N 254 
PHE CE1 HE1  sing N N 255 
PHE CE2 CZ   sing Y N 256 
PHE CE2 HE2  sing N N 257 
PHE CZ  HZ   sing N N 258 
PHE OXT HXT  sing N N 259 
PRO N   CA   sing N N 260 
PRO N   CD   sing N N 261 
PRO N   H    sing N N 262 
PRO CA  C    sing N N 263 
PRO CA  CB   sing N N 264 
PRO CA  HA   sing N N 265 
PRO C   O    doub N N 266 
PRO C   OXT  sing N N 267 
PRO CB  CG   sing N N 268 
PRO CB  HB2  sing N N 269 
PRO CB  HB3  sing N N 270 
PRO CG  CD   sing N N 271 
PRO CG  HG2  sing N N 272 
PRO CG  HG3  sing N N 273 
PRO CD  HD2  sing N N 274 
PRO CD  HD3  sing N N 275 
PRO OXT HXT  sing N N 276 
SER N   CA   sing N N 277 
SER N   H    sing N N 278 
SER N   H2   sing N N 279 
SER CA  C    sing N N 280 
SER CA  CB   sing N N 281 
SER CA  HA   sing N N 282 
SER C   O    doub N N 283 
SER C   OXT  sing N N 284 
SER CB  OG   sing N N 285 
SER CB  HB2  sing N N 286 
SER CB  HB3  sing N N 287 
SER OG  HG   sing N N 288 
SER OXT HXT  sing N N 289 
THR N   CA   sing N N 290 
THR N   H    sing N N 291 
THR N   H2   sing N N 292 
THR CA  C    sing N N 293 
THR CA  CB   sing N N 294 
THR CA  HA   sing N N 295 
THR C   O    doub N N 296 
THR C   OXT  sing N N 297 
THR CB  OG1  sing N N 298 
THR CB  CG2  sing N N 299 
THR CB  HB   sing N N 300 
THR OG1 HG1  sing N N 301 
THR CG2 HG21 sing N N 302 
THR CG2 HG22 sing N N 303 
THR CG2 HG23 sing N N 304 
THR OXT HXT  sing N N 305 
TRP N   CA   sing N N 306 
TRP N   H    sing N N 307 
TRP N   H2   sing N N 308 
TRP CA  C    sing N N 309 
TRP CA  CB   sing N N 310 
TRP CA  HA   sing N N 311 
TRP C   O    doub N N 312 
TRP C   OXT  sing N N 313 
TRP CB  CG   sing N N 314 
TRP CB  HB2  sing N N 315 
TRP CB  HB3  sing N N 316 
TRP CG  CD1  doub Y N 317 
TRP CG  CD2  sing Y N 318 
TRP CD1 NE1  sing Y N 319 
TRP CD1 HD1  sing N N 320 
TRP CD2 CE2  doub Y N 321 
TRP CD2 CE3  sing Y N 322 
TRP NE1 CE2  sing Y N 323 
TRP NE1 HE1  sing N N 324 
TRP CE2 CZ2  sing Y N 325 
TRP CE3 CZ3  doub Y N 326 
TRP CE3 HE3  sing N N 327 
TRP CZ2 CH2  doub Y N 328 
TRP CZ2 HZ2  sing N N 329 
TRP CZ3 CH2  sing Y N 330 
TRP CZ3 HZ3  sing N N 331 
TRP CH2 HH2  sing N N 332 
TRP OXT HXT  sing N N 333 
TYR N   CA   sing N N 334 
TYR N   H    sing N N 335 
TYR N   H2   sing N N 336 
TYR CA  C    sing N N 337 
TYR CA  CB   sing N N 338 
TYR CA  HA   sing N N 339 
TYR C   O    doub N N 340 
TYR C   OXT  sing N N 341 
TYR CB  CG   sing N N 342 
TYR CB  HB2  sing N N 343 
TYR CB  HB3  sing N N 344 
TYR CG  CD1  doub Y N 345 
TYR CG  CD2  sing Y N 346 
TYR CD1 CE1  sing Y N 347 
TYR CD1 HD1  sing N N 348 
TYR CD2 CE2  doub Y N 349 
TYR CD2 HD2  sing N N 350 
TYR CE1 CZ   doub Y N 351 
TYR CE1 HE1  sing N N 352 
TYR CE2 CZ   sing Y N 353 
TYR CE2 HE2  sing N N 354 
TYR CZ  OH   sing N N 355 
TYR OH  HH   sing N N 356 
TYR OXT HXT  sing N N 357 
VAL N   CA   sing N N 358 
VAL N   H    sing N N 359 
VAL N   H2   sing N N 360 
VAL CA  C    sing N N 361 
VAL CA  CB   sing N N 362 
VAL CA  HA   sing N N 363 
VAL C   O    doub N N 364 
VAL C   OXT  sing N N 365 
VAL CB  CG1  sing N N 366 
VAL CB  CG2  sing N N 367 
VAL CB  HB   sing N N 368 
VAL CG1 HG11 sing N N 369 
VAL CG1 HG12 sing N N 370 
VAL CG1 HG13 sing N N 371 
VAL CG2 HG21 sing N N 372 
VAL CG2 HG22 sing N N 373 
VAL CG2 HG23 sing N N 374 
VAL OXT HXT  sing N N 375 
# 
_atom_sites.entry_id                    1Z7C 
_atom_sites.fract_transf_matrix[1][1]   0.00454396 
_atom_sites.fract_transf_matrix[1][2]   -0.00823132 
_atom_sites.fract_transf_matrix[1][3]   -0.00075424 
_atom_sites.fract_transf_matrix[2][1]   -0.00222386 
_atom_sites.fract_transf_matrix[2][2]   -0.00424541 
_atom_sites.fract_transf_matrix[2][3]   0.03293411 
_atom_sites.fract_transf_matrix[3][1]   -0.01244140 
_atom_sites.fract_transf_matrix[3][2]   -0.01586511 
_atom_sites.fract_transf_matrix[3][3]   -0.00288521 
_atom_sites.fract_transf_vector[1]      0.142411 
_atom_sites.fract_transf_vector[2]      0.002629 
_atom_sites.fract_transf_vector[3]      0.182642 
# 
loop_
_atom_type.symbol 
C 
N 
O 
S 
# 
loop_
_atom_site.group_PDB 
_atom_site.id 
_atom_site.type_symbol 
_atom_site.label_atom_id 
_atom_site.label_alt_id 
_atom_site.label_comp_id 
_atom_site.label_asym_id 
_atom_site.label_entity_id 
_atom_site.label_seq_id 
_atom_site.pdbx_PDB_ins_code 
_atom_site.Cartn_x 
_atom_site.Cartn_y 
_atom_site.Cartn_z 
_atom_site.occupancy 
_atom_site.B_iso_or_equiv 
_atom_site.pdbx_formal_charge 
_atom_site.auth_seq_id 
_atom_site.auth_comp_id 
_atom_site.auth_asym_id 
_atom_site.auth_atom_id 
_atom_site.pdbx_PDB_model_num 
ATOM   1    N N   . GLN A 1 2   ? -21.524 -21.941 -9.150  1.00 34.22 ? 2   GLN A N   1 
ATOM   2    C CA  . GLN A 1 2   ? -20.947 -21.556 -7.831  1.00 33.80 ? 2   GLN A CA  1 
ATOM   3    C C   . GLN A 1 2   ? -20.775 -20.009 -7.825  1.00 34.56 ? 2   GLN A C   1 
ATOM   4    O O   . GLN A 1 2   ? -20.610 -19.383 -8.881  1.00 35.63 ? 2   GLN A O   1 
ATOM   5    C CB  . GLN A 1 2   ? -19.640 -22.339 -7.629  1.00 33.99 ? 2   GLN A CB  1 
ATOM   6    C CG  . GLN A 1 2   ? -18.907 -22.275 -6.283  1.00 31.21 ? 2   GLN A CG  1 
ATOM   7    C CD  . GLN A 1 2   ? -19.593 -23.107 -5.168  1.00 33.56 ? 2   GLN A CD  1 
ATOM   8    O OE1 . GLN A 1 2   ? -20.291 -22.554 -4.292  1.00 34.81 ? 2   GLN A OE1 1 
ATOM   9    N NE2 . GLN A 1 2   ? -19.364 -24.424 -5.178  1.00 21.75 ? 2   GLN A NE2 1 
ATOM   10   N N   . THR A 1 3   ? -20.925 -19.422 -6.640  1.00 33.61 ? 3   THR A N   1 
ATOM   11   C CA  . THR A 1 3   ? -20.791 -17.996 -6.324  1.00 32.36 ? 3   THR A CA  1 
ATOM   12   C C   . THR A 1 3   ? -19.707 -18.009 -5.232  1.00 31.32 ? 3   THR A C   1 
ATOM   13   O O   . THR A 1 3   ? -19.656 -18.926 -4.425  1.00 32.01 ? 3   THR A O   1 
ATOM   14   C CB  . THR A 1 3   ? -22.157 -17.460 -5.700  1.00 32.60 ? 3   THR A CB  1 
ATOM   15   O OG1 . THR A 1 3   ? -23.222 -17.597 -6.644  1.00 28.54 ? 3   THR A OG1 1 
ATOM   16   C CG2 . THR A 1 3   ? -22.096 -15.996 -5.241  1.00 34.26 ? 3   THR A CG2 1 
ATOM   17   N N   . VAL A 1 4   ? -18.820 -17.020 -5.215  1.00 30.43 ? 4   VAL A N   1 
ATOM   18   C CA  . VAL A 1 4   ? -17.645 -17.054 -4.343  1.00 28.40 ? 4   VAL A CA  1 
ATOM   19   C C   . VAL A 1 4   ? -18.039 -16.682 -2.879  1.00 27.55 ? 4   VAL A C   1 
ATOM   20   O O   . VAL A 1 4   ? -18.649 -15.617 -2.653  1.00 25.94 ? 4   VAL A O   1 
ATOM   21   C CB  . VAL A 1 4   ? -16.584 -16.133 -4.907  1.00 28.64 ? 4   VAL A CB  1 
ATOM   22   C CG1 . VAL A 1 4   ? -15.443 -15.945 -3.905  1.00 28.25 ? 4   VAL A CG1 1 
ATOM   23   C CG2 . VAL A 1 4   ? -16.097 -16.677 -6.286  1.00 30.62 ? 4   VAL A CG2 1 
ATOM   24   N N   . PRO A 1 5   ? -17.781 -17.579 -1.908  1.00 25.56 ? 5   PRO A N   1 
ATOM   25   C CA  . PRO A 1 5   ? -18.146 -17.209 -0.562  1.00 25.97 ? 5   PRO A CA  1 
ATOM   26   C C   . PRO A 1 5   ? -17.362 -15.962 -0.122  1.00 27.34 ? 5   PRO A C   1 
ATOM   27   O O   . PRO A 1 5   ? -16.226 -15.727 -0.603  1.00 23.87 ? 5   PRO A O   1 
ATOM   28   C CB  . PRO A 1 5   ? -17.745 -18.419 0.282   1.00 27.13 ? 5   PRO A CB  1 
ATOM   29   C CG  . PRO A 1 5   ? -17.641 -19.554 -0.687  1.00 26.25 ? 5   PRO A CG  1 
ATOM   30   C CD  . PRO A 1 5   ? -17.209 -18.936 -1.980  1.00 26.48 ? 5   PRO A CD  1 
ATOM   31   N N   . LEU A 1 6   ? -17.987 -15.195 0.780   1.00 28.28 ? 6   LEU A N   1 
ATOM   32   C CA  . LEU A 1 6   ? -17.387 -13.998 1.338   1.00 29.67 ? 6   LEU A CA  1 
ATOM   33   C C   . LEU A 1 6   ? -16.006 -14.262 1.937   1.00 30.80 ? 6   LEU A C   1 
ATOM   34   O O   . LEU A 1 6   ? -15.107 -13.421 1.816   1.00 32.59 ? 6   LEU A O   1 
ATOM   35   C CB  . LEU A 1 6   ? -18.301 -13.332 2.367   1.00 30.15 ? 6   LEU A CB  1 
ATOM   36   C CG  . LEU A 1 6   ? -17.834 -11.953 2.855   1.00 30.14 ? 6   LEU A CG  1 
ATOM   37   C CD1 . LEU A 1 6   ? -17.928 -10.902 1.679   1.00 32.37 ? 6   LEU A CD1 1 
ATOM   38   C CD2 . LEU A 1 6   ? -18.664 -11.507 3.988   1.00 28.44 ? 6   LEU A CD2 1 
ATOM   39   N N   . SER A 1 7   ? -15.850 -15.420 2.566   1.00 31.64 ? 7   SER A N   1 
ATOM   40   C CA  . SER A 1 7   ? -14.605 -15.845 3.208   1.00 31.02 ? 7   SER A CA  1 
ATOM   41   C C   . SER A 1 7   ? -13.466 -15.988 2.216   1.00 31.23 ? 7   SER A C   1 
ATOM   42   O O   . SER A 1 7   ? -12.359 -15.550 2.476   1.00 32.10 ? 7   SER A O   1 
ATOM   43   C CB  . SER A 1 7   ? -14.824 -17.141 3.999   1.00 32.21 ? 7   SER A CB  1 
ATOM   44   O OG  . SER A 1 7   ? -15.463 -18.170 3.218   1.00 32.52 ? 7   SER A OG  1 
ATOM   45   N N   . ARG A 1 8   ? -13.729 -16.601 1.070   1.00 30.17 ? 8   ARG A N   1 
ATOM   46   C CA  . ARG A 1 8   ? -12.723 -16.733 0.024   1.00 31.20 ? 8   ARG A CA  1 
ATOM   47   C C   . ARG A 1 8   ? -12.265 -15.347 -0.460  1.00 30.81 ? 8   ARG A C   1 
ATOM   48   O O   . ARG A 1 8   ? -11.075 -15.147 -0.780  1.00 30.63 ? 8   ARG A O   1 
ATOM   49   C CB  . ARG A 1 8   ? -13.271 -17.522 -1.196  1.00 30.17 ? 8   ARG A CB  1 
ATOM   50   C CG  . ARG A 1 8   ? -12.164 -18.089 -2.088  1.00 33.26 ? 8   ARG A CG  1 
ATOM   51   C CD  . ARG A 1 8   ? -12.698 -18.879 -3.292  1.00 33.26 ? 8   ARG A CD  1 
ATOM   52   N NE  . ARG A 1 8   ? -13.738 -19.874 -2.947  1.00 36.47 ? 8   ARG A NE  1 
ATOM   53   C CZ  . ARG A 1 8   ? -14.805 -20.130 -3.708  1.00 41.38 ? 8   ARG A CZ  1 
ATOM   54   N NH1 . ARG A 1 8   ? -14.997 -19.398 -4.815  1.00 40.52 ? 8   ARG A NH1 1 
ATOM   55   N NH2 . ARG A 1 8   ? -15.699 -21.082 -3.354  1.00 37.32 ? 8   ARG A NH2 1 
ATOM   56   N N   . LEU A 1 9   ? -13.246 -14.459 -0.584  1.00 29.78 ? 9   LEU A N   1 
ATOM   57   C CA  . LEU A 1 9   ? -13.076 -13.081 -0.984  1.00 29.94 ? 9   LEU A CA  1 
ATOM   58   C C   . LEU A 1 9   ? -12.198 -12.331 0.023   1.00 28.95 ? 9   LEU A C   1 
ATOM   59   O O   . LEU A 1 9   ? -11.225 -11.688 -0.393  1.00 28.46 ? 9   LEU A O   1 
ATOM   60   C CB  . LEU A 1 9   ? -14.455 -12.443 -1.068  1.00 30.75 ? 9   LEU A CB  1 
ATOM   61   C CG  . LEU A 1 9   ? -15.069 -11.989 -2.426  1.00 32.62 ? 9   LEU A CG  1 
ATOM   62   C CD1 . LEU A 1 9   ? -14.815 -12.808 -3.676  1.00 28.25 ? 9   LEU A CD1 1 
ATOM   63   C CD2 . LEU A 1 9   ? -16.580 -11.583 -2.290  1.00 29.35 ? 9   LEU A CD2 1 
ATOM   64   N N   . PHE A 1 10  ? -12.508 -12.454 1.316   1.00 27.55 ? 10  PHE A N   1 
ATOM   65   C CA  . PHE A 1 10  ? -11.629 -11.914 2.344   1.00 31.12 ? 10  PHE A CA  1 
ATOM   66   C C   . PHE A 1 10  ? -10.255 -12.576 2.328   1.00 31.65 ? 10  PHE A C   1 
ATOM   67   O O   . PHE A 1 10  ? -9.241  -11.868 2.404   1.00 31.68 ? 10  PHE A O   1 
ATOM   68   C CB  . PHE A 1 10  ? -12.266 -11.919 3.725   1.00 29.56 ? 10  PHE A CB  1 
ATOM   69   C CG  . PHE A 1 10  ? -13.161 -10.765 3.952   1.00 32.60 ? 10  PHE A CG  1 
ATOM   70   C CD1 . PHE A 1 10  ? -12.637 -9.447  4.030   1.00 32.19 ? 10  PHE A CD1 1 
ATOM   71   C CD2 . PHE A 1 10  ? -14.525 -10.963 4.104   1.00 31.20 ? 10  PHE A CD2 1 
ATOM   72   C CE1 . PHE A 1 10  ? -13.488 -8.361  4.255   1.00 30.75 ? 10  PHE A CE1 1 
ATOM   73   C CE2 . PHE A 1 10  ? -15.351 -9.905  4.325   1.00 32.19 ? 10  PHE A CE2 1 
ATOM   74   C CZ  . PHE A 1 10  ? -14.820 -8.593  4.379   1.00 28.64 ? 10  PHE A CZ  1 
ATOM   75   N N   . ASP A 1 11  ? -10.219 -13.900 2.196   1.00 32.47 ? 11  ASP A N   1 
ATOM   76   C CA  . ASP A 1 11  ? -8.923  -14.632 2.156   1.00 31.97 ? 11  ASP A CA  1 
ATOM   77   C C   . ASP A 1 11  ? -8.029  -14.146 1.003   1.00 32.44 ? 11  ASP A C   1 
ATOM   78   O O   . ASP A 1 11  ? -6.848  -13.933 1.212   1.00 32.18 ? 11  ASP A O   1 
ATOM   79   C CB  . ASP A 1 11  ? -9.144  -16.147 2.064   1.00 32.13 ? 11  ASP A CB  1 
ATOM   80   C CG  . ASP A 1 11  ? -9.624  -16.778 3.397   1.00 32.76 ? 11  ASP A CG  1 
ATOM   81   O OD1 . ASP A 1 11  ? -9.571  -16.174 4.479   1.00 32.97 ? 11  ASP A OD1 1 
ATOM   82   O OD2 . ASP A 1 11  ? -10.104 -17.913 3.372   1.00 36.77 ? 11  ASP A OD2 1 
ATOM   83   N N   . HIS A 1 12  ? -8.595  -13.952 -0.188  1.00 32.22 ? 12  HIS A N   1 
ATOM   84   C CA  . HIS A 1 12  ? -7.864  -13.403 -1.339  1.00 32.16 ? 12  HIS A CA  1 
ATOM   85   C C   . HIS A 1 12  ? -7.339  -11.996 -1.056  1.00 32.47 ? 12  HIS A C   1 
ATOM   86   O O   . HIS A 1 12  ? -6.144  -11.723 -1.348  1.00 31.46 ? 12  HIS A O   1 
ATOM   87   C CB  . HIS A 1 12  ? -8.664  -13.392 -2.663  1.00 33.14 ? 12  HIS A CB  1 
ATOM   88   C CG  . HIS A 1 12  ? -7.827  -13.017 -3.859  1.00 38.74 ? 12  HIS A CG  1 
ATOM   89   N ND1 . HIS A 1 12  ? -6.800  -13.813 -4.333  1.00 44.55 ? 12  HIS A ND1 1 
ATOM   90   C CD2 . HIS A 1 12  ? -7.836  -11.913 -4.649  1.00 41.72 ? 12  HIS A CD2 1 
ATOM   91   C CE1 . HIS A 1 12  ? -6.233  -13.230 -5.376  1.00 44.77 ? 12  HIS A CE1 1 
ATOM   92   N NE2 . HIS A 1 12  ? -6.844  -12.076 -5.587  1.00 44.01 ? 12  HIS A NE2 1 
ATOM   93   N N   . ALA A 1 13  ? -8.211  -11.142 -0.497  1.00 29.64 ? 13  ALA A N   1 
ATOM   94   C CA  . ALA A 1 13  ? -7.865  -9.754  -0.287  1.00 31.03 ? 13  ALA A CA  1 
ATOM   95   C C   . ALA A 1 13  ? -6.759  -9.608  0.785   1.00 29.92 ? 13  ALA A C   1 
ATOM   96   O O   . ALA A 1 13  ? -5.824  -8.862  0.586   1.00 32.03 ? 13  ALA A O   1 
ATOM   97   C CB  . ALA A 1 13  ? -9.148  -8.898  0.037   1.00 29.32 ? 13  ALA A CB  1 
ATOM   98   N N   . MET A 1 14  ? -6.855  -10.370 1.867   1.00 30.96 ? 14  MET A N   1 
ATOM   99   C CA  . MET A 1 14  ? -5.880  -10.449 2.948   1.00 31.16 ? 14  MET A CA  1 
ATOM   100  C C   . MET A 1 14  ? -4.494  -10.975 2.528   1.00 31.88 ? 14  MET A C   1 
ATOM   101  O O   . MET A 1 14  ? -3.447  -10.497 3.006   1.00 29.72 ? 14  MET A O   1 
ATOM   102  C CB  . MET A 1 14  ? -6.432  -11.332 4.047   1.00 33.15 ? 14  MET A CB  1 
ATOM   103  C CG  . MET A 1 14  ? -7.493  -10.696 4.911   1.00 35.87 ? 14  MET A CG  1 
ATOM   104  S SD  . MET A 1 14  ? -6.944  -9.094  5.572   1.00 46.85 ? 14  MET A SD  1 
ATOM   105  C CE  . MET A 1 14  ? -5.572  -9.547  6.652   1.00 45.78 ? 14  MET A CE  1 
ATOM   106  N N   . LEU A 1 15  ? -4.477  -11.978 1.652   1.00 30.95 ? 15  LEU A N   1 
ATOM   107  C CA  . LEU A 1 15  ? -3.229  -12.409 1.075   1.00 31.61 ? 15  LEU A CA  1 
ATOM   108  C C   . LEU A 1 15  ? -2.611  -11.348 0.197   1.00 29.48 ? 15  LEU A C   1 
ATOM   109  O O   . LEU A 1 15  ? -1.384  -11.175 0.219   1.00 28.45 ? 15  LEU A O   1 
ATOM   110  C CB  . LEU A 1 15  ? -3.404  -13.763 0.294   1.00 32.57 ? 15  LEU A CB  1 
ATOM   111  C CG  . LEU A 1 15  ? -2.131  -14.561 0.026   1.00 35.84 ? 15  LEU A CG  1 
ATOM   112  C CD1 . LEU A 1 15  ? -1.278  -14.723 1.309   1.00 40.05 ? 15  LEU A CD1 1 
ATOM   113  C CD2 . LEU A 1 15  ? -2.491  -15.977 -0.509  1.00 36.45 ? 15  LEU A CD2 1 
ATOM   114  N N   . GLN A 1 16  ? -3.401  -10.682 -0.643  1.00 27.48 ? 16  GLN A N   1 
ATOM   115  C CA  . GLN A 1 16  ? -2.824  -9.621  -1.462  1.00 27.60 ? 16  GLN A CA  1 
ATOM   116  C C   . GLN A 1 16  ? -2.442  -8.391  -0.633  1.00 27.22 ? 16  GLN A C   1 
ATOM   117  O O   . GLN A 1 16  ? -1.407  -7.815  -0.912  1.00 26.47 ? 16  GLN A O   1 
ATOM   118  C CB  . GLN A 1 16  ? -3.759  -9.189  -2.573  1.00 29.04 ? 16  GLN A CB  1 
ATOM   119  C CG  . GLN A 1 16  ? -4.259  -10.365 -3.451  1.00 34.41 ? 16  GLN A CG  1 
ATOM   120  C CD  . GLN A 1 16  ? -3.241  -10.960 -4.497  1.00 41.49 ? 16  GLN A CD  1 
ATOM   121  O OE1 . GLN A 1 16  ? -2.107  -11.321 -4.157  1.00 48.74 ? 16  GLN A OE1 1 
ATOM   122  N NE2 . GLN A 1 16  ? -3.715  -11.154 -5.757  1.00 46.87 ? 16  GLN A NE2 1 
ATOM   123  N N   . ALA A 1 17  ? -3.241  -7.988  0.358   1.00 26.16 ? 17  ALA A N   1 
ATOM   124  C CA  . ALA A 1 17  ? -2.767  -6.936  1.362   1.00 25.41 ? 17  ALA A CA  1 
ATOM   125  C C   . ALA A 1 17  ? -1.442  -7.293  2.104   1.00 25.10 ? 17  ALA A C   1 
ATOM   126  O O   . ALA A 1 17  ? -0.572  -6.465  2.226   1.00 23.67 ? 17  ALA A O   1 
ATOM   127  C CB  . ALA A 1 17  ? -3.846  -6.638  2.418   1.00 25.32 ? 17  ALA A CB  1 
ATOM   128  N N   . HIS A 1 18  ? -1.367  -8.496  2.661   1.00 25.17 ? 18  HIS A N   1 
ATOM   129  C CA  . HIS A 1 18  ? -0.129  -9.059  3.211   1.00 26.07 ? 18  HIS A CA  1 
ATOM   130  C C   . HIS A 1 18  ? 1.050   -8.972  2.251   1.00 25.39 ? 18  HIS A C   1 
ATOM   131  O O   . HIS A 1 18  ? 2.160   -8.535  2.603   1.00 27.83 ? 18  HIS A O   1 
ATOM   132  C CB  . HIS A 1 18  ? -0.333  -10.505 3.649   1.00 25.10 ? 18  HIS A CB  1 
ATOM   133  C CG  . HIS A 1 18  ? 0.830   -11.023 4.444   1.00 29.45 ? 18  HIS A CG  1 
ATOM   134  N ND1 . HIS A 1 18  ? 1.174   -10.507 5.678   1.00 33.98 ? 18  HIS A ND1 1 
ATOM   135  C CD2 . HIS A 1 18  ? 1.824   -11.875 4.109   1.00 33.48 ? 18  HIS A CD2 1 
ATOM   136  C CE1 . HIS A 1 18  ? 2.279   -11.092 6.111   1.00 33.20 ? 18  HIS A CE1 1 
ATOM   137  N NE2 . HIS A 1 18  ? 2.702   -11.914 5.172   1.00 37.90 ? 18  HIS A NE2 1 
ATOM   138  N N   . ARG A 1 19  ? 0.829   -9.370  1.018   1.00 24.19 ? 19  ARG A N   1 
ATOM   139  C CA  . ARG A 1 19  ? 1.833   -9.229  0.011   1.00 24.21 ? 19  ARG A CA  1 
ATOM   140  C C   . ARG A 1 19  ? 2.218   -7.772  -0.347  1.00 23.40 ? 19  ARG A C   1 
ATOM   141  O O   . ARG A 1 19  ? 3.393   -7.490  -0.509  1.00 24.40 ? 19  ARG A O   1 
ATOM   142  C CB  . ARG A 1 19  ? 1.325   -9.964  -1.219  1.00 25.63 ? 19  ARG A CB  1 
ATOM   143  C CG  . ARG A 1 19  ? 2.014   -9.493  -2.443  1.00 32.35 ? 19  ARG A CG  1 
ATOM   144  C CD  . ARG A 1 19  ? 2.284   -10.628 -3.385  1.00 42.08 ? 19  ARG A CD  1 
ATOM   145  N NE  . ARG A 1 19  ? 1.082   -11.432 -3.628  1.00 48.06 ? 19  ARG A NE  1 
ATOM   146  C CZ  . ARG A 1 19  ? 1.024   -12.411 -4.510  1.00 49.56 ? 19  ARG A CZ  1 
ATOM   147  N NH1 . ARG A 1 19  ? 2.116   -12.709 -5.228  1.00 48.40 ? 19  ARG A NH1 1 
ATOM   148  N NH2 . ARG A 1 19  ? -0.119  -13.082 -4.658  1.00 49.29 ? 19  ARG A NH2 1 
ATOM   149  N N   . ALA A 1 20  ? 1.250   -6.854  -0.495  1.00 20.10 ? 20  ALA A N   1 
ATOM   150  C CA  . ALA A 1 20  ? 1.554   -5.424  -0.694  1.00 20.66 ? 20  ALA A CA  1 
ATOM   151  C C   . ALA A 1 20  ? 2.323   -4.846  0.515   1.00 20.19 ? 20  ALA A C   1 
ATOM   152  O O   . ALA A 1 20  ? 3.271   -4.036  0.375   1.00 21.18 ? 20  ALA A O   1 
ATOM   153  C CB  . ALA A 1 20  ? 0.233   -4.661  -0.889  1.00 21.38 ? 20  ALA A CB  1 
ATOM   154  N N   . HIS A 1 21  ? 1.904   -5.230  1.704   1.00 18.69 ? 21  HIS A N   1 
ATOM   155  C CA  . HIS A 1 21  ? 2.558   -4.794  2.890   1.00 20.86 ? 21  HIS A CA  1 
ATOM   156  C C   . HIS A 1 21  ? 4.031   -5.300  2.974   1.00 21.16 ? 21  HIS A C   1 
ATOM   157  O O   . HIS A 1 21  ? 4.952   -4.518  3.378   1.00 18.60 ? 21  HIS A O   1 
ATOM   158  C CB  . HIS A 1 21  ? 1.803   -5.297  4.137   1.00 19.72 ? 21  HIS A CB  1 
ATOM   159  C CG  . HIS A 1 21  ? 2.341   -4.717  5.407   1.00 21.48 ? 21  HIS A CG  1 
ATOM   160  N ND1 . HIS A 1 21  ? 1.853   -5.076  6.649   1.00 21.84 ? 21  HIS A ND1 1 
ATOM   161  C CD2 . HIS A 1 21  ? 3.337   -3.830  5.637   1.00 19.74 ? 21  HIS A CD2 1 
ATOM   162  C CE1 . HIS A 1 21  ? 2.527   -4.424  7.591   1.00 23.51 ? 21  HIS A CE1 1 
ATOM   163  N NE2 . HIS A 1 21  ? 3.444   -3.684  7.006   1.00 22.53 ? 21  HIS A NE2 1 
ATOM   164  N N   . GLN A 1 22  ? 4.239   -6.589  2.635   1.00 21.17 ? 22  GLN A N   1 
ATOM   165  C CA  . GLN A 1 22  ? 5.627   -7.143  2.538   1.00 22.30 ? 22  GLN A CA  1 
ATOM   166  C C   . GLN A 1 22  ? 6.522   -6.444  1.479   1.00 21.46 ? 22  GLN A C   1 
ATOM   167  O O   . GLN A 1 22  ? 7.717   -6.167  1.692   1.00 21.74 ? 22  GLN A O   1 
ATOM   168  C CB  . GLN A 1 22  ? 5.562   -8.648  2.278   1.00 23.07 ? 22  GLN A CB  1 
ATOM   169  C CG  . GLN A 1 22  ? 6.856   -9.379  2.723   1.00 26.02 ? 22  GLN A CG  1 
ATOM   170  C CD  . GLN A 1 22  ? 7.168   -9.164  4.182   1.00 30.53 ? 22  GLN A CD  1 
ATOM   171  O OE1 . GLN A 1 22  ? 6.283   -9.382  5.050   1.00 28.71 ? 22  GLN A OE1 1 
ATOM   172  N NE2 . GLN A 1 22  ? 8.445   -8.696  4.482   1.00 27.65 ? 22  GLN A NE2 1 
ATOM   173  N N   . LEU A 1 23  ? 5.953   -6.216  0.322   1.00 21.70 ? 23  LEU A N   1 
ATOM   174  C CA  . LEU A 1 23  ? 6.583   -5.426  -0.717  1.00 22.38 ? 23  LEU A CA  1 
ATOM   175  C C   . LEU A 1 23  ? 7.101   -4.066  -0.177  1.00 21.21 ? 23  LEU A C   1 
ATOM   176  O O   . LEU A 1 23  ? 8.298   -3.682  -0.417  1.00 20.23 ? 23  LEU A O   1 
ATOM   177  C CB  . LEU A 1 23  ? 5.538   -5.207  -1.860  1.00 22.68 ? 23  LEU A CB  1 
ATOM   178  C CG  . LEU A 1 23  ? 5.900   -4.259  -3.016  1.00 21.65 ? 23  LEU A CG  1 
ATOM   179  C CD1 . LEU A 1 23  ? 7.103   -4.852  -3.825  1.00 28.62 ? 23  LEU A CD1 1 
ATOM   180  C CD2 . LEU A 1 23  ? 4.809   -4.066  -4.000  1.00 25.97 ? 23  LEU A CD2 1 
ATOM   181  N N   . ALA A 1 24  ? 6.204   -3.335  0.520   1.00 18.03 ? 24  ALA A N   1 
ATOM   182  C CA  . ALA A 1 24  ? 6.538   -2.047  1.188   1.00 20.37 ? 24  ALA A CA  1 
ATOM   183  C C   . ALA A 1 24  ? 7.646   -2.256  2.190   1.00 19.57 ? 24  ALA A C   1 
ATOM   184  O O   . ALA A 1 24  ? 8.632   -1.480  2.226   1.00 18.17 ? 24  ALA A O   1 
ATOM   185  C CB  . ALA A 1 24  ? 5.330   -1.438  1.849   1.00 17.08 ? 24  ALA A CB  1 
ATOM   186  N N   . ILE A 1 25  ? 7.524   -3.289  3.047   1.00 21.29 ? 25  ILE A N   1 
ATOM   187  C CA  . ILE A 1 25  ? 8.566   -3.495  4.110   1.00 22.38 ? 25  ILE A CA  1 
ATOM   188  C C   . ILE A 1 25  ? 9.989   -3.788  3.447   1.00 21.39 ? 25  ILE A C   1 
ATOM   189  O O   . ILE A 1 25  ? 11.036  -3.185  3.821   1.00 19.48 ? 25  ILE A O   1 
ATOM   190  C CB  . ILE A 1 25  ? 8.149   -4.724  5.035   1.00 21.48 ? 25  ILE A CB  1 
ATOM   191  C CG1 . ILE A 1 25  ? 7.012   -4.349  6.025   1.00 23.91 ? 25  ILE A CG1 1 
ATOM   192  C CG2 . ILE A 1 25  ? 9.292   -5.265  5.702   1.00 23.61 ? 25  ILE A CG2 1 
ATOM   193  C CD1 . ILE A 1 25  ? 6.350   -5.588  6.733   1.00 24.29 ? 25  ILE A CD1 1 
ATOM   194  N N   . ASP A 1 26  ? 9.980   -4.704  2.478   1.00 23.04 ? 26  ASP A N   1 
ATOM   195  C CA  . ASP A 1 26  ? 11.170  -5.196  1.743   1.00 24.14 ? 26  ASP A CA  1 
ATOM   196  C C   . ASP A 1 26  ? 11.802  -4.084  0.976   1.00 23.39 ? 26  ASP A C   1 
ATOM   197  O O   . ASP A 1 26  ? 13.011  -3.948  0.970   1.00 24.54 ? 26  ASP A O   1 
ATOM   198  C CB  . ASP A 1 26  ? 10.823  -6.297  0.704   1.00 23.99 ? 26  ASP A CB  1 
ATOM   199  C CG  . ASP A 1 26  ? 10.505  -7.647  1.370   1.00 23.03 ? 26  ASP A CG  1 
ATOM   200  O OD1 . ASP A 1 26  ? 10.662  -7.762  2.584   1.00 24.19 ? 26  ASP A OD1 1 
ATOM   201  O OD2 . ASP A 1 26  ? 10.030  -8.557  0.720   1.00 23.66 ? 26  ASP A OD2 1 
ATOM   202  N N   . THR A 1 27  ? 10.995  -3.319  0.259   1.00 21.74 ? 27  THR A N   1 
ATOM   203  C CA  . THR A 1 27  ? 11.532  -2.178  -0.480  1.00 20.73 ? 27  THR A CA  1 
ATOM   204  C C   . THR A 1 27  ? 12.190  -1.104  0.467   1.00 19.96 ? 27  THR A C   1 
ATOM   205  O O   . THR A 1 27  ? 13.288  -0.634  0.188   1.00 19.70 ? 27  THR A O   1 
ATOM   206  C CB  . THR A 1 27  ? 10.458  -1.527  -1.324  1.00 17.71 ? 27  THR A CB  1 
ATOM   207  O OG1 . THR A 1 27  ? 9.831   -2.548  -2.084  1.00 22.66 ? 27  THR A OG1 1 
ATOM   208  C CG2 . THR A 1 27  ? 11.137  -0.540  -2.354  1.00 20.31 ? 27  THR A CG2 1 
ATOM   209  N N   . TYR A 1 28  ? 11.479  -0.720  1.537   1.00 17.88 ? 28  TYR A N   1 
ATOM   210  C CA  . TYR A 1 28  ? 12.000  0.260   2.512   1.00 20.12 ? 28  TYR A CA  1 
ATOM   211  C C   . TYR A 1 28  ? 13.368  -0.239  3.056   1.00 19.32 ? 28  TYR A C   1 
ATOM   212  O O   . TYR A 1 28  ? 14.372  0.532   3.105   1.00 19.66 ? 28  TYR A O   1 
ATOM   213  C CB  . TYR A 1 28  ? 11.033  0.431   3.693   1.00 20.03 ? 28  TYR A CB  1 
ATOM   214  C CG  . TYR A 1 28  ? 11.566  1.320   4.819   1.00 21.13 ? 28  TYR A CG  1 
ATOM   215  C CD1 . TYR A 1 28  ? 11.241  2.665   4.833   1.00 20.46 ? 28  TYR A CD1 1 
ATOM   216  C CD2 . TYR A 1 28  ? 12.382  0.789   5.857   1.00 18.28 ? 28  TYR A CD2 1 
ATOM   217  C CE1 . TYR A 1 28  ? 11.750  3.530   5.798   1.00 20.84 ? 28  TYR A CE1 1 
ATOM   218  C CE2 . TYR A 1 28  ? 12.915  1.624   6.853   1.00 20.72 ? 28  TYR A CE2 1 
ATOM   219  C CZ  . TYR A 1 28  ? 12.545  3.021   6.827   1.00 25.00 ? 28  TYR A CZ  1 
ATOM   220  O OH  . TYR A 1 28  ? 13.022  3.939   7.769   1.00 24.00 ? 28  TYR A OH  1 
ATOM   221  N N   . GLN A 1 29  ? 13.400  -1.497  3.486   1.00 19.86 ? 29  GLN A N   1 
ATOM   222  C CA  . GLN A 1 29  ? 14.618  -2.067  4.092   1.00 21.25 ? 29  GLN A CA  1 
ATOM   223  C C   . GLN A 1 29  ? 15.780  -2.060  3.119   1.00 20.27 ? 29  GLN A C   1 
ATOM   224  O O   . GLN A 1 29  ? 16.907  -1.798  3.505   1.00 23.47 ? 29  GLN A O   1 
ATOM   225  C CB  . GLN A 1 29  ? 14.387  -3.522  4.482   1.00 21.97 ? 29  GLN A CB  1 
ATOM   226  C CG  . GLN A 1 29  ? 13.438  -3.655  5.524   1.00 26.38 ? 29  GLN A CG  1 
ATOM   227  C CD  . GLN A 1 29  ? 13.407  -5.015  6.179   1.00 34.70 ? 29  GLN A CD  1 
ATOM   228  O OE1 . GLN A 1 29  ? 13.159  -5.109  7.409   1.00 35.57 ? 29  GLN A OE1 1 
ATOM   229  N NE2 . GLN A 1 29  ? 13.494  -6.074  5.366   1.00 33.54 ? 29  GLN A NE2 1 
ATOM   230  N N   . GLU A 1 30  ? 15.517  -2.489  1.895   1.00 20.05 ? 30  GLU A N   1 
ATOM   231  C CA  . GLU A 1 30  ? 16.514  -2.574  0.889   1.00 19.76 ? 30  GLU A CA  1 
ATOM   232  C C   . GLU A 1 30  ? 17.055  -1.186  0.556   1.00 19.95 ? 30  GLU A C   1 
ATOM   233  O O   . GLU A 1 30  ? 18.231  -1.014  0.346   1.00 18.71 ? 30  GLU A O   1 
ATOM   234  C CB  . GLU A 1 30  ? 15.947  -3.234  -0.358  1.00 21.98 ? 30  GLU A CB  1 
ATOM   235  C CG  . GLU A 1 30  ? 16.967  -3.241  -1.442  1.00 25.27 ? 30  GLU A CG  1 
ATOM   236  C CD  . GLU A 1 30  ? 16.576  -4.043  -2.639  1.00 32.68 ? 30  GLU A CD  1 
ATOM   237  O OE1 . GLU A 1 30  ? 15.440  -4.613  -2.679  1.00 34.31 ? 30  GLU A OE1 1 
ATOM   238  O OE2 . GLU A 1 30  ? 17.475  -4.143  -3.514  1.00 31.96 ? 30  GLU A OE2 1 
ATOM   239  N N   . PHE A 1 31  ? 16.174  -0.190  0.466   1.00 19.98 ? 31  PHE A N   1 
ATOM   240  C CA  . PHE A 1 31  ? 16.568  1.194   0.284   1.00 19.46 ? 31  PHE A CA  1 
ATOM   241  C C   . PHE A 1 31  ? 17.416  1.684   1.409   1.00 21.04 ? 31  PHE A C   1 
ATOM   242  O O   . PHE A 1 31  ? 18.561  2.144   1.183   1.00 20.51 ? 31  PHE A O   1 
ATOM   243  C CB  . PHE A 1 31  ? 15.339  2.077   0.045   1.00 19.19 ? 31  PHE A CB  1 
ATOM   244  C CG  . PHE A 1 31  ? 15.642  3.547   -0.107  1.00 22.40 ? 31  PHE A CG  1 
ATOM   245  C CD1 . PHE A 1 31  ? 15.801  4.098   -1.374  1.00 23.37 ? 31  PHE A CD1 1 
ATOM   246  C CD2 . PHE A 1 31  ? 15.704  4.376   1.017   1.00 20.39 ? 31  PHE A CD2 1 
ATOM   247  C CE1 . PHE A 1 31  ? 16.084  5.460   -1.545  1.00 27.16 ? 31  PHE A CE1 1 
ATOM   248  C CE2 . PHE A 1 31  ? 15.941  5.721   0.878   1.00 28.20 ? 31  PHE A CE2 1 
ATOM   249  C CZ  . PHE A 1 31  ? 16.115  6.296   -0.445  1.00 26.24 ? 31  PHE A CZ  1 
ATOM   250  N N   . GLU A 1 32  ? 16.899  1.541   2.636   1.00 22.03 ? 32  GLU A N   1 
ATOM   251  C CA  . GLU A 1 32  ? 17.637  2.009   3.796   1.00 23.53 ? 32  GLU A CA  1 
ATOM   252  C C   . GLU A 1 32  ? 19.026  1.428   3.856   1.00 24.43 ? 32  GLU A C   1 
ATOM   253  O O   . GLU A 1 32  ? 19.999  2.176   4.102   1.00 28.12 ? 32  GLU A O   1 
ATOM   254  C CB  . GLU A 1 32  ? 16.895  1.584   5.065   1.00 22.37 ? 32  GLU A CB  1 
ATOM   255  C CG  . GLU A 1 32  ? 17.280  2.446   6.240   1.00 27.90 ? 32  GLU A CG  1 
ATOM   256  C CD  . GLU A 1 32  ? 16.404  2.213   7.356   1.00 21.71 ? 32  GLU A CD  1 
ATOM   257  O OE1 . GLU A 1 32  ? 16.393  1.036   7.732   1.00 23.43 ? 32  GLU A OE1 1 
ATOM   258  O OE2 . GLU A 1 32  ? 15.614  3.134   7.727   1.00 20.81 ? 32  GLU A OE2 1 
ATOM   259  N N   . GLU A 1 33  ? 19.164  0.117   3.635   1.00 24.39 ? 33  GLU A N   1 
ATOM   260  C CA  . GLU A 1 33  ? 20.447  -0.504  3.786   1.00 24.83 ? 33  GLU A CA  1 
ATOM   261  C C   . GLU A 1 33  ? 21.399  -0.018  2.694   1.00 25.63 ? 33  GLU A C   1 
ATOM   262  O O   . GLU A 1 33  ? 22.619  0.143   2.901   1.00 24.55 ? 33  GLU A O   1 
ATOM   263  C CB  . GLU A 1 33  ? 20.337  -2.046  3.759   1.00 24.65 ? 33  GLU A CB  1 
ATOM   264  C CG  . GLU A 1 33  ? 19.584  -2.663  4.965   1.00 22.02 ? 33  GLU A CG  1 
ATOM   265  C CD  . GLU A 1 33  ? 20.269  -2.387  6.253   1.00 25.85 ? 33  GLU A CD  1 
ATOM   266  O OE1 . GLU A 1 33  ? 21.508  -2.133  6.260   1.00 21.84 ? 33  GLU A OE1 1 
ATOM   267  O OE2 . GLU A 1 33  ? 19.586  -2.426  7.283   1.00 21.98 ? 33  GLU A OE2 1 
ATOM   268  N N   . THR A 1 34  ? 20.877  0.121   1.497   1.00 25.67 ? 34  THR A N   1 
ATOM   269  C CA  . THR A 1 34  ? 21.699  0.508   0.357   1.00 27.51 ? 34  THR A CA  1 
ATOM   270  C C   . THR A 1 34  ? 22.094  1.987   0.352   1.00 27.92 ? 34  THR A C   1 
ATOM   271  O O   . THR A 1 34  ? 23.249  2.356   0.059   1.00 28.97 ? 34  THR A O   1 
ATOM   272  C CB  . THR A 1 34  ? 20.947  0.100   -0.948  1.00 27.07 ? 34  THR A CB  1 
ATOM   273  O OG1 . THR A 1 34  ? 20.616  -1.280  -0.828  1.00 29.50 ? 34  THR A OG1 1 
ATOM   274  C CG2 . THR A 1 34  ? 21.864  0.233   -2.173  1.00 29.79 ? 34  THR A CG2 1 
ATOM   275  N N   . TYR A 1 35  ? 21.180  2.855   0.741   1.00 28.33 ? 35  TYR A N   1 
ATOM   276  C CA  . TYR A 1 35  ? 21.369  4.261   0.499   1.00 27.03 ? 35  TYR A CA  1 
ATOM   277  C C   . TYR A 1 35  ? 21.419  5.157   1.679   1.00 28.03 ? 35  TYR A C   1 
ATOM   278  O O   . TYR A 1 35  ? 21.896  6.290   1.549   1.00 29.11 ? 35  TYR A O   1 
ATOM   279  C CB  . TYR A 1 35  ? 20.261  4.759   -0.411  1.00 26.30 ? 35  TYR A CB  1 
ATOM   280  C CG  . TYR A 1 35  ? 20.390  4.196   -1.790  1.00 26.50 ? 35  TYR A CG  1 
ATOM   281  C CD1 . TYR A 1 35  ? 19.490  3.246   -2.255  1.00 30.49 ? 35  TYR A CD1 1 
ATOM   282  C CD2 . TYR A 1 35  ? 21.386  4.621   -2.638  1.00 22.08 ? 35  TYR A CD2 1 
ATOM   283  C CE1 . TYR A 1 35  ? 19.628  2.680   -3.503  1.00 25.80 ? 35  TYR A CE1 1 
ATOM   284  C CE2 . TYR A 1 35  ? 21.477  4.119   -4.005  1.00 28.37 ? 35  TYR A CE2 1 
ATOM   285  C CZ  . TYR A 1 35  ? 20.578  3.134   -4.387  1.00 29.51 ? 35  TYR A CZ  1 
ATOM   286  O OH  . TYR A 1 35  ? 20.616  2.563   -5.650  1.00 35.18 ? 35  TYR A OH  1 
ATOM   287  N N   . ILE A 1 36  ? 20.931  4.694   2.812   1.00 27.01 ? 36  ILE A N   1 
ATOM   288  C CA  . ILE A 1 36  ? 20.905  5.551   3.993   1.00 26.66 ? 36  ILE A CA  1 
ATOM   289  C C   . ILE A 1 36  ? 21.982  5.135   4.968   1.00 26.62 ? 36  ILE A C   1 
ATOM   290  O O   . ILE A 1 36  ? 21.876  4.079   5.605   1.00 26.26 ? 36  ILE A O   1 
ATOM   291  C CB  . ILE A 1 36  ? 19.464  5.612   4.686   1.00 26.79 ? 36  ILE A CB  1 
ATOM   292  C CG1 . ILE A 1 36  ? 18.360  5.918   3.623   1.00 21.70 ? 36  ILE A CG1 1 
ATOM   293  C CG2 . ILE A 1 36  ? 19.435  6.708   5.803   1.00 26.39 ? 36  ILE A CG2 1 
ATOM   294  C CD1 . ILE A 1 36  ? 18.521  7.391   2.999   1.00 20.15 ? 36  ILE A CD1 1 
ATOM   295  N N   . PRO A 1 37  ? 23.053  5.954   5.058   1.00 26.37 ? 37  PRO A N   1 
ATOM   296  C CA  . PRO A 1 37  ? 24.062  5.873   6.121   1.00 27.30 ? 37  PRO A CA  1 
ATOM   297  C C   . PRO A 1 37  ? 23.479  6.031   7.522   1.00 28.36 ? 37  PRO A C   1 
ATOM   298  O O   . PRO A 1 37  ? 22.445  6.675   7.717   1.00 28.52 ? 37  PRO A O   1 
ATOM   299  C CB  . PRO A 1 37  ? 25.056  7.038   5.799   1.00 26.85 ? 37  PRO A CB  1 
ATOM   300  C CG  . PRO A 1 37  ? 24.355  7.927   4.768   1.00 27.07 ? 37  PRO A CG  1 
ATOM   301  C CD  . PRO A 1 37  ? 23.362  7.002   4.042   1.00 25.56 ? 37  PRO A CD  1 
ATOM   302  N N   . LYS A 1 38  ? 24.159  5.396   8.468   1.00 30.22 ? 38  LYS A N   1 
ATOM   303  C CA  . LYS A 1 38  ? 23.934  5.511   9.940   1.00 33.20 ? 38  LYS A CA  1 
ATOM   304  C C   . LYS A 1 38  ? 23.393  6.869   10.405  1.00 33.82 ? 38  LYS A C   1 
ATOM   305  O O   . LYS A 1 38  ? 22.389  6.931   11.143  1.00 33.96 ? 38  LYS A O   1 
ATOM   306  C CB  . LYS A 1 38  ? 25.274  5.325   10.640  1.00 33.63 ? 38  LYS A CB  1 
ATOM   307  C CG  . LYS A 1 38  ? 25.266  4.513   11.914  1.00 38.03 ? 38  LYS A CG  1 
ATOM   308  C CD  . LYS A 1 38  ? 26.654  3.793   12.046  1.00 43.55 ? 38  LYS A CD  1 
ATOM   309  C CE  . LYS A 1 38  ? 27.605  4.415   13.062  1.00 45.40 ? 38  LYS A CE  1 
ATOM   310  N NZ  . LYS A 1 38  ? 27.258  3.790   14.397  1.00 49.82 ? 38  LYS A NZ  1 
ATOM   311  N N   . ASP A 1 39  ? 24.099  7.930   10.002  1.00 34.41 ? 39  ASP A N   1 
ATOM   312  C CA  . ASP A 1 39  ? 23.874  9.314   10.495  1.00 35.75 ? 39  ASP A CA  1 
ATOM   313  C C   . ASP A 1 39  ? 22.595  9.873   9.907   1.00 35.41 ? 39  ASP A C   1 
ATOM   314  O O   . ASP A 1 39  ? 22.093  10.865  10.402  1.00 35.58 ? 39  ASP A O   1 
ATOM   315  C CB  . ASP A 1 39  ? 25.013  10.271  10.124  1.00 33.87 ? 39  ASP A CB  1 
ATOM   316  C CG  . ASP A 1 39  ? 25.530  10.057  8.706   1.00 36.11 ? 39  ASP A CG  1 
ATOM   317  O OD1 . ASP A 1 39  ? 26.162  9.019   8.442   1.00 41.84 ? 39  ASP A OD1 1 
ATOM   318  O OD2 . ASP A 1 39  ? 25.376  10.949  7.842   1.00 32.46 ? 39  ASP A OD2 1 
ATOM   319  N N   . GLN A 1 40  ? 22.107  9.278   8.824   1.00 34.47 ? 40  GLN A N   1 
ATOM   320  C CA  . GLN A 1 40  ? 20.867  9.763   8.273   1.00 34.93 ? 40  GLN A CA  1 
ATOM   321  C C   . GLN A 1 40  ? 19.651  8.817   8.514   1.00 33.91 ? 40  GLN A C   1 
ATOM   322  O O   . GLN A 1 40  ? 18.550  9.075   8.005   1.00 33.03 ? 40  GLN A O   1 
ATOM   323  C CB  . GLN A 1 40  ? 21.044  10.113  6.797   1.00 34.63 ? 40  GLN A CB  1 
ATOM   324  C CG  . GLN A 1 40  ? 22.165  11.157  6.551   1.00 39.59 ? 40  GLN A CG  1 
ATOM   325  C CD  . GLN A 1 40  ? 22.294  11.527  5.097   1.00 41.88 ? 40  GLN A CD  1 
ATOM   326  O OE1 . GLN A 1 40  ? 22.818  10.759  4.295   1.00 46.81 ? 40  GLN A OE1 1 
ATOM   327  N NE2 . GLN A 1 40  ? 21.829  12.714  4.746   1.00 45.20 ? 40  GLN A NE2 1 
ATOM   328  N N   . LYS A 1 41  ? 19.837  7.738   9.262   1.00 33.41 ? 41  LYS A N   1 
ATOM   329  C CA  . LYS A 1 41  ? 18.712  6.845   9.451   1.00 35.89 ? 41  LYS A CA  1 
ATOM   330  C C   . LYS A 1 41  ? 17.539  7.582   10.102  1.00 37.10 ? 41  LYS A C   1 
ATOM   331  O O   . LYS A 1 41  ? 17.717  8.342   11.047  1.00 36.63 ? 41  LYS A O   1 
ATOM   332  C CB  . LYS A 1 41  ? 19.080  5.569   10.180  1.00 35.66 ? 41  LYS A CB  1 
ATOM   333  C CG  . LYS A 1 41  ? 19.045  4.373   9.313   1.00 39.48 ? 41  LYS A CG  1 
ATOM   334  C CD  . LYS A 1 41  ? 18.479  3.181   10.053  1.00 45.36 ? 41  LYS A CD  1 
ATOM   335  C CE  . LYS A 1 41  ? 18.978  3.063   11.474  1.00 48.28 ? 41  LYS A CE  1 
ATOM   336  N NZ  . LYS A 1 41  ? 18.537  1.759   12.098  1.00 53.01 ? 41  LYS A NZ  1 
ATOM   337  N N   . TYR A 1 42  ? 16.358  7.406   9.503   1.00 38.26 ? 42  TYR A N   1 
ATOM   338  C CA  . TYR A 1 42  ? 15.091  8.009   9.977   1.00 39.20 ? 42  TYR A CA  1 
ATOM   339  C C   . TYR A 1 42  ? 15.009  9.504   9.897   1.00 39.94 ? 42  TYR A C   1 
ATOM   340  O O   . TYR A 1 42  ? 14.161  10.093  10.526  1.00 38.86 ? 42  TYR A O   1 
ATOM   341  C CB  . TYR A 1 42  ? 14.725  7.549   11.388  1.00 38.20 ? 42  TYR A CB  1 
ATOM   342  C CG  . TYR A 1 42  ? 14.832  6.052   11.560  1.00 39.55 ? 42  TYR A CG  1 
ATOM   343  C CD1 . TYR A 1 42  ? 14.147  5.174   10.711  1.00 37.68 ? 42  TYR A CD1 1 
ATOM   344  C CD2 . TYR A 1 42  ? 15.633  5.510   12.599  1.00 39.02 ? 42  TYR A CD2 1 
ATOM   345  C CE1 . TYR A 1 42  ? 14.267  3.793   10.877  1.00 39.80 ? 42  TYR A CE1 1 
ATOM   346  C CE2 . TYR A 1 42  ? 15.757  4.135   12.778  1.00 41.07 ? 42  TYR A CE2 1 
ATOM   347  C CZ  . TYR A 1 42  ? 15.068  3.273   11.941  1.00 40.38 ? 42  TYR A CZ  1 
ATOM   348  O OH  . TYR A 1 42  ? 15.196  1.885   12.171  1.00 39.61 ? 42  TYR A OH  1 
ATOM   349  N N   . SER A 1 43  ? 15.874  10.098  9.085   1.00 41.88 ? 43  SER A N   1 
ATOM   350  C CA  . SER A 1 43  ? 15.961  11.543  8.954   1.00 44.10 ? 43  SER A CA  1 
ATOM   351  C C   . SER A 1 43  ? 14.580  12.135  8.622   1.00 45.65 ? 43  SER A C   1 
ATOM   352  O O   . SER A 1 43  ? 14.201  13.218  9.151   1.00 46.24 ? 43  SER A O   1 
ATOM   353  C CB  . SER A 1 43  ? 17.053  11.952  7.921   1.00 43.69 ? 43  SER A CB  1 
ATOM   354  O OG  . SER A 1 43  ? 16.975  11.181  6.711   1.00 45.32 ? 43  SER A OG  1 
ATOM   355  N N   . PHE A 1 44  ? 13.820  11.405  7.795   1.00 46.66 ? 44  PHE A N   1 
ATOM   356  C CA  . PHE A 1 44  ? 12.443  11.805  7.443   1.00 47.44 ? 44  PHE A CA  1 
ATOM   357  C C   . PHE A 1 44  ? 11.647  12.050  8.728   1.00 48.38 ? 44  PHE A C   1 
ATOM   358  O O   . PHE A 1 44  ? 10.620  12.722  8.686   1.00 49.43 ? 44  PHE A O   1 
ATOM   359  C CB  . PHE A 1 44  ? 11.751  10.758  6.515   1.00 47.38 ? 44  PHE A CB  1 
ATOM   360  C CG  . PHE A 1 44  ? 11.600  9.399   7.135   1.00 45.17 ? 44  PHE A CG  1 
ATOM   361  C CD1 . PHE A 1 44  ? 10.629  9.171   8.109   1.00 45.78 ? 44  PHE A CD1 1 
ATOM   362  C CD2 . PHE A 1 44  ? 12.438  8.358   6.772   1.00 42.27 ? 44  PHE A CD2 1 
ATOM   363  C CE1 . PHE A 1 44  ? 10.526  7.934   8.742   1.00 43.90 ? 44  PHE A CE1 1 
ATOM   364  C CE2 . PHE A 1 44  ? 12.330  7.103   7.376   1.00 40.84 ? 44  PHE A CE2 1 
ATOM   365  C CZ  . PHE A 1 44  ? 11.383  6.880   8.346   1.00 44.36 ? 44  PHE A CZ  1 
ATOM   366  N N   . LEU A 1 45  ? 12.148  11.462  9.831   1.00 48.94 ? 45  LEU A N   1 
ATOM   367  C CA  . LEU A 1 45  ? 11.642  11.504  11.244  1.00 49.02 ? 45  LEU A CA  1 
ATOM   368  C C   . LEU A 1 45  ? 11.449  10.133  11.967  1.00 49.18 ? 45  LEU A C   1 
ATOM   369  O O   . LEU A 1 45  ? 10.362  9.528   12.010  1.00 48.60 ? 45  LEU A O   1 
ATOM   370  C CB  . LEU A 1 45  ? 10.440  12.426  11.431  1.00 49.69 ? 45  LEU A CB  1 
ATOM   371  C CG  . LEU A 1 45  ? 10.585  13.692  12.298  1.00 50.53 ? 45  LEU A CG  1 
ATOM   372  C CD1 . LEU A 1 45  ? 10.617  13.378  13.797  1.00 49.16 ? 45  LEU A CD1 1 
ATOM   373  C CD2 . LEU A 1 45  ? 11.750  14.606  11.841  1.00 51.70 ? 45  LEU A CD2 1 
ATOM   374  N N   . SER A 1 51  ? 5.852   16.010  6.997   1.00 48.78 ? 51  SER A N   1 
ATOM   375  C CA  . SER A 1 51  ? 6.000   14.705  6.328   1.00 49.17 ? 51  SER A CA  1 
ATOM   376  C C   . SER A 1 51  ? 5.137   13.544  6.934   1.00 48.55 ? 51  SER A C   1 
ATOM   377  O O   . SER A 1 51  ? 5.582   12.633  7.674   1.00 49.47 ? 51  SER A O   1 
ATOM   378  C CB  . SER A 1 51  ? 7.479   14.349  6.046   1.00 49.62 ? 51  SER A CB  1 
ATOM   379  O OG  . SER A 1 51  ? 7.967   15.087  4.913   1.00 50.22 ? 51  SER A OG  1 
ATOM   380  N N   . PHE A 1 52  ? 3.871   13.634  6.542   1.00 46.50 ? 52  PHE A N   1 
ATOM   381  C CA  . PHE A 1 52  ? 2.699   13.063  7.166   1.00 43.29 ? 52  PHE A CA  1 
ATOM   382  C C   . PHE A 1 52  ? 2.341   12.056  6.073   1.00 41.07 ? 52  PHE A C   1 
ATOM   383  O O   . PHE A 1 52  ? 2.523   12.316  4.892   1.00 40.30 ? 52  PHE A O   1 
ATOM   384  C CB  . PHE A 1 52  ? 1.698   14.262  7.241   1.00 43.48 ? 52  PHE A CB  1 
ATOM   385  C CG  . PHE A 1 52  ? 0.331   13.957  7.828   1.00 45.99 ? 52  PHE A CG  1 
ATOM   386  C CD1 . PHE A 1 52  ? 0.066   14.205  9.191   1.00 46.26 ? 52  PHE A CD1 1 
ATOM   387  C CD2 . PHE A 1 52  ? -0.721  13.489  7.011   1.00 47.26 ? 52  PHE A CD2 1 
ATOM   388  C CE1 . PHE A 1 52  ? -1.208  13.944  9.756   1.00 45.00 ? 52  PHE A CE1 1 
ATOM   389  C CE2 . PHE A 1 52  ? -2.021  13.202  7.561   1.00 45.98 ? 52  PHE A CE2 1 
ATOM   390  C CZ  . PHE A 1 52  ? -2.262  13.448  8.948   1.00 45.11 ? 52  PHE A CZ  1 
ATOM   391  N N   . CYS A 1 53  ? 1.865   10.888  6.438   1.00 39.09 ? 53  CYS A N   1 
ATOM   392  C CA  . CYS A 1 53  ? 1.490   9.926   5.396   1.00 36.09 ? 53  CYS A CA  1 
ATOM   393  C C   . CYS A 1 53  ? -0.005  9.965   5.232   1.00 36.55 ? 53  CYS A C   1 
ATOM   394  O O   . CYS A 1 53  ? -0.712  10.356  6.174   1.00 34.93 ? 53  CYS A O   1 
ATOM   395  C CB  . CYS A 1 53  ? 1.911   8.500   5.793   1.00 35.24 ? 53  CYS A CB  1 
ATOM   396  S SG  . CYS A 1 53  ? 3.630   8.310   6.140   1.00 31.62 ? 53  CYS A SG  1 
ATOM   397  N N   . PHE A 1 54  ? -0.492  9.547   4.051   1.00 35.78 ? 54  PHE A N   1 
ATOM   398  C CA  . PHE A 1 54  ? -1.920  9.422   3.841   1.00 36.01 ? 54  PHE A CA  1 
ATOM   399  C C   . PHE A 1 54  ? -2.518  8.747   5.090   1.00 36.77 ? 54  PHE A C   1 
ATOM   400  O O   . PHE A 1 54  ? -3.347  9.336   5.768   1.00 37.89 ? 54  PHE A O   1 
ATOM   401  C CB  . PHE A 1 54  ? -2.230  8.670   2.560   1.00 35.17 ? 54  PHE A CB  1 
ATOM   402  C CG  . PHE A 1 54  ? -3.677  8.714   2.145   1.00 35.69 ? 54  PHE A CG  1 
ATOM   403  C CD1 . PHE A 1 54  ? -4.689  9.045   3.045   1.00 40.58 ? 54  PHE A CD1 1 
ATOM   404  C CD2 . PHE A 1 54  ? -4.031  8.413   0.844   1.00 37.71 ? 54  PHE A CD2 1 
ATOM   405  C CE1 . PHE A 1 54  ? -6.022  9.088   2.647   1.00 39.71 ? 54  PHE A CE1 1 
ATOM   406  C CE2 . PHE A 1 54  ? -5.364  8.467   0.423   1.00 40.11 ? 54  PHE A CE2 1 
ATOM   407  C CZ  . PHE A 1 54  ? -6.360  8.784   1.319   1.00 37.56 ? 54  PHE A CZ  1 
ATOM   408  N N   . SER A 1 55  ? -2.011  7.583   5.465   1.00 37.13 ? 55  SER A N   1 
ATOM   409  C CA  . SER A 1 55  ? -2.565  6.824   6.605   1.00 38.21 ? 55  SER A CA  1 
ATOM   410  C C   . SER A 1 55  ? -2.637  7.549   7.970   1.00 39.79 ? 55  SER A C   1 
ATOM   411  O O   . SER A 1 55  ? -3.423  7.129   8.823   1.00 39.93 ? 55  SER A O   1 
ATOM   412  C CB  . SER A 1 55  ? -1.896  5.441   6.768   1.00 36.20 ? 55  SER A CB  1 
ATOM   413  O OG  . SER A 1 55  ? -0.572  5.552   7.287   1.00 35.61 ? 55  SER A OG  1 
ATOM   414  N N   . ASP A 1 56  ? -1.819  8.590   8.180   1.00 42.22 ? 56  ASP A N   1 
ATOM   415  C CA  . ASP A 1 56  ? -1.848  9.409   9.412   1.00 44.01 ? 56  ASP A CA  1 
ATOM   416  C C   . ASP A 1 56  ? -3.105  10.327  9.466   1.00 45.16 ? 56  ASP A C   1 
ATOM   417  O O   . ASP A 1 56  ? -3.404  10.892  10.504  1.00 44.12 ? 56  ASP A O   1 
ATOM   418  C CB  . ASP A 1 56  ? -0.560  10.258  9.587   1.00 43.67 ? 56  ASP A CB  1 
ATOM   419  C CG  . ASP A 1 56  ? 0.735   9.428   9.581   1.00 45.22 ? 56  ASP A CG  1 
ATOM   420  O OD1 . ASP A 1 56  ? 0.851   8.479   10.377  1.00 44.06 ? 56  ASP A OD1 1 
ATOM   421  O OD2 . ASP A 1 56  ? 1.675   9.764   8.807   1.00 45.19 ? 56  ASP A OD2 1 
ATOM   422  N N   . SER A 1 57  ? -3.800  10.487  8.336   1.00 48.24 ? 57  SER A N   1 
ATOM   423  C CA  . SER A 1 57  ? -5.124  11.166  8.263   1.00 51.03 ? 57  SER A CA  1 
ATOM   424  C C   . SER A 1 57  ? -6.233  10.545  9.172   1.00 53.33 ? 57  SER A C   1 
ATOM   425  O O   . SER A 1 57  ? -6.660  11.155  10.168  1.00 53.64 ? 57  SER A O   1 
ATOM   426  C CB  . SER A 1 57  ? -5.635  11.190  6.820   1.00 49.97 ? 57  SER A CB  1 
ATOM   427  O OG  . SER A 1 57  ? -5.028  12.224  6.080   1.00 50.10 ? 57  SER A OG  1 
ATOM   428  N N   . ILE A 1 58  ? -6.700  9.342   8.827   1.00 56.14 ? 58  ILE A N   1 
ATOM   429  C CA  . ILE A 1 58  ? -7.747  8.676   9.628   1.00 58.27 ? 58  ILE A CA  1 
ATOM   430  C C   . ILE A 1 58  ? -7.158  7.599   10.591  1.00 59.07 ? 58  ILE A C   1 
ATOM   431  O O   . ILE A 1 58  ? -6.563  6.597   10.143  1.00 59.24 ? 58  ILE A O   1 
ATOM   432  C CB  . ILE A 1 58  ? -8.962  8.169   8.734   1.00 58.45 ? 58  ILE A CB  1 
ATOM   433  C CG1 . ILE A 1 58  ? -9.411  9.259   7.719   1.00 58.03 ? 58  ILE A CG1 1 
ATOM   434  C CG2 . ILE A 1 58  ? -10.157 7.617   9.614   1.00 57.23 ? 58  ILE A CG2 1 
ATOM   435  C CD1 . ILE A 1 58  ? -10.573 10.183  8.178   1.00 57.24 ? 58  ILE A CD1 1 
ATOM   436  N N   . PRO A 1 59  ? -7.329  7.818   11.921  1.00 59.75 ? 59  PRO A N   1 
ATOM   437  C CA  . PRO A 1 59  ? -6.776  7.038   13.060  1.00 60.54 ? 59  PRO A CA  1 
ATOM   438  C C   . PRO A 1 59  ? -7.157  5.519   13.162  1.00 61.51 ? 59  PRO A C   1 
ATOM   439  O O   . PRO A 1 59  ? -7.739  4.958   12.230  1.00 62.03 ? 59  PRO A O   1 
ATOM   440  C CB  . PRO A 1 59  ? -7.307  7.808   14.295  1.00 59.91 ? 59  PRO A CB  1 
ATOM   441  C CG  . PRO A 1 59  ? -8.487  8.515   13.805  1.00 59.39 ? 59  PRO A CG  1 
ATOM   442  C CD  . PRO A 1 59  ? -8.158  8.939   12.408  1.00 59.65 ? 59  PRO A CD  1 
ATOM   443  N N   . THR A 1 60  ? -6.749  4.880   14.272  1.00 62.25 ? 60  THR A N   1 
ATOM   444  C CA  . THR A 1 60  ? -7.170  3.519   14.710  1.00 62.51 ? 60  THR A CA  1 
ATOM   445  C C   . THR A 1 60  ? -6.692  2.275   13.902  1.00 62.95 ? 60  THR A C   1 
ATOM   446  O O   . THR A 1 60  ? -5.574  2.211   13.355  1.00 62.81 ? 60  THR A O   1 
ATOM   447  C CB  . THR A 1 60  ? -8.719  3.445   14.938  1.00 62.47 ? 60  THR A CB  1 
ATOM   448  O OG1 . THR A 1 60  ? -8.976  2.836   16.198  1.00 65.22 ? 60  THR A OG1 1 
ATOM   449  C CG2 . THR A 1 60  ? -9.440  2.641   13.825  1.00 62.21 ? 60  THR A CG2 1 
ATOM   450  N N   . SER A 1 71  ? -15.875 -4.495  10.331  1.00 52.47 ? 71  SER A N   1 
ATOM   451  C CA  . SER A 1 71  ? -17.227 -4.036  10.351  1.00 51.49 ? 71  SER A CA  1 
ATOM   452  C C   . SER A 1 71  ? -17.637 -3.405  9.010   1.00 51.31 ? 71  SER A C   1 
ATOM   453  O O   . SER A 1 71  ? -18.166 -4.118  8.146   1.00 51.13 ? 71  SER A O   1 
ATOM   454  C CB  . SER A 1 71  ? -17.401 -3.069  11.524  1.00 51.87 ? 71  SER A CB  1 
ATOM   455  O OG  . SER A 1 71  ? -16.225 -2.321  11.739  1.00 50.53 ? 71  SER A OG  1 
ATOM   456  N N   . ASN A 1 72  ? -17.335 -2.094  8.873   1.00 50.95 ? 72  ASN A N   1 
ATOM   457  C CA  . ASN A 1 72  ? -17.868 -1.102  7.897   1.00 49.63 ? 72  ASN A CA  1 
ATOM   458  C C   . ASN A 1 72  ? -17.411 -1.190  6.427   1.00 49.33 ? 72  ASN A C   1 
ATOM   459  O O   . ASN A 1 72  ? -16.249 -1.504  6.128   1.00 49.03 ? 72  ASN A O   1 
ATOM   460  C CB  . ASN A 1 72  ? -17.371 0.277   8.357   1.00 49.67 ? 72  ASN A CB  1 
ATOM   461  C CG  . ASN A 1 72  ? -18.421 1.114   9.121   1.00 49.43 ? 72  ASN A CG  1 
ATOM   462  O OD1 . ASN A 1 72  ? -19.450 1.524   8.564   1.00 44.42 ? 72  ASN A OD1 1 
ATOM   463  N ND2 . ASN A 1 72  ? -18.089 1.457   10.371  1.00 45.56 ? 72  ASN A ND2 1 
ATOM   464  N N   . LEU A 1 73  ? -18.303 -0.792  5.522   1.00 48.61 ? 73  LEU A N   1 
ATOM   465  C CA  . LEU A 1 73  ? -17.937 -0.323  4.167   1.00 48.33 ? 73  LEU A CA  1 
ATOM   466  C C   . LEU A 1 73  ? -16.974 0.898   4.149   1.00 47.52 ? 73  LEU A C   1 
ATOM   467  O O   . LEU A 1 73  ? -16.440 1.273   3.088   1.00 45.54 ? 73  LEU A O   1 
ATOM   468  C CB  . LEU A 1 73  ? -19.197 0.097   3.407   1.00 48.50 ? 73  LEU A CB  1 
ATOM   469  C CG  . LEU A 1 73  ? -20.139 -0.989  2.898   1.00 49.81 ? 73  LEU A CG  1 
ATOM   470  C CD1 . LEU A 1 73  ? -21.569 -0.472  2.935   1.00 48.93 ? 73  LEU A CD1 1 
ATOM   471  C CD2 . LEU A 1 73  ? -19.748 -1.451  1.490   1.00 49.67 ? 73  LEU A CD2 1 
ATOM   472  N N   . GLU A 1 74  ? -16.821 1.522   5.317   1.00 46.22 ? 74  GLU A N   1 
ATOM   473  C CA  . GLU A 1 74  ? -16.070 2.747   5.473   1.00 46.38 ? 74  GLU A CA  1 
ATOM   474  C C   . GLU A 1 74  ? -14.613 2.355   5.526   1.00 45.19 ? 74  GLU A C   1 
ATOM   475  O O   . GLU A 1 74  ? -13.799 2.873   4.729   1.00 45.13 ? 74  GLU A O   1 
ATOM   476  C CB  . GLU A 1 74  ? -16.509 3.476   6.769   1.00 46.44 ? 74  GLU A CB  1 
ATOM   477  C CG  . GLU A 1 74  ? -15.553 4.515   7.361   1.00 49.72 ? 74  GLU A CG  1 
ATOM   478  C CD  . GLU A 1 74  ? -15.553 5.894   6.638   1.00 54.84 ? 74  GLU A CD  1 
ATOM   479  O OE1 . GLU A 1 74  ? -15.935 5.970   5.430   1.00 53.99 ? 74  GLU A OE1 1 
ATOM   480  O OE2 . GLU A 1 74  ? -15.141 6.899   7.291   1.00 54.96 ? 74  GLU A OE2 1 
ATOM   481  N N   . LEU A 1 75  ? -14.304 1.441   6.458   1.00 43.84 ? 75  LEU A N   1 
ATOM   482  C CA  . LEU A 1 75  ? -12.970 0.845   6.623   1.00 42.40 ? 75  LEU A CA  1 
ATOM   483  C C   . LEU A 1 75  ? -12.436 0.329   5.300   1.00 40.99 ? 75  LEU A C   1 
ATOM   484  O O   . LEU A 1 75  ? -11.263 0.559   4.965   1.00 39.66 ? 75  LEU A O   1 
ATOM   485  C CB  . LEU A 1 75  ? -12.990 -0.302  7.615   1.00 43.77 ? 75  LEU A CB  1 
ATOM   486  C CG  . LEU A 1 75  ? -13.063 -0.142  9.146   1.00 45.76 ? 75  LEU A CG  1 
ATOM   487  C CD1 . LEU A 1 75  ? -12.180 0.979   9.676   1.00 47.86 ? 75  LEU A CD1 1 
ATOM   488  C CD2 . LEU A 1 75  ? -14.548 0.008   9.630   1.00 50.53 ? 75  LEU A CD2 1 
ATOM   489  N N   . LEU A 1 76  ? -13.302 -0.356  4.561   1.00 37.92 ? 76  LEU A N   1 
ATOM   490  C CA  . LEU A 1 76  ? -13.021 -0.793  3.221   1.00 37.26 ? 76  LEU A CA  1 
ATOM   491  C C   . LEU A 1 76  ? -12.806 0.416   2.293   1.00 37.56 ? 76  LEU A C   1 
ATOM   492  O O   . LEU A 1 76  ? -11.918 0.401   1.431   1.00 35.55 ? 76  LEU A O   1 
ATOM   493  C CB  . LEU A 1 76  ? -14.168 -1.684  2.706   1.00 36.60 ? 76  LEU A CB  1 
ATOM   494  C CG  . LEU A 1 76  ? -14.134 -3.229  2.708   1.00 36.69 ? 76  LEU A CG  1 
ATOM   495  C CD1 . LEU A 1 76  ? -13.047 -3.899  3.542   1.00 34.47 ? 76  LEU A CD1 1 
ATOM   496  C CD2 . LEU A 1 76  ? -15.487 -3.817  3.033   1.00 37.63 ? 76  LEU A CD2 1 
ATOM   497  N N   . ARG A 1 77  ? -13.620 1.457   2.482   1.00 37.36 ? 77  ARG A N   1 
ATOM   498  C CA  . ARG A 1 77  ? -13.506 2.668   1.676   1.00 37.82 ? 77  ARG A CA  1 
ATOM   499  C C   . ARG A 1 77  ? -12.117 3.319   1.840   1.00 35.91 ? 77  ARG A C   1 
ATOM   500  O O   . ARG A 1 77  ? -11.465 3.592   0.855   1.00 36.26 ? 77  ARG A O   1 
ATOM   501  C CB  . ARG A 1 77  ? -14.634 3.671   1.959   1.00 38.21 ? 77  ARG A CB  1 
ATOM   502  C CG  . ARG A 1 77  ? -14.625 4.947   1.022   1.00 39.21 ? 77  ARG A CG  1 
ATOM   503  C CD  . ARG A 1 77  ? -15.578 6.117   1.517   1.00 41.73 ? 77  ARG A CD  1 
ATOM   504  N NE  . ARG A 1 77  ? -15.094 6.707   2.770   1.00 44.72 ? 77  ARG A NE  1 
ATOM   505  C CZ  . ARG A 1 77  ? -14.227 7.721   2.839   1.00 49.82 ? 77  ARG A CZ  1 
ATOM   506  N NH1 . ARG A 1 77  ? -13.781 8.313   1.724   1.00 53.01 ? 77  ARG A NH1 1 
ATOM   507  N NH2 . ARG A 1 77  ? -13.821 8.166   4.032   1.00 51.05 ? 77  ARG A NH2 1 
ATOM   508  N N   . ILE A 1 78  ? -11.671 3.545   3.069   1.00 35.03 ? 78  ILE A N   1 
ATOM   509  C CA  . ILE A 1 78  ? -10.340 4.054   3.300   1.00 35.27 ? 78  ILE A CA  1 
ATOM   510  C C   . ILE A 1 78  ? -9.206  3.151   2.735   1.00 34.84 ? 78  ILE A C   1 
ATOM   511  O O   . ILE A 1 78  ? -8.247  3.656   2.117   1.00 34.23 ? 78  ILE A O   1 
ATOM   512  C CB  . ILE A 1 78  ? -10.078 4.278   4.790   1.00 36.53 ? 78  ILE A CB  1 
ATOM   513  C CG1 . ILE A 1 78  ? -11.103 5.270   5.350   1.00 35.53 ? 78  ILE A CG1 1 
ATOM   514  C CG2 . ILE A 1 78  ? -8.697  4.902   4.960   1.00 38.33 ? 78  ILE A CG2 1 
ATOM   515  C CD1 . ILE A 1 78  ? -11.462 5.020   6.836   1.00 38.57 ? 78  ILE A CD1 1 
ATOM   516  N N   . SER A 1 79  ? -9.315  1.835   2.966   1.00 30.94 ? 79  SER A N   1 
ATOM   517  C CA  . SER A 1 79  ? -8.355  0.905   2.457   1.00 30.08 ? 79  SER A CA  1 
ATOM   518  C C   . SER A 1 79  ? -8.194  1.222   0.975   1.00 30.44 ? 79  SER A C   1 
ATOM   519  O O   . SER A 1 79  ? -7.067  1.283   0.438   1.00 27.75 ? 79  SER A O   1 
ATOM   520  C CB  . SER A 1 79  ? -8.888  -0.522  2.656   1.00 27.37 ? 79  SER A CB  1 
ATOM   521  O OG  . SER A 1 79  ? -8.911  -0.810  4.061   1.00 26.29 ? 79  SER A OG  1 
ATOM   522  N N   . LEU A 1 80  ? -9.341  1.408   0.310   1.00 31.65 ? 80  LEU A N   1 
ATOM   523  C CA  . LEU A 1 80  ? -9.386  1.505   -1.112  1.00 33.40 ? 80  LEU A CA  1 
ATOM   524  C C   . LEU A 1 80  ? -8.631  2.770   -1.511  1.00 34.00 ? 80  LEU A C   1 
ATOM   525  O O   . LEU A 1 80  ? -7.936  2.763   -2.529  1.00 34.86 ? 80  LEU A O   1 
ATOM   526  C CB  . LEU A 1 80  ? -10.832 1.579   -1.600  1.00 34.80 ? 80  LEU A CB  1 
ATOM   527  C CG  . LEU A 1 80  ? -11.029 1.441   -3.097  1.00 36.26 ? 80  LEU A CG  1 
ATOM   528  C CD1 . LEU A 1 80  ? -10.717 0.003   -3.406  1.00 43.43 ? 80  LEU A CD1 1 
ATOM   529  C CD2 . LEU A 1 80  ? -12.471 1.786   -3.571  1.00 37.04 ? 80  LEU A CD2 1 
ATOM   530  N N   . LEU A 1 81  ? -8.807  3.850   -0.735  1.00 34.25 ? 81  LEU A N   1 
ATOM   531  C CA  . LEU A 1 81  ? -8.207  5.157   -1.022  1.00 34.12 ? 81  LEU A CA  1 
ATOM   532  C C   . LEU A 1 81  ? -6.673  5.055   -0.868  1.00 33.30 ? 81  LEU A C   1 
ATOM   533  O O   . LEU A 1 81  ? -5.875  5.479   -1.735  1.00 31.11 ? 81  LEU A O   1 
ATOM   534  C CB  . LEU A 1 81  ? -8.741  6.184   -0.020  1.00 34.17 ? 81  LEU A CB  1 
ATOM   535  C CG  . LEU A 1 81  ? -9.818  7.253   -0.393  1.00 37.24 ? 81  LEU A CG  1 
ATOM   536  C CD1 . LEU A 1 81  ? -10.779 6.794   -1.478  1.00 35.86 ? 81  LEU A CD1 1 
ATOM   537  C CD2 . LEU A 1 81  ? -10.587 7.793   0.850   1.00 35.05 ? 81  LEU A CD2 1 
ATOM   538  N N   . LEU A 1 82  ? -6.281  4.457   0.244   1.00 32.37 ? 82  LEU A N   1 
ATOM   539  C CA  . LEU A 1 82  ? -4.875  4.198   0.518   1.00 31.11 ? 82  LEU A CA  1 
ATOM   540  C C   . LEU A 1 82  ? -4.172  3.508   -0.628  1.00 31.64 ? 82  LEU A C   1 
ATOM   541  O O   . LEU A 1 82  ? -3.061  3.933   -1.007  1.00 32.71 ? 82  LEU A O   1 
ATOM   542  C CB  . LEU A 1 82  ? -4.742  3.396   1.810   1.00 30.54 ? 82  LEU A CB  1 
ATOM   543  C CG  . LEU A 1 82  ? -4.971  4.283   3.034   1.00 31.47 ? 82  LEU A CG  1 
ATOM   544  C CD1 . LEU A 1 82  ? -5.339  3.388   4.234   1.00 29.23 ? 82  LEU A CD1 1 
ATOM   545  C CD2 . LEU A 1 82  ? -3.812  5.299   3.393   1.00 28.35 ? 82  LEU A CD2 1 
ATOM   546  N N   . ILE A 1 83  ? -4.782  2.463   -1.184  1.00 31.51 ? 83  ILE A N   1 
ATOM   547  C CA  . ILE A 1 83  ? -4.160  1.635   -2.241  1.00 33.84 ? 83  ILE A CA  1 
ATOM   548  C C   . ILE A 1 83  ? -4.064  2.539   -3.460  1.00 36.16 ? 83  ILE A C   1 
ATOM   549  O O   . ILE A 1 83  ? -3.028  2.605   -4.113  1.00 37.68 ? 83  ILE A O   1 
ATOM   550  C CB  . ILE A 1 83  ? -4.982  0.340   -2.634  1.00 34.07 ? 83  ILE A CB  1 
ATOM   551  C CG1 . ILE A 1 83  ? -5.120  -0.714  -1.493  1.00 31.75 ? 83  ILE A CG1 1 
ATOM   552  C CG2 . ILE A 1 83  ? -4.441  -0.273  -3.921  1.00 32.33 ? 83  ILE A CG2 1 
ATOM   553  C CD1 . ILE A 1 83  ? -3.845  -1.408  -1.125  1.00 35.12 ? 83  ILE A CD1 1 
ATOM   554  N N   . GLU A 1 84  ? -5.155  3.261   -3.721  1.00 37.72 ? 84  GLU A N   1 
ATOM   555  C CA  . GLU A 1 84  ? -5.278  4.087   -4.935  1.00 38.57 ? 84  GLU A CA  1 
ATOM   556  C C   . GLU A 1 84  ? -4.175  5.138   -5.017  1.00 37.15 ? 84  GLU A C   1 
ATOM   557  O O   . GLU A 1 84  ? -3.663  5.389   -6.083  1.00 36.91 ? 84  GLU A O   1 
ATOM   558  C CB  . GLU A 1 84  ? -6.688  4.652   -5.068  1.00 37.94 ? 84  GLU A CB  1 
ATOM   559  C CG  . GLU A 1 84  ? -7.735  3.490   -5.281  1.00 40.27 ? 84  GLU A CG  1 
ATOM   560  C CD  . GLU A 1 84  ? -9.158  3.934   -5.635  1.00 41.53 ? 84  GLU A CD  1 
ATOM   561  O OE1 . GLU A 1 84  ? -9.784  4.684   -4.845  1.00 44.63 ? 84  GLU A OE1 1 
ATOM   562  O OE2 . GLU A 1 84  ? -9.662  3.494   -6.707  1.00 47.38 ? 84  GLU A OE2 1 
ATOM   563  N N   . SER A 1 85  ? -3.817  5.704   -3.864  1.00 36.53 ? 85  SER A N   1 
ATOM   564  C CA  . SER A 1 85  ? -2.768  6.667   -3.749  1.00 34.86 ? 85  SER A CA  1 
ATOM   565  C C   . SER A 1 85  ? -1.411  6.037   -4.132  1.00 33.89 ? 85  SER A C   1 
ATOM   566  O O   . SER A 1 85  ? -0.437  6.723   -4.321  1.00 34.71 ? 85  SER A O   1 
ATOM   567  C CB  . SER A 1 85  ? -2.748  7.239   -2.336  1.00 35.29 ? 85  SER A CB  1 
ATOM   568  O OG  . SER A 1 85  ? -2.292  6.276   -1.385  1.00 36.25 ? 85  SER A OG  1 
ATOM   569  N N   . TRP A 1 86  ? -1.336  4.739   -4.292  1.00 31.59 ? 86  TRP A N   1 
ATOM   570  C CA  . TRP A 1 86  ? -0.031  4.197   -4.548  1.00 32.67 ? 86  TRP A CA  1 
ATOM   571  C C   . TRP A 1 86  ? 0.063   3.559   -5.939  1.00 34.74 ? 86  TRP A C   1 
ATOM   572  O O   . TRP A 1 86  ? 1.123   3.076   -6.279  1.00 35.73 ? 86  TRP A O   1 
ATOM   573  C CB  . TRP A 1 86  ? 0.395   3.208   -3.429  1.00 30.03 ? 86  TRP A CB  1 
ATOM   574  C CG  . TRP A 1 86  ? 0.883   3.956   -2.213  1.00 21.99 ? 86  TRP A CG  1 
ATOM   575  C CD1 . TRP A 1 86  ? 0.252   4.114   -1.044  1.00 21.71 ? 86  TRP A CD1 1 
ATOM   576  C CD2 . TRP A 1 86  ? 2.121   4.650   -2.118  1.00 22.99 ? 86  TRP A CD2 1 
ATOM   577  N NE1 . TRP A 1 86  ? 1.025   4.886   -0.184  1.00 22.11 ? 86  TRP A NE1 1 
ATOM   578  C CE2 . TRP A 1 86  ? 2.180   5.227   -0.841  1.00 18.10 ? 86  TRP A CE2 1 
ATOM   579  C CE3 . TRP A 1 86  ? 3.188   4.867   -3.021  1.00 19.11 ? 86  TRP A CE3 1 
ATOM   580  C CZ2 . TRP A 1 86  ? 3.253   5.954   -0.418  1.00 23.29 ? 86  TRP A CZ2 1 
ATOM   581  C CZ3 . TRP A 1 86  ? 4.272   5.597   -2.591  1.00 22.65 ? 86  TRP A CZ3 1 
ATOM   582  C CH2 . TRP A 1 86  ? 4.286   6.155   -1.305  1.00 22.78 ? 86  TRP A CH2 1 
ATOM   583  N N   . LEU A 1 87  ? -1.035  3.540   -6.699  1.00 34.26 ? 87  LEU A N   1 
ATOM   584  C CA  . LEU A 1 87  ? -1.135  2.636   -7.843  1.00 36.21 ? 87  LEU A CA  1 
ATOM   585  C C   . LEU A 1 87  ? -0.151  3.101   -8.938  1.00 36.75 ? 87  LEU A C   1 
ATOM   586  O O   . LEU A 1 87  ? 0.551   2.271   -9.547  1.00 37.19 ? 87  LEU A O   1 
ATOM   587  C CB  . LEU A 1 87  ? -2.566  2.553   -8.378  1.00 36.38 ? 87  LEU A CB  1 
ATOM   588  C CG  . LEU A 1 87  ? -3.227  1.278   -7.827  1.00 35.79 ? 87  LEU A CG  1 
ATOM   589  C CD1 . LEU A 1 87  ? -4.697  1.274   -7.890  1.00 38.03 ? 87  LEU A CD1 1 
ATOM   590  C CD2 . LEU A 1 87  ? -2.674  0.031   -8.455  1.00 36.68 ? 87  LEU A CD2 1 
ATOM   591  N N   . GLU A 1 88  ? -0.080  4.423   -9.052  1.00 35.86 ? 88  GLU A N   1 
ATOM   592  C CA  . GLU A 1 88  ? 0.847   5.111   -9.902  1.00 38.69 ? 88  GLU A CA  1 
ATOM   593  C C   . GLU A 1 88  ? 2.276   5.277   -9.377  1.00 36.72 ? 88  GLU A C   1 
ATOM   594  O O   . GLU A 1 88  ? 3.204   5.008   -10.139 1.00 37.05 ? 88  GLU A O   1 
ATOM   595  C CB  . GLU A 1 88  ? 0.272   6.467   -10.358 1.00 39.22 ? 88  GLU A CB  1 
ATOM   596  C CG  . GLU A 1 88  ? -0.485  6.379   -11.640 1.00 43.35 ? 88  GLU A CG  1 
ATOM   597  C CD  . GLU A 1 88  ? -0.484  7.733   -12.366 1.00 49.77 ? 88  GLU A CD  1 
ATOM   598  O OE1 . GLU A 1 88  ? -1.576  8.333   -12.479 1.00 51.02 ? 88  GLU A OE1 1 
ATOM   599  O OE2 . GLU A 1 88  ? 0.616   8.210   -12.784 1.00 52.19 ? 88  GLU A OE2 1 
ATOM   600  N N   . PRO A 1 89  ? 2.471   5.781   -8.129  1.00 34.61 ? 89  PRO A N   1 
ATOM   601  C CA  . PRO A 1 89  ? 3.856   5.741   -7.694  1.00 32.92 ? 89  PRO A CA  1 
ATOM   602  C C   . PRO A 1 89  ? 4.516   4.369   -7.739  1.00 30.06 ? 89  PRO A C   1 
ATOM   603  O O   . PRO A 1 89  ? 5.704   4.301   -7.950  1.00 28.26 ? 89  PRO A O   1 
ATOM   604  C CB  . PRO A 1 89  ? 3.777   6.317   -6.284  1.00 33.95 ? 89  PRO A CB  1 
ATOM   605  C CG  . PRO A 1 89  ? 2.691   7.299   -6.436  1.00 34.21 ? 89  PRO A CG  1 
ATOM   606  C CD  . PRO A 1 89  ? 1.665   6.552   -7.173  1.00 34.51 ? 89  PRO A CD  1 
ATOM   607  N N   . VAL A 1 90  ? 3.755   3.301   -7.586  1.00 29.88 ? 90  VAL A N   1 
ATOM   608  C CA  . VAL A 1 90  ? 4.342   1.980   -7.393  1.00 30.57 ? 90  VAL A CA  1 
ATOM   609  C C   . VAL A 1 90  ? 5.098   1.442   -8.554  1.00 29.36 ? 90  VAL A C   1 
ATOM   610  O O   . VAL A 1 90  ? 6.010   0.679   -8.348  1.00 28.36 ? 90  VAL A O   1 
ATOM   611  C CB  . VAL A 1 90  ? 3.323   0.840   -7.030  1.00 33.12 ? 90  VAL A CB  1 
ATOM   612  C CG1 . VAL A 1 90  ? 3.901   -0.093  -5.936  1.00 31.85 ? 90  VAL A CG1 1 
ATOM   613  C CG2 . VAL A 1 90  ? 2.003   1.390   -6.597  1.00 35.94 ? 90  VAL A CG2 1 
ATOM   614  N N   . ARG A 1 91  ? 4.681   1.733   -9.787  1.00 27.23 ? 91  ARG A N   1 
ATOM   615  C CA  . ARG A 1 91  ? 5.521   1.217   -10.886 1.00 27.85 ? 91  ARG A CA  1 
ATOM   616  C C   . ARG A 1 91  ? 6.945   1.797   -10.862 1.00 26.39 ? 91  ARG A C   1 
ATOM   617  O O   . ARG A 1 91  ? 7.880   1.215   -11.488 1.00 25.65 ? 91  ARG A O   1 
ATOM   618  C CB  . ARG A 1 91  ? 4.857   1.417   -12.255 1.00 26.97 ? 91  ARG A CB  1 
ATOM   619  C CG  . ARG A 1 91  ? 4.800   2.873   -12.700 1.00 32.69 ? 91  ARG A CG  1 
ATOM   620  C CD  . ARG A 1 91  ? 3.748   2.990   -13.853 1.00 44.90 ? 91  ARG A CD  1 
ATOM   621  N NE  . ARG A 1 91  ? 3.759   4.284   -14.573 1.00 50.23 ? 91  ARG A NE  1 
ATOM   622  C CZ  . ARG A 1 91  ? 2.817   5.241   -14.481 1.00 51.57 ? 91  ARG A CZ  1 
ATOM   623  N NH1 . ARG A 1 91  ? 2.934   6.354   -15.212 1.00 51.32 ? 91  ARG A NH1 1 
ATOM   624  N NH2 . ARG A 1 91  ? 1.747   5.089   -13.692 1.00 50.10 ? 91  ARG A NH2 1 
ATOM   625  N N   . PHE A 1 92  ? 7.131   2.919   -10.161 1.00 27.49 ? 92  PHE A N   1 
ATOM   626  C CA  . PHE A 1 92  ? 8.473   3.534   -10.106 1.00 29.39 ? 92  PHE A CA  1 
ATOM   627  C C   . PHE A 1 92  ? 9.403   3.035   -8.960  1.00 30.86 ? 92  PHE A C   1 
ATOM   628  O O   . PHE A 1 92  ? 10.548  3.465   -8.859  1.00 31.40 ? 92  PHE A O   1 
ATOM   629  C CB  . PHE A 1 92  ? 8.404   5.074   -10.139 1.00 30.22 ? 92  PHE A CB  1 
ATOM   630  C CG  . PHE A 1 92  ? 7.703   5.625   -11.347 1.00 31.05 ? 92  PHE A CG  1 
ATOM   631  C CD1 . PHE A 1 92  ? 8.404   5.851   -12.543 1.00 32.49 ? 92  PHE A CD1 1 
ATOM   632  C CD2 . PHE A 1 92  ? 6.336   5.869   -11.313 1.00 30.73 ? 92  PHE A CD2 1 
ATOM   633  C CE1 . PHE A 1 92  ? 7.754   6.353   -13.687 1.00 31.12 ? 92  PHE A CE1 1 
ATOM   634  C CE2 . PHE A 1 92  ? 5.691   6.365   -12.453 1.00 34.28 ? 92  PHE A CE2 1 
ATOM   635  C CZ  . PHE A 1 92  ? 6.412   6.617   -13.638 1.00 32.03 ? 92  PHE A CZ  1 
ATOM   636  N N   . LEU A 1 93  ? 8.945   2.073   -8.158  1.00 31.90 ? 93  LEU A N   1 
ATOM   637  C CA  . LEU A 1 93  ? 9.714   1.577   -7.023  1.00 32.30 ? 93  LEU A CA  1 
ATOM   638  C C   . LEU A 1 93  ? 11.167  1.104   -7.376  1.00 33.52 ? 93  LEU A C   1 
ATOM   639  O O   . LEU A 1 93  ? 12.185  1.492   -6.770  1.00 34.56 ? 93  LEU A O   1 
ATOM   640  C CB  . LEU A 1 93  ? 8.827   0.467   -6.387  1.00 33.71 ? 93  LEU A CB  1 
ATOM   641  C CG  . LEU A 1 93  ? 8.505   0.218   -4.887  1.00 33.86 ? 93  LEU A CG  1 
ATOM   642  C CD1 . LEU A 1 93  ? 7.873   1.389   -4.192  1.00 29.65 ? 93  LEU A CD1 1 
ATOM   643  C CD2 . LEU A 1 93  ? 7.587   -1.008  -4.714  1.00 30.48 ? 93  LEU A CD2 1 
ATOM   644  N N   . ARG A 1 94  ? 11.342  0.243   -8.338  1.00 34.68 ? 94  ARG A N   1 
ATOM   645  C CA  . ARG A 1 94  ? 12.707  -0.177  -8.571  1.00 35.79 ? 94  ARG A CA  1 
ATOM   646  C C   . ARG A 1 94  ? 13.637  0.918   -9.206  1.00 37.19 ? 94  ARG A C   1 
ATOM   647  O O   . ARG A 1 94  ? 14.851  0.717   -9.270  1.00 37.43 ? 94  ARG A O   1 
ATOM   648  C CB  . ARG A 1 94  ? 12.764  -1.465  -9.374  1.00 35.04 ? 94  ARG A CB  1 
ATOM   649  C CG  . ARG A 1 94  ? 12.023  -2.688  -8.823  1.00 34.19 ? 94  ARG A CG  1 
ATOM   650  C CD  . ARG A 1 94  ? 12.442  -3.067  -7.399  1.00 27.95 ? 94  ARG A CD  1 
ATOM   651  N NE  . ARG A 1 94  ? 13.883  -3.181  -7.196  1.00 18.74 ? 94  ARG A NE  1 
ATOM   652  C CZ  . ARG A 1 94  ? 14.452  -3.401  -5.996  1.00 26.00 ? 94  ARG A CZ  1 
ATOM   653  N NH1 . ARG A 1 94  ? 13.714  -3.475  -4.862  1.00 18.09 ? 94  ARG A NH1 1 
ATOM   654  N NH2 . ARG A 1 94  ? 15.778  -3.521  -5.914  1.00 25.01 ? 94  ARG A NH2 1 
ATOM   655  N N   . SER A 1 95  ? 13.096  2.082   -9.585  1.00 38.93 ? 95  SER A N   1 
ATOM   656  C CA  . SER A 1 95  ? 13.863  3.118   -10.393 1.00 38.46 ? 95  SER A CA  1 
ATOM   657  C C   . SER A 1 95  ? 14.904  3.808   -9.522  1.00 37.78 ? 95  SER A C   1 
ATOM   658  O O   . SER A 1 95  ? 15.941  4.274   -9.978  1.00 37.35 ? 95  SER A O   1 
ATOM   659  C CB  . SER A 1 95  ? 12.946  4.172   -11.049 1.00 38.38 ? 95  SER A CB  1 
ATOM   660  O OG  . SER A 1 95  ? 12.259  4.999   -10.088 1.00 42.88 ? 95  SER A OG  1 
ATOM   661  N N   . MET A 1 96  ? 14.641  3.807   -8.240  1.00 37.34 ? 96  MET A N   1 
ATOM   662  C CA  . MET A 1 96  ? 15.568  4.379   -7.313  1.00 36.42 ? 96  MET A CA  1 
ATOM   663  C C   . MET A 1 96  ? 16.771  3.466   -7.063  1.00 33.44 ? 96  MET A C   1 
ATOM   664  O O   . MET A 1 96  ? 17.723  3.925   -6.439  1.00 34.20 ? 96  MET A O   1 
ATOM   665  C CB  . MET A 1 96  ? 14.843  4.605   -6.024  1.00 37.80 ? 96  MET A CB  1 
ATOM   666  C CG  . MET A 1 96  ? 13.456  5.196   -6.247  1.00 38.94 ? 96  MET A CG  1 
ATOM   667  S SD  . MET A 1 96  ? 12.694  4.979   -4.665  1.00 40.71 ? 96  MET A SD  1 
ATOM   668  C CE  . MET A 1 96  ? 12.848  3.204   -4.480  1.00 38.31 ? 96  MET A CE  1 
ATOM   669  N N   . PHE A 1 97  ? 16.709  2.187   -7.470  1.00 30.57 ? 97  PHE A N   1 
ATOM   670  C CA  . PHE A 1 97  ? 17.764  1.198   -7.085  1.00 30.67 ? 97  PHE A CA  1 
ATOM   671  C C   . PHE A 1 97  ? 18.942  1.065   -8.081  1.00 33.84 ? 97  PHE A C   1 
ATOM   672  O O   . PHE A 1 97  ? 19.924  0.255   -7.910  1.00 32.85 ? 97  PHE A O   1 
ATOM   673  C CB  . PHE A 1 97  ? 17.169  -0.150  -6.714  1.00 28.51 ? 97  PHE A CB  1 
ATOM   674  C CG  . PHE A 1 97  ? 16.475  -0.145  -5.390  1.00 27.28 ? 97  PHE A CG  1 
ATOM   675  C CD1 . PHE A 1 97  ? 15.175  0.226   -5.294  1.00 20.62 ? 97  PHE A CD1 1 
ATOM   676  C CD2 . PHE A 1 97  ? 17.162  -0.440  -4.230  1.00 28.78 ? 97  PHE A CD2 1 
ATOM   677  C CE1 . PHE A 1 97  ? 14.532  0.190   -4.083  1.00 24.24 ? 97  PHE A CE1 1 
ATOM   678  C CE2 . PHE A 1 97  ? 16.542  -0.427  -3.041  1.00 25.60 ? 97  PHE A CE2 1 
ATOM   679  C CZ  . PHE A 1 97  ? 15.215  -0.109  -2.948  1.00 26.40 ? 97  PHE A CZ  1 
ATOM   680  N N   . ALA A 1 98  ? 18.810  1.852   -9.137  1.00 35.29 ? 98  ALA A N   1 
ATOM   681  C CA  . ALA A 1 98  ? 19.962  2.267   -9.854  1.00 39.11 ? 98  ALA A CA  1 
ATOM   682  C C   . ALA A 1 98  ? 20.362  3.742   -9.646  1.00 40.64 ? 98  ALA A C   1 
ATOM   683  O O   . ALA A 1 98  ? 19.740  4.568   -8.960  1.00 40.96 ? 98  ALA A O   1 
ATOM   684  C CB  . ALA A 1 98  ? 19.835  1.933   -11.341 1.00 39.85 ? 98  ALA A CB  1 
ATOM   685  N N   . ASN A 1 99  ? 21.486  3.969   -10.278 1.00 42.51 ? 99  ASN A N   1 
ATOM   686  C CA  . ASN A 1 99  ? 22.223  5.158   -10.470 1.00 44.80 ? 99  ASN A CA  1 
ATOM   687  C C   . ASN A 1 99  ? 21.748  5.700   -11.840 1.00 45.82 ? 99  ASN A C   1 
ATOM   688  O O   . ASN A 1 99  ? 22.053  5.115   -12.884 1.00 47.18 ? 99  ASN A O   1 
ATOM   689  C CB  . ASN A 1 99  ? 23.588  4.534   -10.660 1.00 45.30 ? 99  ASN A CB  1 
ATOM   690  C CG  . ASN A 1 99  ? 23.453  2.981   -10.971 1.00 45.32 ? 99  ASN A CG  1 
ATOM   691  O OD1 . ASN A 1 99  ? 23.627  2.113   -10.081 1.00 42.29 ? 99  ASN A OD1 1 
ATOM   692  N ND2 . ASN A 1 99  ? 23.043  2.662   -12.217 1.00 44.43 ? 99  ASN A ND2 1 
ATOM   693  N N   . ASN A 1 100 ? 21.001  6.793   -11.867 1.00 46.28 ? 100 ASN A N   1 
ATOM   694  C CA  . ASN A 1 100 ? 20.606  7.331   -13.178 1.00 45.38 ? 100 ASN A CA  1 
ATOM   695  C C   . ASN A 1 100 ? 19.799  6.333   -14.028 1.00 44.96 ? 100 ASN A C   1 
ATOM   696  O O   . ASN A 1 100 ? 20.097  6.098   -15.212 1.00 45.61 ? 100 ASN A O   1 
ATOM   697  N N   . LEU A 1 101 ? 18.783  5.724   -13.430 1.00 42.67 ? 101 LEU A N   1 
ATOM   698  C CA  . LEU A 1 101 ? 17.894  4.890   -14.213 1.00 41.22 ? 101 LEU A CA  1 
ATOM   699  C C   . LEU A 1 101 ? 16.455  5.437   -14.113 1.00 39.50 ? 101 LEU A C   1 
ATOM   700  O O   . LEU A 1 101 ? 15.992  5.662   -12.999 1.00 38.99 ? 101 LEU A O   1 
ATOM   701  C CB  . LEU A 1 101 ? 17.934  3.477   -13.666 1.00 41.66 ? 101 LEU A CB  1 
ATOM   702  C CG  . LEU A 1 101 ? 17.205  2.387   -14.454 1.00 43.87 ? 101 LEU A CG  1 
ATOM   703  C CD1 . LEU A 1 101 ? 17.631  0.998   -13.937 1.00 46.56 ? 101 LEU A CD1 1 
ATOM   704  C CD2 . LEU A 1 101 ? 15.691  2.548   -14.342 1.00 45.29 ? 101 LEU A CD2 1 
ATOM   705  N N   . VAL A 1 102 ? 15.763  5.635   -15.249 1.00 36.01 ? 102 VAL A N   1 
ATOM   706  C CA  . VAL A 1 102 ? 14.306  5.974   -15.222 1.00 35.10 ? 102 VAL A CA  1 
ATOM   707  C C   . VAL A 1 102 ? 13.452  4.761   -15.675 1.00 33.42 ? 102 VAL A C   1 
ATOM   708  O O   . VAL A 1 102 ? 13.814  4.040   -16.630 1.00 29.30 ? 102 VAL A O   1 
ATOM   709  C CB  . VAL A 1 102 ? 13.923  7.189   -16.097 1.00 35.74 ? 102 VAL A CB  1 
ATOM   710  C CG1 . VAL A 1 102 ? 12.333  7.300   -16.283 1.00 35.51 ? 102 VAL A CG1 1 
ATOM   711  C CG2 . VAL A 1 102 ? 14.548  8.475   -15.516 1.00 36.68 ? 102 VAL A CG2 1 
ATOM   712  N N   . TYR A 1 103 ? 12.352  4.525   -14.939 1.00 32.12 ? 103 TYR A N   1 
ATOM   713  C CA  . TYR A 1 103 ? 11.537  3.299   -15.151 1.00 30.84 ? 103 TYR A CA  1 
ATOM   714  C C   . TYR A 1 103 ? 11.177  3.244   -16.635 1.00 29.89 ? 103 TYR A C   1 
ATOM   715  O O   . TYR A 1 103 ? 10.737  4.256   -17.172 1.00 30.17 ? 103 TYR A O   1 
ATOM   716  C CB  . TYR A 1 103 ? 10.286  3.331   -14.256 1.00 30.49 ? 103 TYR A CB  1 
ATOM   717  C CG  . TYR A 1 103 ? 9.217   2.322   -14.644 1.00 29.63 ? 103 TYR A CG  1 
ATOM   718  C CD1 . TYR A 1 103 ? 9.463   0.921   -14.606 1.00 28.73 ? 103 TYR A CD1 1 
ATOM   719  C CD2 . TYR A 1 103 ? 7.939   2.776   -15.050 1.00 33.55 ? 103 TYR A CD2 1 
ATOM   720  C CE1 . TYR A 1 103 ? 8.417   -0.027  -14.989 1.00 30.87 ? 103 TYR A CE1 1 
ATOM   721  C CE2 . TYR A 1 103 ? 6.916   1.890   -15.420 1.00 31.21 ? 103 TYR A CE2 1 
ATOM   722  C CZ  . TYR A 1 103 ? 7.148   0.480   -15.378 1.00 32.58 ? 103 TYR A CZ  1 
ATOM   723  O OH  . TYR A 1 103 ? 6.110   -0.347  -15.767 1.00 30.97 ? 103 TYR A OH  1 
ATOM   724  N N   . ASP A 1 104 ? 11.381  2.114   -17.302 1.00 29.42 ? 104 ASP A N   1 
ATOM   725  C CA  . ASP A 1 104 ? 11.144  2.090   -18.768 1.00 30.55 ? 104 ASP A CA  1 
ATOM   726  C C   . ASP A 1 104 ? 9.723   1.711   -19.218 1.00 29.90 ? 104 ASP A C   1 
ATOM   727  O O   . ASP A 1 104 ? 9.534   1.377   -20.390 1.00 31.37 ? 104 ASP A O   1 
ATOM   728  C CB  . ASP A 1 104 ? 12.163  1.153   -19.487 1.00 31.43 ? 104 ASP A CB  1 
ATOM   729  C CG  . ASP A 1 104 ? 12.126  -0.307  -18.958 1.00 33.16 ? 104 ASP A CG  1 
ATOM   730  O OD1 . ASP A 1 104 ? 11.111  -0.703  -18.312 1.00 30.88 ? 104 ASP A OD1 1 
ATOM   731  O OD2 . ASP A 1 104 ? 13.136  -1.018  -19.151 1.00 30.01 ? 104 ASP A OD2 1 
ATOM   732  N N   . THR A 1 105 ? 8.756   1.705   -18.292 1.00 29.93 ? 105 THR A N   1 
ATOM   733  C CA  . THR A 1 105 ? 7.338   1.369   -18.593 1.00 27.86 ? 105 THR A CA  1 
ATOM   734  C C   . THR A 1 105 ? 7.085   -0.119  -18.849 1.00 30.01 ? 105 THR A C   1 
ATOM   735  O O   . THR A 1 105 ? 5.940   -0.471  -19.179 1.00 27.93 ? 105 THR A O   1 
ATOM   736  C CB  . THR A 1 105 ? 6.729   2.181   -19.786 1.00 26.56 ? 105 THR A CB  1 
ATOM   737  O OG1 . THR A 1 105 ? 7.091   1.605   -21.081 1.00 17.48 ? 105 THR A OG1 1 
ATOM   738  C CG2 . THR A 1 105 ? 7.096   3.654   -19.692 1.00 25.19 ? 105 THR A CG2 1 
ATOM   739  N N   . SER A 1 106 ? 8.131   -0.968  -18.720 1.00 31.51 ? 106 SER A N   1 
ATOM   740  C CA  . SER A 1 106 ? 7.996   -2.438  -18.922 1.00 33.33 ? 106 SER A CA  1 
ATOM   741  C C   . SER A 1 106 ? 7.160   -3.118  -17.802 1.00 35.69 ? 106 SER A C   1 
ATOM   742  O O   . SER A 1 106 ? 6.970   -2.534  -16.728 1.00 34.39 ? 106 SER A O   1 
ATOM   743  C CB  . SER A 1 106 ? 9.334   -3.140  -19.068 1.00 33.85 ? 106 SER A CB  1 
ATOM   744  O OG  . SER A 1 106 ? 10.039  -3.158  -17.835 1.00 31.20 ? 106 SER A OG  1 
ATOM   745  N N   . ASP A 1 107 ? 6.699   -4.347  -18.064 1.00 37.80 ? 107 ASP A N   1 
ATOM   746  C CA  . ASP A 1 107 ? 5.396   -4.748  -17.554 1.00 41.41 ? 107 ASP A CA  1 
ATOM   747  C C   . ASP A 1 107 ? 5.154   -4.286  -16.181 1.00 42.19 ? 107 ASP A C   1 
ATOM   748  O O   . ASP A 1 107 ? 5.910   -4.633  -15.267 1.00 41.11 ? 107 ASP A O   1 
ATOM   749  C CB  . ASP A 1 107 ? 5.087   -6.227  -17.627 1.00 42.35 ? 107 ASP A CB  1 
ATOM   750  C CG  . ASP A 1 107 ? 3.805   -6.562  -16.873 1.00 45.39 ? 107 ASP A CG  1 
ATOM   751  O OD1 . ASP A 1 107 ? 3.922   -7.194  -15.793 1.00 47.84 ? 107 ASP A OD1 1 
ATOM   752  O OD2 . ASP A 1 107 ? 2.696   -6.132  -17.316 1.00 48.47 ? 107 ASP A OD2 1 
ATOM   753  N N   . SER A 1 108 ? 4.071   -3.497  -16.124 1.00 45.19 ? 108 SER A N   1 
ATOM   754  C CA  . SER A 1 108 ? 3.491   -2.776  -14.985 1.00 45.93 ? 108 SER A CA  1 
ATOM   755  C C   . SER A 1 108 ? 3.834   -3.387  -13.626 1.00 48.02 ? 108 SER A C   1 
ATOM   756  O O   . SER A 1 108 ? 2.945   -3.925  -12.896 1.00 46.85 ? 108 SER A O   1 
ATOM   757  C CB  . SER A 1 108 ? 1.968   -2.689  -15.205 1.00 47.00 ? 108 SER A CB  1 
ATOM   758  O OG  . SER A 1 108 ? 1.605   -1.662  -16.139 1.00 44.23 ? 108 SER A OG  1 
ATOM   759  N N   . ASP A 1 109 ? 5.122   -3.264  -13.270 1.00 48.55 ? 109 ASP A N   1 
ATOM   760  C CA  . ASP A 1 109 ? 5.741   -4.144  -12.290 1.00 49.64 ? 109 ASP A CA  1 
ATOM   761  C C   . ASP A 1 109 ? 4.844   -5.376  -12.101 1.00 49.07 ? 109 ASP A C   1 
ATOM   762  O O   . ASP A 1 109 ? 3.674   -5.381  -12.451 1.00 46.80 ? 109 ASP A O   1 
ATOM   763  C CB  . ASP A 1 109 ? 5.965   -3.456  -10.909 1.00 49.06 ? 109 ASP A CB  1 
ATOM   764  C CG  . ASP A 1 109 ? 6.718   -2.104  -10.980 1.00 52.93 ? 109 ASP A CG  1 
ATOM   765  O OD1 . ASP A 1 109 ? 6.729   -1.497  -12.087 1.00 51.36 ? 109 ASP A OD1 1 
ATOM   766  O OD2 . ASP A 1 109 ? 7.268   -1.617  -9.891  1.00 54.55 ? 109 ASP A OD2 1 
ATOM   767  N N   . ASP A 1 110 ? 5.390   -6.423  -11.508 1.00 50.61 ? 110 ASP A N   1 
ATOM   768  C CA  . ASP A 1 110 ? 4.540   -7.363  -10.834 1.00 51.67 ? 110 ASP A CA  1 
ATOM   769  C C   . ASP A 1 110 ? 3.673   -6.620  -9.749  1.00 52.35 ? 110 ASP A C   1 
ATOM   770  O O   . ASP A 1 110 ? 2.795   -7.248  -9.134  1.00 52.95 ? 110 ASP A O   1 
ATOM   771  C CB  . ASP A 1 110 ? 5.357   -8.572  -10.283 1.00 52.88 ? 110 ASP A CB  1 
ATOM   772  C CG  . ASP A 1 110 ? 6.855   -8.225  -9.909  1.00 55.02 ? 110 ASP A CG  1 
ATOM   773  O OD1 . ASP A 1 110 ? 7.455   -7.230  -10.411 1.00 54.08 ? 110 ASP A OD1 1 
ATOM   774  O OD2 . ASP A 1 110 ? 7.437   -8.976  -9.090  1.00 54.85 ? 110 ASP A OD2 1 
ATOM   775  N N   . TYR A 1 111 ? 3.865   -5.287  -9.598  1.00 51.83 ? 111 TYR A N   1 
ATOM   776  C CA  . TYR A 1 111 ? 3.327   -4.477  -8.480  1.00 50.69 ? 111 TYR A CA  1 
ATOM   777  C C   . TYR A 1 111 ? 1.984   -3.803  -8.657  1.00 51.92 ? 111 TYR A C   1 
ATOM   778  O O   . TYR A 1 111 ? 1.411   -3.369  -7.673  1.00 51.42 ? 111 TYR A O   1 
ATOM   779  C CB  . TYR A 1 111 ? 4.332   -3.433  -8.011  1.00 49.98 ? 111 TYR A CB  1 
ATOM   780  C CG  . TYR A 1 111 ? 5.707   -3.957  -7.619  1.00 45.34 ? 111 TYR A CG  1 
ATOM   781  C CD1 . TYR A 1 111 ? 5.908   -5.279  -7.300  1.00 43.13 ? 111 TYR A CD1 1 
ATOM   782  C CD2 . TYR A 1 111 ? 6.785   -3.087  -7.529  1.00 44.13 ? 111 TYR A CD2 1 
ATOM   783  C CE1 . TYR A 1 111 ? 7.188   -5.756  -6.930  1.00 48.48 ? 111 TYR A CE1 1 
ATOM   784  C CE2 . TYR A 1 111 ? 8.073   -3.507  -7.152  1.00 47.63 ? 111 TYR A CE2 1 
ATOM   785  C CZ  . TYR A 1 111 ? 8.286   -4.834  -6.850  1.00 49.99 ? 111 TYR A CZ  1 
ATOM   786  O OH  . TYR A 1 111 ? 9.561   -5.249  -6.485  1.00 48.89 ? 111 TYR A OH  1 
ATOM   787  N N   . HIS A 1 112 ? 1.457   -3.738  -9.884  1.00 53.30 ? 112 HIS A N   1 
ATOM   788  C CA  . HIS A 1 112 ? 0.004   -3.512  -10.127 1.00 52.58 ? 112 HIS A CA  1 
ATOM   789  C C   . HIS A 1 112 ? -0.866  -4.607  -9.422  1.00 52.88 ? 112 HIS A C   1 
ATOM   790  O O   . HIS A 1 112 ? -2.105  -4.615  -9.529  1.00 53.34 ? 112 HIS A O   1 
ATOM   791  C CB  . HIS A 1 112 ? -0.252  -3.460  -11.638 1.00 53.27 ? 112 HIS A CB  1 
ATOM   792  C CG  . HIS A 1 112 ? -0.693  -2.115  -12.161 1.00 53.28 ? 112 HIS A CG  1 
ATOM   793  N ND1 . HIS A 1 112 ? -0.096  -0.922  -11.793 1.00 51.74 ? 112 HIS A ND1 1 
ATOM   794  C CD2 . HIS A 1 112 ? -1.673  -1.789  -13.039 1.00 50.87 ? 112 HIS A CD2 1 
ATOM   795  C CE1 . HIS A 1 112 ? -0.721  0.077   -12.387 1.00 51.52 ? 112 HIS A CE1 1 
ATOM   796  N NE2 . HIS A 1 112 ? -1.665  -0.421  -13.169 1.00 52.17 ? 112 HIS A NE2 1 
ATOM   797  N N   . LEU A 1 113 ? -0.195  -5.553  -8.738  1.00 52.09 ? 113 LEU A N   1 
ATOM   798  C CA  . LEU A 1 113 ? -0.716  -6.290  -7.544  1.00 50.66 ? 113 LEU A CA  1 
ATOM   799  C C   . LEU A 1 113 ? -1.658  -5.445  -6.677  1.00 49.29 ? 113 LEU A C   1 
ATOM   800  O O   . LEU A 1 113 ? -2.643  -5.952  -6.114  1.00 48.63 ? 113 LEU A O   1 
ATOM   801  C CB  . LEU A 1 113 ? 0.444   -6.719  -6.648  1.00 50.52 ? 113 LEU A CB  1 
ATOM   802  C CG  . LEU A 1 113 ? 0.231   -7.398  -5.278  1.00 51.22 ? 113 LEU A CG  1 
ATOM   803  C CD1 . LEU A 1 113 ? 1.345   -6.922  -4.329  1.00 48.99 ? 113 LEU A CD1 1 
ATOM   804  C CD2 . LEU A 1 113 ? -1.113  -7.115  -4.661  1.00 50.08 ? 113 LEU A CD2 1 
ATOM   805  N N   . LEU A 1 114 ? -1.328  -4.170  -6.568  1.00 47.36 ? 114 LEU A N   1 
ATOM   806  C CA  . LEU A 1 114 ? -2.217  -3.183  -5.997  1.00 46.18 ? 114 LEU A CA  1 
ATOM   807  C C   . LEU A 1 114 ? -3.505  -3.016  -6.797  1.00 45.89 ? 114 LEU A C   1 
ATOM   808  O O   . LEU A 1 114 ? -4.535  -2.707  -6.202  1.00 45.81 ? 114 LEU A O   1 
ATOM   809  C CB  . LEU A 1 114 ? -1.526  -1.825  -5.900  1.00 45.46 ? 114 LEU A CB  1 
ATOM   810  C CG  . LEU A 1 114 ? -0.226  -1.676  -5.091  1.00 43.24 ? 114 LEU A CG  1 
ATOM   811  C CD1 . LEU A 1 114 ? -0.209  -0.329  -4.586  1.00 37.65 ? 114 LEU A CD1 1 
ATOM   812  C CD2 . LEU A 1 114 ? -0.090  -2.676  -3.964  1.00 38.09 ? 114 LEU A CD2 1 
ATOM   813  N N   . LYS A 1 115 ? -3.450  -3.161  -8.133  1.00 44.75 ? 115 LYS A N   1 
ATOM   814  C CA  . LYS A 1 115 ? -4.681  -3.166  -8.954  1.00 44.05 ? 115 LYS A CA  1 
ATOM   815  C C   . LYS A 1 115 ? -5.515  -4.406  -8.626  1.00 42.41 ? 115 LYS A C   1 
ATOM   816  O O   . LYS A 1 115 ? -6.737  -4.319  -8.518  1.00 43.62 ? 115 LYS A O   1 
ATOM   817  C CB  . LYS A 1 115 ? -4.353  -3.094  -10.458 1.00 44.37 ? 115 LYS A CB  1 
ATOM   818  C CG  . LYS A 1 115 ? -5.488  -2.596  -11.308 1.00 45.27 ? 115 LYS A CG  1 
ATOM   819  C CD  . LYS A 1 115 ? -5.454  -1.085  -11.411 1.00 49.93 ? 115 LYS A CD  1 
ATOM   820  C CE  . LYS A 1 115 ? -6.824  -0.492  -11.825 1.00 47.97 ? 115 LYS A CE  1 
ATOM   821  N NZ  . LYS A 1 115 ? -6.874  0.981   -11.478 1.00 49.78 ? 115 LYS A NZ  1 
ATOM   822  N N   . ASP A 1 116 ? -4.858  -5.546  -8.415  1.00 41.40 ? 116 ASP A N   1 
ATOM   823  C CA  . ASP A 1 116 ? -5.538  -6.756  -7.982  1.00 40.88 ? 116 ASP A CA  1 
ATOM   824  C C   . ASP A 1 116 ? -6.268  -6.490  -6.642  1.00 40.43 ? 116 ASP A C   1 
ATOM   825  O O   . ASP A 1 116 ? -7.510  -6.587  -6.559  1.00 40.75 ? 116 ASP A O   1 
ATOM   826  C CB  . ASP A 1 116 ? -4.525  -7.917  -7.880  1.00 41.66 ? 116 ASP A CB  1 
ATOM   827  C CG  . ASP A 1 116 ? -5.125  -9.213  -7.230  1.00 47.01 ? 116 ASP A CG  1 
ATOM   828  O OD1 . ASP A 1 116 ? -5.001  -10.311 -7.819  1.00 51.30 ? 116 ASP A OD1 1 
ATOM   829  O OD2 . ASP A 1 116 ? -5.701  -9.162  -6.108  1.00 50.74 ? 116 ASP A OD2 1 
ATOM   830  N N   . LEU A 1 117 ? -5.487  -6.125  -5.608  1.00 37.92 ? 117 LEU A N   1 
ATOM   831  C CA  . LEU A 1 117 ? -6.023  -5.738  -4.323  1.00 35.00 ? 117 LEU A CA  1 
ATOM   832  C C   . LEU A 1 117 ? -7.141  -4.681  -4.415  1.00 36.01 ? 117 LEU A C   1 
ATOM   833  O O   . LEU A 1 117 ? -8.182  -4.769  -3.728  1.00 35.74 ? 117 LEU A O   1 
ATOM   834  C CB  . LEU A 1 117 ? -4.869  -5.303  -3.411  1.00 33.87 ? 117 LEU A CB  1 
ATOM   835  C CG  . LEU A 1 117 ? -5.212  -4.897  -1.961  1.00 32.32 ? 117 LEU A CG  1 
ATOM   836  C CD1 . LEU A 1 117 ? -5.940  -6.016  -1.224  1.00 23.84 ? 117 LEU A CD1 1 
ATOM   837  C CD2 . LEU A 1 117 ? -3.923  -4.453  -1.218  1.00 31.19 ? 117 LEU A CD2 1 
ATOM   838  N N   . GLU A 1 118 ? -6.950  -3.657  -5.239  1.00 37.15 ? 118 GLU A N   1 
ATOM   839  C CA  . GLU A 1 118 ? -7.959  -2.626  -5.384  1.00 39.64 ? 118 GLU A CA  1 
ATOM   840  C C   . GLU A 1 118 ? -9.283  -3.278  -5.784  1.00 41.88 ? 118 GLU A C   1 
ATOM   841  O O   . GLU A 1 118 ? -10.321 -3.016  -5.180  1.00 42.16 ? 118 GLU A O   1 
ATOM   842  C CB  . GLU A 1 118 ? -7.554  -1.667  -6.514  1.00 39.78 ? 118 GLU A CB  1 
ATOM   843  C CG  . GLU A 1 118 ? -8.453  -0.437  -6.616  1.00 40.26 ? 118 GLU A CG  1 
ATOM   844  C CD  . GLU A 1 118 ? -8.383  0.302   -7.969  1.00 42.43 ? 118 GLU A CD  1 
ATOM   845  O OE1 . GLU A 1 118 ? -7.755  -0.221  -8.924  1.00 43.67 ? 118 GLU A OE1 1 
ATOM   846  O OE2 . GLU A 1 118 ? -8.980  1.399   -8.070  1.00 41.74 ? 118 GLU A OE2 1 
ATOM   847  N N   . GLU A 1 119 ? -9.245  -4.110  -6.832  1.00 44.30 ? 119 GLU A N   1 
ATOM   848  C CA  . GLU A 1 119 ? -10.494 -4.653  -7.393  1.00 45.54 ? 119 GLU A CA  1 
ATOM   849  C C   . GLU A 1 119 ? -11.127 -5.635  -6.394  1.00 45.23 ? 119 GLU A C   1 
ATOM   850  O O   . GLU A 1 119 ? -12.342 -5.666  -6.252  1.00 46.71 ? 119 GLU A O   1 
ATOM   851  C CB  . GLU A 1 119 ? -10.269 -5.278  -8.792  1.00 46.38 ? 119 GLU A CB  1 
ATOM   852  C CG  . GLU A 1 119 ? -11.549 -5.778  -9.527  1.00 47.95 ? 119 GLU A CG  1 
ATOM   853  C CD  . GLU A 1 119 ? -11.878 -7.260  -9.226  1.00 56.28 ? 119 GLU A CD  1 
ATOM   854  O OE1 . GLU A 1 119 ? -12.424 -7.965  -10.120 1.00 57.15 ? 119 GLU A OE1 1 
ATOM   855  O OE2 . GLU A 1 119 ? -11.582 -7.735  -8.096  1.00 60.81 ? 119 GLU A OE2 1 
ATOM   856  N N   . GLY A 1 120 ? -10.286 -6.405  -5.698  1.00 45.29 ? 120 GLY A N   1 
ATOM   857  C CA  . GLY A 1 120 ? -10.679 -7.283  -4.584  1.00 44.32 ? 120 GLY A CA  1 
ATOM   858  C C   . GLY A 1 120 ? -11.393 -6.569  -3.437  1.00 43.44 ? 120 GLY A C   1 
ATOM   859  O O   . GLY A 1 120 ? -12.367 -7.106  -2.872  1.00 44.58 ? 120 GLY A O   1 
ATOM   860  N N   . ILE A 1 121 ? -10.907 -5.384  -3.074  1.00 40.60 ? 121 ILE A N   1 
ATOM   861  C CA  . ILE A 1 121 ? -11.616 -4.517  -2.155  1.00 39.49 ? 121 ILE A CA  1 
ATOM   862  C C   . ILE A 1 121 ? -12.951 -3.998  -2.753  1.00 40.58 ? 121 ILE A C   1 
ATOM   863  O O   . ILE A 1 121 ? -13.998 -4.103  -2.114  1.00 39.74 ? 121 ILE A O   1 
ATOM   864  C CB  . ILE A 1 121 ? -10.735 -3.327  -1.658  1.00 38.50 ? 121 ILE A CB  1 
ATOM   865  C CG1 . ILE A 1 121 ? -9.501  -3.827  -0.889  1.00 37.54 ? 121 ILE A CG1 1 
ATOM   866  C CG2 . ILE A 1 121 ? -11.577 -2.366  -0.858  1.00 36.81 ? 121 ILE A CG2 1 
ATOM   867  C CD1 . ILE A 1 121 ? -8.442  -2.711  -0.615  1.00 37.50 ? 121 ILE A CD1 1 
ATOM   868  N N   . GLN A 1 122 ? -12.922 -3.421  -3.957  1.00 42.27 ? 122 GLN A N   1 
ATOM   869  C CA  . GLN A 1 122 ? -14.196 -2.992  -4.598  1.00 43.30 ? 122 GLN A CA  1 
ATOM   870  C C   . GLN A 1 122 ? -15.171 -4.208  -4.746  1.00 42.99 ? 122 GLN A C   1 
ATOM   871  O O   . GLN A 1 122 ? -16.367 -4.045  -4.679  1.00 43.89 ? 122 GLN A O   1 
ATOM   872  C CB  . GLN A 1 122 ? -13.979 -2.235  -5.963  1.00 43.68 ? 122 GLN A CB  1 
ATOM   873  C CG  . GLN A 1 122 ? -13.504 -0.740  -5.905  1.00 42.37 ? 122 GLN A CG  1 
ATOM   874  C CD  . GLN A 1 122 ? -12.797 -0.222  -7.238  1.00 44.61 ? 122 GLN A CD  1 
ATOM   875  O OE1 . GLN A 1 122 ? -12.504 -1.010  -8.171  1.00 45.94 ? 122 GLN A OE1 1 
ATOM   876  N NE2 . GLN A 1 122 ? -12.529 1.105   -7.304  1.00 40.14 ? 122 GLN A NE2 1 
ATOM   877  N N   . THR A 1 123 ? -14.677 -5.418  -4.909  1.00 42.94 ? 123 THR A N   1 
ATOM   878  C CA  . THR A 1 123 ? -15.586 -6.568  -4.917  1.00 44.23 ? 123 THR A CA  1 
ATOM   879  C C   . THR A 1 123 ? -16.209 -6.863  -3.544  1.00 43.83 ? 123 THR A C   1 
ATOM   880  O O   . THR A 1 123 ? -17.403 -7.080  -3.464  1.00 44.27 ? 123 THR A O   1 
ATOM   881  C CB  . THR A 1 123 ? -14.938 -7.852  -5.544  1.00 44.81 ? 123 THR A CB  1 
ATOM   882  O OG1 . THR A 1 123 ? -14.689 -7.638  -6.951  1.00 45.40 ? 123 THR A OG1 1 
ATOM   883  C CG2 . THR A 1 123 ? -15.850 -9.069  -5.355  1.00 44.52 ? 123 THR A CG2 1 
ATOM   884  N N   . LEU A 1 124 ? -15.399 -6.895  -2.484  1.00 43.35 ? 124 LEU A N   1 
ATOM   885  C CA  . LEU A 1 124 ? -15.859 -6.937  -1.094  1.00 43.07 ? 124 LEU A CA  1 
ATOM   886  C C   . LEU A 1 124 ? -16.879 -5.864  -0.666  1.00 44.48 ? 124 LEU A C   1 
ATOM   887  O O   . LEU A 1 124 ? -17.822 -6.142  0.127   1.00 43.88 ? 124 LEU A O   1 
ATOM   888  C CB  . LEU A 1 124 ? -14.658 -6.830  -0.156  1.00 42.63 ? 124 LEU A CB  1 
ATOM   889  C CG  . LEU A 1 124 ? -13.853 -8.117  0.049   1.00 40.43 ? 124 LEU A CG  1 
ATOM   890  C CD1 . LEU A 1 124 ? -12.595 -7.789  0.865   1.00 37.52 ? 124 LEU A CD1 1 
ATOM   891  C CD2 . LEU A 1 124 ? -14.721 -9.197  0.718   1.00 35.18 ? 124 LEU A CD2 1 
ATOM   892  N N   . MET A 1 125 ? -16.686 -4.642  -1.148  1.00 45.55 ? 125 MET A N   1 
ATOM   893  C CA  . MET A 1 125 ? -17.654 -3.570  -0.907  1.00 47.54 ? 125 MET A CA  1 
ATOM   894  C C   . MET A 1 125 ? -19.052 -3.786  -1.520  1.00 47.58 ? 125 MET A C   1 
ATOM   895  O O   . MET A 1 125 ? -20.053 -3.554  -0.867  1.00 47.42 ? 125 MET A O   1 
ATOM   896  C CB  . MET A 1 125 ? -17.090 -2.229  -1.388  1.00 47.69 ? 125 MET A CB  1 
ATOM   897  C CG  . MET A 1 125 ? -15.926 -1.730  -0.545  1.00 48.58 ? 125 MET A CG  1 
ATOM   898  S SD  . MET A 1 125 ? -15.128 -0.326  -1.339  1.00 51.45 ? 125 MET A SD  1 
ATOM   899  C CE  . MET A 1 125 ? -16.257 0.966   -0.803  1.00 49.73 ? 125 MET A CE  1 
ATOM   900  N N   . GLY A 1 126 ? -19.114 -4.210  -2.774  1.00 48.43 ? 126 GLY A N   1 
ATOM   901  C CA  . GLY A 1 126 ? -20.388 -4.442  -3.438  1.00 49.56 ? 126 GLY A CA  1 
ATOM   902  C C   . GLY A 1 126 ? -21.080 -5.669  -2.875  1.00 50.52 ? 126 GLY A C   1 
ATOM   903  O O   . GLY A 1 126 ? -22.252 -5.952  -3.192  1.00 50.92 ? 126 GLY A O   1 
ATOM   904  N N   . ARG A 1 127 ? -20.346 -6.426  -2.060  1.00 50.63 ? 127 ARG A N   1 
ATOM   905  C CA  . ARG A 1 127 ? -20.910 -7.561  -1.358  1.00 50.86 ? 127 ARG A CA  1 
ATOM   906  C C   . ARG A 1 127 ? -21.514 -7.163  -0.014  1.00 51.64 ? 127 ARG A C   1 
ATOM   907  O O   . ARG A 1 127 ? -22.574 -7.660  0.380   1.00 52.46 ? 127 ARG A O   1 
ATOM   908  C CB  . ARG A 1 127 ? -19.854 -8.626  -1.178  1.00 50.06 ? 127 ARG A CB  1 
ATOM   909  C CG  . ARG A 1 127 ? -19.863 -9.635  -2.278  1.00 50.06 ? 127 ARG A CG  1 
ATOM   910  C CD  . ARG A 1 127 ? -20.668 -10.912 -1.902  1.00 50.17 ? 127 ARG A CD  1 
ATOM   911  N NE  . ARG A 1 127 ? -20.258 -11.935 -2.849  1.00 48.16 ? 127 ARG A NE  1 
ATOM   912  C CZ  . ARG A 1 127 ? -19.978 -13.197 -2.567  1.00 44.68 ? 127 ARG A CZ  1 
ATOM   913  N NH1 . ARG A 1 127 ? -20.100 -13.699 -1.341  1.00 42.16 ? 127 ARG A NH1 1 
ATOM   914  N NH2 . ARG A 1 127 ? -19.573 -13.967 -3.559  1.00 46.61 ? 127 ARG A NH2 1 
ATOM   915  N N   . LEU A 1 128 ? -20.833 -6.268  0.684   1.00 52.25 ? 128 LEU A N   1 
ATOM   916  C CA  . LEU A 1 128 ? -21.242 -5.815  2.001   1.00 53.07 ? 128 LEU A CA  1 
ATOM   917  C C   . LEU A 1 128 ? -22.320 -4.722  1.944   1.00 53.73 ? 128 LEU A C   1 
ATOM   918  O O   . LEU A 1 128 ? -22.856 -4.336  2.988   1.00 54.00 ? 128 LEU A O   1 
ATOM   919  C CB  . LEU A 1 128 ? -20.008 -5.361  2.798   1.00 53.01 ? 128 LEU A CB  1 
ATOM   920  C CG  . LEU A 1 128 ? -18.910 -6.429  3.014   1.00 53.28 ? 128 LEU A CG  1 
ATOM   921  C CD1 . LEU A 1 128 ? -18.165 -6.233  4.328   1.00 53.67 ? 128 LEU A CD1 1 
ATOM   922  C CD2 . LEU A 1 128 ? -19.511 -7.802  2.997   1.00 52.57 ? 128 LEU A CD2 1 
ATOM   923  N N   . GLU A 1 129 ? -22.636 -4.264  0.722   1.00 54.68 ? 129 GLU A N   1 
ATOM   924  C CA  . GLU A 1 129 ? -23.620 -3.197  0.425   1.00 55.89 ? 129 GLU A CA  1 
ATOM   925  C C   . GLU A 1 129 ? -23.875 -2.192  1.553   1.00 56.49 ? 129 GLU A C   1 
ATOM   926  O O   . GLU A 1 129 ? -24.935 -2.189  2.205   1.00 56.53 ? 129 GLU A O   1 
ATOM   927  C CB  . GLU A 1 129 ? -24.949 -3.789  -0.048  1.00 56.03 ? 129 GLU A CB  1 
ATOM   928  C CG  . GLU A 1 129 ? -24.881 -4.406  -1.422  1.00 58.23 ? 129 GLU A CG  1 
ATOM   929  C CD  . GLU A 1 129 ? -26.056 -4.010  -2.334  1.00 61.40 ? 129 GLU A CD  1 
ATOM   930  O OE1 . GLU A 1 129 ? -26.957 -3.245  -1.899  1.00 61.58 ? 129 GLU A OE1 1 
ATOM   931  O OE2 . GLU A 1 129 ? -26.058 -4.456  -3.508  1.00 61.88 ? 129 GLU A OE2 1 
ATOM   932  N N   . GLN A 1 137 ? -16.635 12.284  -1.789  1.00 40.19 ? 137 GLN A N   1 
ATOM   933  C CA  . GLN A 1 137 ? -15.196 12.517  -1.489  1.00 40.17 ? 137 GLN A CA  1 
ATOM   934  C C   . GLN A 1 137 ? -14.683 13.873  -1.993  1.00 39.01 ? 137 GLN A C   1 
ATOM   935  O O   . GLN A 1 137 ? -14.692 14.157  -3.211  1.00 40.25 ? 137 GLN A O   1 
ATOM   936  C CB  . GLN A 1 137 ? -14.349 11.374  -2.032  1.00 41.25 ? 137 GLN A CB  1 
ATOM   937  C CG  . GLN A 1 137 ? -12.857 11.605  -2.038  1.00 43.27 ? 137 GLN A CG  1 
ATOM   938  C CD  . GLN A 1 137 ? -12.159 10.560  -2.876  1.00 46.63 ? 137 GLN A CD  1 
ATOM   939  O OE1 . GLN A 1 137 ? -11.079 10.808  -3.436  1.00 46.13 ? 137 GLN A OE1 1 
ATOM   940  N NE2 . GLN A 1 137 ? -12.786 9.381   -2.995  1.00 45.60 ? 137 GLN A NE2 1 
ATOM   941  N N   . ILE A 1 138 ? -14.242 14.712  -1.056  1.00 36.24 ? 138 ILE A N   1 
ATOM   942  C CA  . ILE A 1 138 ? -14.029 16.129  -1.359  1.00 32.62 ? 138 ILE A CA  1 
ATOM   943  C C   . ILE A 1 138 ? -12.532 16.467  -1.433  1.00 30.03 ? 138 ILE A C   1 
ATOM   944  O O   . ILE A 1 138 ? -12.133 17.332  -2.184  1.00 29.12 ? 138 ILE A O   1 
ATOM   945  C CB  . ILE A 1 138 ? -14.859 17.052  -0.430  1.00 33.18 ? 138 ILE A CB  1 
ATOM   946  C CG1 . ILE A 1 138 ? -14.242 17.206  0.964   1.00 32.99 ? 138 ILE A CG1 1 
ATOM   947  C CG2 . ILE A 1 138 ? -16.366 16.581  -0.342  1.00 33.49 ? 138 ILE A CG2 1 
ATOM   948  C CD1 . ILE A 1 138 ? -15.241 17.629  2.037   1.00 33.47 ? 138 ILE A CD1 1 
ATOM   949  N N   . LEU A 1 139 ? -11.724 15.787  -0.634  1.00 27.84 ? 139 LEU A N   1 
ATOM   950  C CA  . LEU A 1 139 ? -10.289 15.960  -0.683  1.00 27.22 ? 139 LEU A CA  1 
ATOM   951  C C   . LEU A 1 139 ? -9.629  14.762  -1.309  1.00 27.40 ? 139 LEU A C   1 
ATOM   952  O O   . LEU A 1 139 ? -9.787  13.680  -0.812  1.00 27.84 ? 139 LEU A O   1 
ATOM   953  C CB  . LEU A 1 139 ? -9.730  16.084  0.726   1.00 27.04 ? 139 LEU A CB  1 
ATOM   954  C CG  . LEU A 1 139 ? -8.288  16.563  0.898   1.00 24.02 ? 139 LEU A CG  1 
ATOM   955  C CD1 . LEU A 1 139 ? -8.116  18.048  0.379   1.00 23.35 ? 139 LEU A CD1 1 
ATOM   956  C CD2 . LEU A 1 139 ? -8.065  16.533  2.374   1.00 23.72 ? 139 LEU A CD2 1 
ATOM   957  N N   . LYS A 1 140 ? -8.833  14.986  -2.346  1.00 28.90 ? 140 LYS A N   1 
ATOM   958  C CA  . LYS A 1 140 ? -8.035  13.954  -3.041  1.00 29.53 ? 140 LYS A CA  1 
ATOM   959  C C   . LYS A 1 140 ? -6.595  14.000  -2.541  1.00 30.09 ? 140 LYS A C   1 
ATOM   960  O O   . LYS A 1 140 ? -6.015  15.057  -2.480  1.00 30.45 ? 140 LYS A O   1 
ATOM   961  C CB  . LYS A 1 140 ? -8.064  14.269  -4.543  1.00 29.88 ? 140 LYS A CB  1 
ATOM   962  N N   . GLN A 1 141 ? -6.043  12.856  -2.154  1.00 31.45 ? 141 GLN A N   1 
ATOM   963  C CA  . GLN A 1 141 ? -4.719  12.756  -1.544  1.00 32.59 ? 141 GLN A CA  1 
ATOM   964  C C   . GLN A 1 141 ? -3.870  11.870  -2.420  1.00 32.36 ? 141 GLN A C   1 
ATOM   965  O O   . GLN A 1 141 ? -4.127  10.673  -2.530  1.00 31.75 ? 141 GLN A O   1 
ATOM   966  C CB  . GLN A 1 141 ? -4.822  12.212  -0.120  1.00 33.13 ? 141 GLN A CB  1 
ATOM   967  C CG  . GLN A 1 141 ? -5.868  12.977  0.744   1.00 37.24 ? 141 GLN A CG  1 
ATOM   968  C CD  . GLN A 1 141 ? -5.483  13.034  2.219   1.00 42.61 ? 141 GLN A CD  1 
ATOM   969  O OE1 . GLN A 1 141 ? -4.301  13.145  2.555   1.00 46.25 ? 141 GLN A OE1 1 
ATOM   970  N NE2 . GLN A 1 141 ? -6.463  12.946  3.093   1.00 37.14 ? 141 GLN A NE2 1 
ATOM   971  N N   . THR A 1 142 ? -2.902  12.507  -3.059  1.00 32.63 ? 142 THR A N   1 
ATOM   972  C CA  . THR A 1 142 ? -1.991  11.877  -4.028  1.00 33.13 ? 142 THR A CA  1 
ATOM   973  C C   . THR A 1 142 ? -0.508  12.070  -3.662  1.00 30.85 ? 142 THR A C   1 
ATOM   974  O O   . THR A 1 142 ? -0.075  13.163  -3.289  1.00 30.31 ? 142 THR A O   1 
ATOM   975  C CB  . THR A 1 142 ? -2.222  12.430  -5.477  1.00 32.53 ? 142 THR A CB  1 
ATOM   976  O OG1 . THR A 1 142 ? -1.399  13.587  -5.721  1.00 38.33 ? 142 THR A OG1 1 
ATOM   977  C CG2 . THR A 1 142 ? -3.619  12.810  -5.694  1.00 34.92 ? 142 THR A CG2 1 
ATOM   978  N N   . TYR A 1 143 ? 0.275   11.019  -3.857  1.00 29.49 ? 143 TYR A N   1 
ATOM   979  C CA  . TYR A 1 143 ? 1.669   11.000  -3.455  1.00 28.75 ? 143 TYR A CA  1 
ATOM   980  C C   . TYR A 1 143 ? 2.557   11.503  -4.558  1.00 30.90 ? 143 TYR A C   1 
ATOM   981  O O   . TYR A 1 143 ? 2.282   11.273  -5.757  1.00 30.47 ? 143 TYR A O   1 
ATOM   982  C CB  . TYR A 1 143 ? 2.103   9.559   -3.053  1.00 28.84 ? 143 TYR A CB  1 
ATOM   983  C CG  . TYR A 1 143 ? 1.802   9.232   -1.614  1.00 24.25 ? 143 TYR A CG  1 
ATOM   984  C CD1 . TYR A 1 143 ? 2.572   9.783   -0.610  1.00 22.05 ? 143 TYR A CD1 1 
ATOM   985  C CD2 . TYR A 1 143 ? 0.709   8.417   -1.261  1.00 26.64 ? 143 TYR A CD2 1 
ATOM   986  C CE1 . TYR A 1 143 ? 2.309   9.492   0.708   1.00 22.51 ? 143 TYR A CE1 1 
ATOM   987  C CE2 . TYR A 1 143 ? 0.411   8.144   0.090   1.00 21.83 ? 143 TYR A CE2 1 
ATOM   988  C CZ  . TYR A 1 143 ? 1.232   8.662   1.042   1.00 22.78 ? 143 TYR A CZ  1 
ATOM   989  O OH  . TYR A 1 143 ? 1.032   8.409   2.390   1.00 26.23 ? 143 TYR A OH  1 
ATOM   990  N N   . SER A 1 144 ? 3.635   12.189  -4.197  1.00 32.41 ? 144 SER A N   1 
ATOM   991  C CA  . SER A 1 144 ? 4.569   12.591  -5.232  1.00 35.03 ? 144 SER A CA  1 
ATOM   992  C C   . SER A 1 144 ? 5.205   11.336  -5.790  1.00 35.56 ? 144 SER A C   1 
ATOM   993  O O   . SER A 1 144 ? 5.306   10.277  -5.136  1.00 33.10 ? 144 SER A O   1 
ATOM   994  C CB  . SER A 1 144 ? 5.753   13.425  -4.730  1.00 35.44 ? 144 SER A CB  1 
ATOM   995  O OG  . SER A 1 144 ? 5.438   14.377  -3.744  1.00 38.54 ? 144 SER A OG  1 
ATOM   996  N N   . LYS A 1 145 ? 5.764   11.512  -6.974  1.00 37.59 ? 145 LYS A N   1 
ATOM   997  C CA  . LYS A 1 145 ? 6.411   10.430  -7.663  1.00 38.49 ? 145 LYS A CA  1 
ATOM   998  C C   . LYS A 1 145 ? 7.804   10.316  -7.014  1.00 37.80 ? 145 LYS A C   1 
ATOM   999  O O   . LYS A 1 145 ? 8.386   11.292  -6.596  1.00 37.40 ? 145 LYS A O   1 
ATOM   1000 C CB  . LYS A 1 145 ? 6.506   10.798  -9.168  1.00 38.81 ? 145 LYS A CB  1 
ATOM   1001 C CG  . LYS A 1 145 ? 6.162   9.642   -10.126 1.00 41.13 ? 145 LYS A CG  1 
ATOM   1002 C CD  . LYS A 1 145 ? 6.181   10.148  -11.616 1.00 39.35 ? 145 LYS A CD  1 
ATOM   1003 C CE  . LYS A 1 145 ? 4.755   10.330  -12.257 1.00 43.38 ? 145 LYS A CE  1 
ATOM   1004 N NZ  . LYS A 1 145 ? 3.510   10.391  -11.368 1.00 41.02 ? 145 LYS A NZ  1 
ATOM   1005 N N   . PHE A 1 146 ? 8.306   9.109   -6.929  1.00 40.05 ? 146 PHE A N   1 
ATOM   1006 C CA  . PHE A 1 146 ? 9.746   8.838   -6.702  1.00 42.45 ? 146 PHE A CA  1 
ATOM   1007 C C   . PHE A 1 146 ? 10.677  9.566   -7.735  1.00 44.36 ? 146 PHE A C   1 
ATOM   1008 O O   . PHE A 1 146 ? 10.250  9.897   -8.862  1.00 44.61 ? 146 PHE A O   1 
ATOM   1009 C CB  . PHE A 1 146 ? 9.986   7.319   -6.790  1.00 39.04 ? 146 PHE A CB  1 
ATOM   1010 C CG  . PHE A 1 146 ? 9.267   6.504   -5.764  1.00 36.09 ? 146 PHE A CG  1 
ATOM   1011 C CD1 . PHE A 1 146 ? 8.257   5.627   -6.144  1.00 31.61 ? 146 PHE A CD1 1 
ATOM   1012 C CD2 . PHE A 1 146 ? 9.603   6.580   -4.417  1.00 30.37 ? 146 PHE A CD2 1 
ATOM   1013 C CE1 . PHE A 1 146 ? 7.599   4.863   -5.217  1.00 32.88 ? 146 PHE A CE1 1 
ATOM   1014 C CE2 . PHE A 1 146 ? 8.969   5.826   -3.498  1.00 29.41 ? 146 PHE A CE2 1 
ATOM   1015 C CZ  . PHE A 1 146 ? 7.956   4.961   -3.861  1.00 34.21 ? 146 PHE A CZ  1 
ATOM   1016 N N   . ASP A 1 147 ? 11.934  9.802   -7.336  1.00 46.92 ? 147 ASP A N   1 
ATOM   1017 C CA  . ASP A 1 147 ? 13.003  10.421  -8.170  1.00 48.02 ? 147 ASP A CA  1 
ATOM   1018 C C   . ASP A 1 147 ? 13.982  9.384   -8.748  1.00 50.01 ? 147 ASP A C   1 
ATOM   1019 O O   . ASP A 1 147 ? 14.081  8.241   -8.226  1.00 50.31 ? 147 ASP A O   1 
ATOM   1020 C CB  . ASP A 1 147 ? 13.824  11.405  -7.327  1.00 48.98 ? 147 ASP A CB  1 
ATOM   1021 C CG  . ASP A 1 147 ? 13.269  12.853  -7.362  1.00 50.72 ? 147 ASP A CG  1 
ATOM   1022 O OD1 . ASP A 1 147 ? 12.137  13.076  -6.852  1.00 50.86 ? 147 ASP A OD1 1 
ATOM   1023 O OD2 . ASP A 1 147 ? 13.994  13.769  -7.866  1.00 50.03 ? 147 ASP A OD2 1 
ATOM   1024 N N   . THR A 1 148 ? 14.692  9.800   -9.805  1.00 51.13 ? 148 THR A N   1 
ATOM   1025 C CA  . THR A 1 148 ? 15.865  9.126   -10.395 1.00 52.58 ? 148 THR A CA  1 
ATOM   1026 C C   . THR A 1 148 ? 16.588  8.204   -9.427  1.00 53.69 ? 148 THR A C   1 
ATOM   1027 O O   . THR A 1 148 ? 17.157  8.660   -8.427  1.00 54.76 ? 148 THR A O   1 
ATOM   1028 C CB  . THR A 1 148 ? 16.944  10.169  -10.881 1.00 52.74 ? 148 THR A CB  1 
ATOM   1029 O OG1 . THR A 1 148 ? 16.867  11.367  -10.089 1.00 52.68 ? 148 THR A OG1 1 
ATOM   1030 C CG2 . THR A 1 148 ? 16.776  10.535  -12.355 1.00 53.46 ? 148 THR A CG2 1 
ATOM   1031 N N   . ASP A 1 154 ? 15.942  16.773  -0.193  1.00 42.99 ? 154 ASP A N   1 
ATOM   1032 C CA  . ASP A 1 154 ? 16.349  16.507  -1.580  1.00 41.27 ? 154 ASP A CA  1 
ATOM   1033 C C   . ASP A 1 154 ? 15.697  15.186  -2.104  1.00 39.17 ? 154 ASP A C   1 
ATOM   1034 O O   . ASP A 1 154 ? 14.814  14.644  -1.451  1.00 38.13 ? 154 ASP A O   1 
ATOM   1035 C CB  . ASP A 1 154 ? 17.884  16.478  -1.629  1.00 41.55 ? 154 ASP A CB  1 
ATOM   1036 C CG  . ASP A 1 154 ? 18.481  15.213  -1.000  1.00 46.72 ? 154 ASP A CG  1 
ATOM   1037 O OD1 . ASP A 1 154 ? 17.876  14.607  -0.068  1.00 46.75 ? 154 ASP A OD1 1 
ATOM   1038 O OD2 . ASP A 1 154 ? 19.607  14.837  -1.436  1.00 54.72 ? 154 ASP A OD2 1 
ATOM   1039 N N   . ALA A 1 155 ? 16.156  14.673  -3.248  1.00 36.24 ? 155 ALA A N   1 
ATOM   1040 C CA  . ALA A 1 155 ? 15.599  13.481  -3.854  1.00 34.87 ? 155 ALA A CA  1 
ATOM   1041 C C   . ALA A 1 155 ? 15.703  12.210  -2.956  1.00 34.80 ? 155 ALA A C   1 
ATOM   1042 O O   . ALA A 1 155 ? 14.731  11.503  -2.779  1.00 33.28 ? 155 ALA A O   1 
ATOM   1043 C CB  . ALA A 1 155 ? 16.260  13.238  -5.204  1.00 34.09 ? 155 ALA A CB  1 
ATOM   1044 N N   . LEU A 1 156 ? 16.885  11.951  -2.391  1.00 35.55 ? 156 LEU A N   1 
ATOM   1045 C CA  . LEU A 1 156 ? 17.138  10.781  -1.507  1.00 34.79 ? 156 LEU A CA  1 
ATOM   1046 C C   . LEU A 1 156 ? 16.134  10.739  -0.360  1.00 34.00 ? 156 LEU A C   1 
ATOM   1047 O O   . LEU A 1 156 ? 15.485  9.699   -0.068  1.00 36.25 ? 156 LEU A O   1 
ATOM   1048 C CB  . LEU A 1 156 ? 18.595  10.833  -0.989  1.00 34.94 ? 156 LEU A CB  1 
ATOM   1049 C CG  . LEU A 1 156 ? 19.207  9.748   -0.064  1.00 35.48 ? 156 LEU A CG  1 
ATOM   1050 C CD1 . LEU A 1 156 ? 19.204  8.485   -0.800  1.00 30.02 ? 156 LEU A CD1 1 
ATOM   1051 C CD2 . LEU A 1 156 ? 20.654  10.062  0.440   1.00 35.22 ? 156 LEU A CD2 1 
ATOM   1052 N N   . LEU A 1 157 ? 15.977  11.882  0.267   1.00 32.49 ? 157 LEU A N   1 
ATOM   1053 C CA  . LEU A 1 157 ? 15.201  12.055  1.466   1.00 32.47 ? 157 LEU A CA  1 
ATOM   1054 C C   . LEU A 1 157 ? 13.685  12.015  1.161   1.00 31.19 ? 157 LEU A C   1 
ATOM   1055 O O   . LEU A 1 157 ? 12.867  11.505  1.942   1.00 28.73 ? 157 LEU A O   1 
ATOM   1056 C CB  . LEU A 1 157 ? 15.575  13.429  2.037   1.00 34.22 ? 157 LEU A CB  1 
ATOM   1057 C CG  . LEU A 1 157 ? 15.811  13.761  3.507   1.00 36.53 ? 157 LEU A CG  1 
ATOM   1058 C CD1 . LEU A 1 157 ? 15.478  15.301  3.725   1.00 40.09 ? 157 LEU A CD1 1 
ATOM   1059 C CD2 . LEU A 1 157 ? 14.979  12.909  4.451   1.00 35.10 ? 157 LEU A CD2 1 
ATOM   1060 N N   . LYS A 1 158 ? 13.320  12.571  0.005   1.00 28.95 ? 158 LYS A N   1 
ATOM   1061 C CA  . LYS A 1 158 ? 11.964  12.410  -0.479  1.00 29.18 ? 158 LYS A CA  1 
ATOM   1062 C C   . LYS A 1 158 ? 11.604  10.963  -0.714  1.00 27.09 ? 158 LYS A C   1 
ATOM   1063 O O   . LYS A 1 158 ? 10.505  10.528  -0.379  1.00 23.89 ? 158 LYS A O   1 
ATOM   1064 C CB  . LYS A 1 158 ? 11.799  13.111  -1.799  1.00 29.55 ? 158 LYS A CB  1 
ATOM   1065 C CG  . LYS A 1 158 ? 10.373  13.241  -2.274  1.00 35.90 ? 158 LYS A CG  1 
ATOM   1066 C CD  . LYS A 1 158 ? 10.350  13.995  -3.639  1.00 41.12 ? 158 LYS A CD  1 
ATOM   1067 C CE  . LYS A 1 158 ? 8.987   13.984  -4.350  1.00 44.06 ? 158 LYS A CE  1 
ATOM   1068 N NZ  . LYS A 1 158 ? 9.089   14.433  -5.817  1.00 44.23 ? 158 LYS A NZ  1 
ATOM   1069 N N   . ASN A 1 159 ? 12.463  10.263  -1.440  1.00 27.03 ? 159 ASN A N   1 
ATOM   1070 C CA  . ASN A 1 159 ? 12.242  8.818   -1.768  1.00 26.34 ? 159 ASN A CA  1 
ATOM   1071 C C   . ASN A 1 159 ? 12.168  8.016   -0.499  1.00 24.24 ? 159 ASN A C   1 
ATOM   1072 O O   . ASN A 1 159 ? 11.342  7.097   -0.389  1.00 23.44 ? 159 ASN A O   1 
ATOM   1073 C CB  . ASN A 1 159 ? 13.392  8.261   -2.622  1.00 26.85 ? 159 ASN A CB  1 
ATOM   1074 C CG  . ASN A 1 159 ? 13.401  8.815   -4.054  1.00 31.25 ? 159 ASN A CG  1 
ATOM   1075 O OD1 . ASN A 1 159 ? 12.375  9.284   -4.620  1.00 28.65 ? 159 ASN A OD1 1 
ATOM   1076 N ND2 . ASN A 1 159 ? 14.565  8.765   -4.646  1.00 27.95 ? 159 ASN A ND2 1 
ATOM   1077 N N   . TYR A 1 160 ? 13.072  8.332   0.449   1.00 24.85 ? 160 TYR A N   1 
ATOM   1078 C CA  . TYR A 1 160 ? 13.065  7.722   1.766   1.00 25.13 ? 160 TYR A CA  1 
ATOM   1079 C C   . TYR A 1 160 ? 11.669  7.899   2.453   1.00 25.88 ? 160 TYR A C   1 
ATOM   1080 O O   . TYR A 1 160 ? 11.135  6.949   2.996   1.00 24.96 ? 160 TYR A O   1 
ATOM   1081 C CB  . TYR A 1 160 ? 14.205  8.280   2.625   1.00 24.64 ? 160 TYR A CB  1 
ATOM   1082 C CG  . TYR A 1 160 ? 14.653  7.459   3.874   1.00 25.96 ? 160 TYR A CG  1 
ATOM   1083 C CD1 . TYR A 1 160 ? 14.387  6.075   4.027   1.00 24.13 ? 160 TYR A CD1 1 
ATOM   1084 C CD2 . TYR A 1 160 ? 15.458  8.088   4.871   1.00 26.42 ? 160 TYR A CD2 1 
ATOM   1085 C CE1 . TYR A 1 160 ? 14.857  5.368   5.243   1.00 19.68 ? 160 TYR A CE1 1 
ATOM   1086 C CE2 . TYR A 1 160 ? 15.907  7.425   6.010   1.00 23.32 ? 160 TYR A CE2 1 
ATOM   1087 C CZ  . TYR A 1 160 ? 15.630  6.090   6.196   1.00 23.47 ? 160 TYR A CZ  1 
ATOM   1088 O OH  . TYR A 1 160 ? 16.148  5.510   7.323   1.00 23.07 ? 160 TYR A OH  1 
ATOM   1089 N N   . GLY A 1 161 ? 11.090  9.113   2.369   1.00 26.52 ? 161 GLY A N   1 
ATOM   1090 C CA  . GLY A 1 161 ? 9.868   9.461   3.127   1.00 25.43 ? 161 GLY A CA  1 
ATOM   1091 C C   . GLY A 1 161 ? 8.704   8.769   2.458   1.00 24.70 ? 161 GLY A C   1 
ATOM   1092 O O   . GLY A 1 161 ? 7.806   8.286   3.126   1.00 23.93 ? 161 GLY A O   1 
ATOM   1093 N N   . LEU A 1 162 ? 8.752   8.695   1.139   1.00 22.65 ? 162 LEU A N   1 
ATOM   1094 C CA  . LEU A 1 162 ? 7.744   8.066   0.371   1.00 22.26 ? 162 LEU A CA  1 
ATOM   1095 C C   . LEU A 1 162 ? 7.684   6.546   0.703   1.00 21.52 ? 162 LEU A C   1 
ATOM   1096 O O   . LEU A 1 162 ? 6.614   5.974   0.888   1.00 20.48 ? 162 LEU A O   1 
ATOM   1097 C CB  . LEU A 1 162 ? 8.016   8.337   -1.137  1.00 24.54 ? 162 LEU A CB  1 
ATOM   1098 C CG  . LEU A 1 162 ? 7.480   9.625   -1.875  1.00 24.99 ? 162 LEU A CG  1 
ATOM   1099 C CD1 . LEU A 1 162 ? 8.170   9.804   -3.222  1.00 21.38 ? 162 LEU A CD1 1 
ATOM   1100 C CD2 . LEU A 1 162 ? 5.970   9.466   -2.117  1.00 23.90 ? 162 LEU A CD2 1 
ATOM   1101 N N   . LEU A 1 163 ? 8.844   5.897   0.820   1.00 21.94 ? 163 LEU A N   1 
ATOM   1102 C CA  . LEU A 1 163 ? 8.910   4.497   1.134   1.00 21.41 ? 163 LEU A CA  1 
ATOM   1103 C C   . LEU A 1 163 ? 8.410   4.286   2.539   1.00 21.72 ? 163 LEU A C   1 
ATOM   1104 O O   . LEU A 1 163 ? 7.757   3.319   2.798   1.00 22.70 ? 163 LEU A O   1 
ATOM   1105 C CB  . LEU A 1 163 ? 10.364  4.031   1.003   1.00 24.06 ? 163 LEU A CB  1 
ATOM   1106 C CG  . LEU A 1 163 ? 10.797  3.222   -0.239  1.00 27.05 ? 163 LEU A CG  1 
ATOM   1107 C CD1 . LEU A 1 163 ? 9.900   3.187   -1.393  1.00 24.84 ? 163 LEU A CD1 1 
ATOM   1108 C CD2 . LEU A 1 163 ? 12.248  3.416   -0.619  1.00 18.89 ? 163 LEU A CD2 1 
ATOM   1109 N N   . TYR A 1 164 ? 8.770   5.158   3.468   1.00 20.69 ? 164 TYR A N   1 
ATOM   1110 C CA  . TYR A 1 164 ? 8.209   5.117   4.812   1.00 22.56 ? 164 TYR A CA  1 
ATOM   1111 C C   . TYR A 1 164 ? 6.672   5.154   4.744   1.00 21.60 ? 164 TYR A C   1 
ATOM   1112 O O   . TYR A 1 164 ? 6.034   4.346   5.443   1.00 21.10 ? 164 TYR A O   1 
ATOM   1113 C CB  . TYR A 1 164 ? 8.674   6.301   5.686   1.00 21.60 ? 164 TYR A CB  1 
ATOM   1114 C CG  . TYR A 1 164 ? 8.103   6.324   7.131   1.00 25.33 ? 164 TYR A CG  1 
ATOM   1115 C CD1 . TYR A 1 164 ? 8.614   5.483   8.160   1.00 26.35 ? 164 TYR A CD1 1 
ATOM   1116 C CD2 . TYR A 1 164 ? 7.128   7.240   7.485   1.00 29.76 ? 164 TYR A CD2 1 
ATOM   1117 C CE1 . TYR A 1 164 ? 8.068   5.535   9.488   1.00 27.27 ? 164 TYR A CE1 1 
ATOM   1118 C CE2 . TYR A 1 164 ? 6.617   7.318   8.802   1.00 27.79 ? 164 TYR A CE2 1 
ATOM   1119 C CZ  . TYR A 1 164 ? 7.074   6.463   9.769   1.00 28.15 ? 164 TYR A CZ  1 
ATOM   1120 O OH  . TYR A 1 164 ? 6.552   6.598   11.038  1.00 32.30 ? 164 TYR A OH  1 
ATOM   1121 N N   . CYS A 1 165 ? 6.092   6.080   3.930   1.00 21.99 ? 165 CYS A N   1 
ATOM   1122 C CA  . CYS A 1 165 ? 4.602   6.193   3.906   1.00 21.24 ? 165 CYS A CA  1 
ATOM   1123 C C   . CYS A 1 165 ? 3.959   5.009   3.190   1.00 20.04 ? 165 CYS A C   1 
ATOM   1124 O O   . CYS A 1 165 ? 2.857   4.574   3.545   1.00 21.63 ? 165 CYS A O   1 
ATOM   1125 C CB  . CYS A 1 165 ? 4.133   7.466   3.269   1.00 21.73 ? 165 CYS A CB  1 
ATOM   1126 S SG  . CYS A 1 165 ? 4.547   8.843   4.395   1.00 28.19 ? 165 CYS A SG  1 
ATOM   1127 N N   . PHE A 1 166 ? 4.635   4.465   2.203   1.00 20.48 ? 166 PHE A N   1 
ATOM   1128 C CA  . PHE A 1 166 ? 4.053   3.275   1.486   1.00 19.41 ? 166 PHE A CA  1 
ATOM   1129 C C   . PHE A 1 166 ? 3.931   2.168   2.499   1.00 18.95 ? 166 PHE A C   1 
ATOM   1130 O O   . PHE A 1 166 ? 2.927   1.497   2.572   1.00 20.19 ? 166 PHE A O   1 
ATOM   1131 C CB  . PHE A 1 166 ? 4.995   2.898   0.322   1.00 21.00 ? 166 PHE A CB  1 
ATOM   1132 C CG  . PHE A 1 166 ? 4.551   1.663   -0.515  1.00 20.62 ? 166 PHE A CG  1 
ATOM   1133 C CD1 . PHE A 1 166 ? 3.207   1.421   -0.831  1.00 22.63 ? 166 PHE A CD1 1 
ATOM   1134 C CD2 . PHE A 1 166 ? 5.535   0.774   -1.002  1.00 18.10 ? 166 PHE A CD2 1 
ATOM   1135 C CE1 . PHE A 1 166 ? 2.883   0.298   -1.687  1.00 21.78 ? 166 PHE A CE1 1 
ATOM   1136 C CE2 . PHE A 1 166 ? 5.241   -0.286  -1.785  1.00 19.37 ? 166 PHE A CE2 1 
ATOM   1137 C CZ  . PHE A 1 166 ? 3.915   -0.577  -2.092  1.00 20.53 ? 166 PHE A CZ  1 
ATOM   1138 N N   . ARG A 1 167 ? 4.962   1.955   3.301   1.00 20.67 ? 167 ARG A N   1 
ATOM   1139 C CA  . ARG A 1 167 ? 4.941   0.932   4.346   1.00 20.25 ? 167 ARG A CA  1 
ATOM   1140 C C   . ARG A 1 167 ? 3.874   1.197   5.390   1.00 21.78 ? 167 ARG A C   1 
ATOM   1141 O O   . ARG A 1 167 ? 3.104   0.316   5.734   1.00 21.45 ? 167 ARG A O   1 
ATOM   1142 C CB  . ARG A 1 167 ? 6.366   0.856   4.976   1.00 20.63 ? 167 ARG A CB  1 
ATOM   1143 C CG  . ARG A 1 167 ? 6.637   -0.365  5.844   1.00 20.22 ? 167 ARG A CG  1 
ATOM   1144 C CD  . ARG A 1 167 ? 7.636   -0.003  6.943   1.00 30.66 ? 167 ARG A CD  1 
ATOM   1145 N NE  . ARG A 1 167 ? 8.664   -1.005  6.823   1.00 35.65 ? 167 ARG A NE  1 
ATOM   1146 C CZ  . ARG A 1 167 ? 9.890   -0.953  7.377   1.00 37.86 ? 167 ARG A CZ  1 
ATOM   1147 N NH1 . ARG A 1 167 ? 10.226  0.096   8.174   1.00 27.52 ? 167 ARG A NH1 1 
ATOM   1148 N NH2 . ARG A 1 167 ? 10.780  -1.931  7.043   1.00 27.81 ? 167 ARG A NH2 1 
ATOM   1149 N N   . LYS A 1 168 ? 3.808   2.415   5.921   1.00 22.46 ? 168 LYS A N   1 
ATOM   1150 C CA  . LYS A 1 168 ? 2.756   2.762   6.885   1.00 22.52 ? 168 LYS A CA  1 
ATOM   1151 C C   . LYS A 1 168 ? 1.391   2.595   6.307   1.00 21.50 ? 168 LYS A C   1 
ATOM   1152 O O   . LYS A 1 168 ? 0.518   2.103   7.003   1.00 21.80 ? 168 LYS A O   1 
ATOM   1153 C CB  . LYS A 1 168 ? 2.907   4.227   7.292   1.00 24.86 ? 168 LYS A CB  1 
ATOM   1154 C CG  . LYS A 1 168 ? 4.095   4.470   8.173   1.00 29.76 ? 168 LYS A CG  1 
ATOM   1155 C CD  . LYS A 1 168 ? 3.647   4.809   9.654   1.00 37.38 ? 168 LYS A CD  1 
ATOM   1156 C CE  . LYS A 1 168 ? 2.775   6.044   9.637   1.00 37.22 ? 168 LYS A CE  1 
ATOM   1157 N NZ  . LYS A 1 168 ? 2.600   6.626   10.990  1.00 39.62 ? 168 LYS A NZ  1 
ATOM   1158 N N   . ASP A 1 169 ? 1.171   2.983   5.023   1.00 21.57 ? 169 ASP A N   1 
ATOM   1159 C CA  . ASP A 1 169 ? -0.175  2.872   4.418   1.00 21.63 ? 169 ASP A CA  1 
ATOM   1160 C C   . ASP A 1 169 ? -0.560  1.436   4.182   1.00 21.68 ? 169 ASP A C   1 
ATOM   1161 O O   . ASP A 1 169 ? -1.737  1.031   4.348   1.00 21.82 ? 169 ASP A O   1 
ATOM   1162 C CB  . ASP A 1 169 ? -0.325  3.695   3.069   1.00 22.28 ? 169 ASP A CB  1 
ATOM   1163 C CG  . ASP A 1 169 ? -0.178  5.241   3.263   1.00 25.25 ? 169 ASP A CG  1 
ATOM   1164 O OD1 . ASP A 1 169 ? -0.269  5.695   4.435   1.00 23.97 ? 169 ASP A OD1 1 
ATOM   1165 O OD2 . ASP A 1 169 ? -0.020  6.009   2.239   1.00 22.02 ? 169 ASP A OD2 1 
ATOM   1166 N N   . MET A 1 170 ? 0.402   0.603   3.766   1.00 19.40 ? 170 MET A N   1 
ATOM   1167 C CA  . MET A 1 170 ? 0.042   -0.769  3.493   1.00 18.33 ? 170 MET A CA  1 
ATOM   1168 C C   . MET A 1 170 ? -0.272  -1.532  4.809   1.00 19.33 ? 170 MET A C   1 
ATOM   1169 O O   . MET A 1 170 ? -1.169  -2.357  4.856   1.00 20.74 ? 170 MET A O   1 
ATOM   1170 C CB  . MET A 1 170 ? 1.147   -1.471  2.687   1.00 16.54 ? 170 MET A CB  1 
ATOM   1171 C CG  . MET A 1 170 ? 1.239   -1.037  1.193   1.00 17.80 ? 170 MET A CG  1 
ATOM   1172 S SD  . MET A 1 170 ? -0.307  -0.998  0.251   1.00 24.69 ? 170 MET A SD  1 
ATOM   1173 C CE  . MET A 1 170 ? -0.710  0.762   0.302   1.00 15.32 ? 170 MET A CE  1 
ATOM   1174 N N   . ASP A 1 171 ? 0.457   -1.228  5.869   1.00 20.13 ? 171 ASP A N   1 
ATOM   1175 C CA  . ASP A 1 171 ? 0.194   -1.795  7.207   1.00 19.42 ? 171 ASP A CA  1 
ATOM   1176 C C   . ASP A 1 171 ? -1.226  -1.389  7.578   1.00 21.92 ? 171 ASP A C   1 
ATOM   1177 O O   . ASP A 1 171 ? -2.020  -2.179  8.035   1.00 24.16 ? 171 ASP A O   1 
ATOM   1178 C CB  . ASP A 1 171 ? 1.168   -1.127  8.193   1.00 20.86 ? 171 ASP A CB  1 
ATOM   1179 C CG  . ASP A 1 171 ? 0.923   -1.596  9.671   1.00 23.36 ? 171 ASP A CG  1 
ATOM   1180 O OD1 . ASP A 1 171 ? 0.642   -0.777  10.519  1.00 24.43 ? 171 ASP A OD1 1 
ATOM   1181 O OD2 . ASP A 1 171 ? 0.988   -2.803  9.937   1.00 24.96 ? 171 ASP A OD2 1 
ATOM   1182 N N   . LYS A 1 172 ? -1.542  -0.112  7.449   1.00 22.44 ? 172 LYS A N   1 
ATOM   1183 C CA  . LYS A 1 172 ? -2.920  0.322   7.711   1.00 24.50 ? 172 LYS A CA  1 
ATOM   1184 C C   . LYS A 1 172 ? -3.949  -0.460  6.901   1.00 24.27 ? 172 LYS A C   1 
ATOM   1185 O O   . LYS A 1 172 ? -4.953  -0.870  7.455   1.00 23.82 ? 172 LYS A O   1 
ATOM   1186 C CB  . LYS A 1 172 ? -3.109  1.765   7.340   1.00 24.67 ? 172 LYS A CB  1 
ATOM   1187 C CG  . LYS A 1 172 ? -4.488  2.275   7.685   1.00 29.84 ? 172 LYS A CG  1 
ATOM   1188 C CD  . LYS A 1 172 ? -4.654  2.368   9.197   1.00 37.39 ? 172 LYS A CD  1 
ATOM   1189 C CE  . LYS A 1 172 ? -3.995  3.581   9.797   1.00 40.65 ? 172 LYS A CE  1 
ATOM   1190 N NZ  . LYS A 1 172 ? -3.855  3.475   11.282  1.00 44.95 ? 172 LYS A NZ  1 
ATOM   1191 N N   . VAL A 1 173 ? -3.754  -0.580  5.569   1.00 24.34 ? 173 VAL A N   1 
ATOM   1192 C CA  . VAL A 1 173 ? -4.699  -1.383  4.747   1.00 22.42 ? 173 VAL A CA  1 
ATOM   1193 C C   . VAL A 1 173 ? -4.932  -2.783  5.337   1.00 24.03 ? 173 VAL A C   1 
ATOM   1194 O O   . VAL A 1 173 ? -6.112  -3.226  5.468   1.00 22.07 ? 173 VAL A O   1 
ATOM   1195 C CB  . VAL A 1 173 ? -4.231  -1.494  3.280   1.00 23.43 ? 173 VAL A CB  1 
ATOM   1196 C CG1 . VAL A 1 173 ? -5.102  -2.320  2.488   1.00 20.39 ? 173 VAL A CG1 1 
ATOM   1197 C CG2 . VAL A 1 173 ? -4.072  -0.041  2.684   1.00 22.17 ? 173 VAL A CG2 1 
ATOM   1198 N N   . GLU A 1 174 ? -3.829  -3.472  5.650   1.00 22.79 ? 174 GLU A N   1 
ATOM   1199 C CA  . GLU A 1 174 ? -3.891  -4.870  6.085   1.00 26.18 ? 174 GLU A CA  1 
ATOM   1200 C C   . GLU A 1 174 ? -4.671  -4.926  7.390   1.00 26.21 ? 174 GLU A C   1 
ATOM   1201 O O   . GLU A 1 174 ? -5.528  -5.787  7.583   1.00 28.37 ? 174 GLU A O   1 
ATOM   1202 C CB  . GLU A 1 174 ? -2.467  -5.464  6.224   1.00 26.35 ? 174 GLU A CB  1 
ATOM   1203 C CG  . GLU A 1 174 ? -2.473  -6.899  6.702   1.00 29.26 ? 174 GLU A CG  1 
ATOM   1204 C CD  . GLU A 1 174 ? -1.163  -7.587  6.559   1.00 30.95 ? 174 GLU A CD  1 
ATOM   1205 O OE1 . GLU A 1 174 ? -1.162  -8.820  6.618   1.00 30.84 ? 174 GLU A OE1 1 
ATOM   1206 O OE2 . GLU A 1 174 ? -0.131  -6.925  6.346   1.00 29.16 ? 174 GLU A OE2 1 
ATOM   1207 N N   . THR A 1 175 ? -4.410  -3.940  8.236   1.00 27.54 ? 175 THR A N   1 
ATOM   1208 C CA  . THR A 1 175 ? -5.094  -3.750  9.486   1.00 29.01 ? 175 THR A CA  1 
ATOM   1209 C C   . THR A 1 175 ? -6.589  -3.539  9.342   1.00 28.44 ? 175 THR A C   1 
ATOM   1210 O O   . THR A 1 175 ? -7.388  -4.218  10.013  1.00 28.45 ? 175 THR A O   1 
ATOM   1211 C CB  . THR A 1 175 ? -4.395  -2.595  10.320  1.00 29.29 ? 175 THR A CB  1 
ATOM   1212 O OG1 . THR A 1 175 ? -3.113  -3.101  10.723  1.00 30.46 ? 175 THR A OG1 1 
ATOM   1213 C CG2 . THR A 1 175 ? -5.093  -2.304  11.586  1.00 31.50 ? 175 THR A CG2 1 
ATOM   1214 N N   . PHE A 1 176 ? -6.974  -2.581  8.519   1.00 27.25 ? 176 PHE A N   1 
ATOM   1215 C CA  . PHE A 1 176 ? -8.379  -2.285  8.336   1.00 28.04 ? 176 PHE A CA  1 
ATOM   1216 C C   . PHE A 1 176 ? -9.089  -3.478  7.663   1.00 29.18 ? 176 PHE A C   1 
ATOM   1217 O O   . PHE A 1 176 ? -10.188 -3.843  8.077   1.00 30.78 ? 176 PHE A O   1 
ATOM   1218 C CB  . PHE A 1 176 ? -8.525  -1.042  7.522   1.00 28.83 ? 176 PHE A CB  1 
ATOM   1219 C CG  . PHE A 1 176 ? -8.335  0.217   8.351   1.00 31.99 ? 176 PHE A CG  1 
ATOM   1220 C CD1 . PHE A 1 176 ? -7.850  0.119   9.647   1.00 30.80 ? 176 PHE A CD1 1 
ATOM   1221 C CD2 . PHE A 1 176 ? -8.608  1.446   7.846   1.00 34.45 ? 176 PHE A CD2 1 
ATOM   1222 C CE1 . PHE A 1 176 ? -7.671  1.245   10.426  1.00 33.59 ? 176 PHE A CE1 1 
ATOM   1223 C CE2 . PHE A 1 176 ? -8.446  2.575   8.654   1.00 39.03 ? 176 PHE A CE2 1 
ATOM   1224 C CZ  . PHE A 1 176 ? -8.003  2.449   9.938   1.00 34.67 ? 176 PHE A CZ  1 
ATOM   1225 N N   . LEU A 1 177 ? -8.472  -4.131  6.682   1.00 28.70 ? 177 LEU A N   1 
ATOM   1226 C CA  . LEU A 1 177 ? -9.095  -5.328  6.103   1.00 31.16 ? 177 LEU A CA  1 
ATOM   1227 C C   . LEU A 1 177 ? -9.292  -6.467  7.123   1.00 32.11 ? 177 LEU A C   1 
ATOM   1228 O O   . LEU A 1 177 ? -10.294 -7.166  7.042   1.00 34.55 ? 177 LEU A O   1 
ATOM   1229 C CB  . LEU A 1 177 ? -8.289  -5.893  4.970   1.00 30.94 ? 177 LEU A CB  1 
ATOM   1230 C CG  . LEU A 1 177 ? -8.810  -5.752  3.572   1.00 36.75 ? 177 LEU A CG  1 
ATOM   1231 C CD1 . LEU A 1 177 ? -9.413  -4.384  3.435   1.00 37.17 ? 177 LEU A CD1 1 
ATOM   1232 C CD2 . LEU A 1 177 ? -7.666  -5.978  2.542   1.00 36.70 ? 177 LEU A CD2 1 
ATOM   1233 N N   . ARG A 1 178 ? -8.349  -6.687  8.035   1.00 33.65 ? 178 ARG A N   1 
ATOM   1234 C CA  . ARG A 1 178 ? -8.472  -7.761  9.071   1.00 35.54 ? 178 ARG A CA  1 
ATOM   1235 C C   . ARG A 1 178 ? -9.661  -7.472  9.963   1.00 36.31 ? 178 ARG A C   1 
ATOM   1236 O O   . ARG A 1 178 ? -10.483 -8.334  10.235  1.00 36.46 ? 178 ARG A O   1 
ATOM   1237 C CB  . ARG A 1 178 ? -7.187  -7.920  9.926   1.00 34.29 ? 178 ARG A CB  1 
ATOM   1238 C CG  . ARG A 1 178 ? -7.001  -9.312  10.638  1.00 36.20 ? 178 ARG A CG  1 
ATOM   1239 C CD  . ARG A 1 178 ? -5.500  -9.713  10.745  1.00 39.14 ? 178 ARG A CD  1 
ATOM   1240 N NE  . ARG A 1 178 ? -4.640  -8.522  10.681  1.00 48.05 ? 178 ARG A NE  1 
ATOM   1241 C CZ  . ARG A 1 178 ? -3.455  -8.448  10.082  1.00 48.95 ? 178 ARG A CZ  1 
ATOM   1242 N NH1 . ARG A 1 178 ? -2.930  -9.490  9.453   1.00 52.29 ? 178 ARG A NH1 1 
ATOM   1243 N NH2 . ARG A 1 178 ? -2.799  -7.304  10.091  1.00 52.78 ? 178 ARG A NH2 1 
ATOM   1244 N N   . MET A 1 179 ? -9.772  -6.229  10.387  1.00 36.57 ? 179 MET A N   1 
ATOM   1245 C CA  . MET A 1 179 ? -10.872 -5.819  11.228  1.00 38.62 ? 179 MET A CA  1 
ATOM   1246 C C   . MET A 1 179 ? -12.170 -6.163  10.496  1.00 35.97 ? 179 MET A C   1 
ATOM   1247 O O   . MET A 1 179 ? -13.063 -6.760  11.041  1.00 35.09 ? 179 MET A O   1 
ATOM   1248 C CB  . MET A 1 179 ? -10.729 -4.309  11.416  1.00 38.19 ? 179 MET A CB  1 
ATOM   1249 C CG  . MET A 1 179 ? -11.191 -3.666  12.654  1.00 41.28 ? 179 MET A CG  1 
ATOM   1250 S SD  . MET A 1 179 ? -10.401 -2.033  12.733  1.00 47.02 ? 179 MET A SD  1 
ATOM   1251 C CE  . MET A 1 179 ? -8.691  -2.523  13.080  1.00 40.54 ? 179 MET A CE  1 
ATOM   1252 N N   . VAL A 1 180 ? -12.286 -5.776  9.238   1.00 35.42 ? 180 VAL A N   1 
ATOM   1253 C CA  . VAL A 1 180 ? -13.508 -6.066  8.513   1.00 33.33 ? 180 VAL A CA  1 
ATOM   1254 C C   . VAL A 1 180 ? -13.812 -7.588  8.404   1.00 34.15 ? 180 VAL A C   1 
ATOM   1255 O O   . VAL A 1 180 ? -14.967 -8.024  8.666   1.00 32.72 ? 180 VAL A O   1 
ATOM   1256 C CB  . VAL A 1 180 ? -13.543 -5.319  7.176   1.00 33.46 ? 180 VAL A CB  1 
ATOM   1257 C CG1 . VAL A 1 180 ? -14.811 -5.733  6.307   1.00 32.03 ? 180 VAL A CG1 1 
ATOM   1258 C CG2 . VAL A 1 180 ? -13.458 -3.813  7.426   1.00 29.02 ? 180 VAL A CG2 1 
ATOM   1259 N N   . GLN A 1 181 ? -12.779 -8.376  8.070   1.00 34.72 ? 181 GLN A N   1 
ATOM   1260 C CA  . GLN A 1 181 ? -12.882 -9.847  7.909   1.00 36.65 ? 181 GLN A CA  1 
ATOM   1261 C C   . GLN A 1 181 ? -13.435 -10.538 9.134   1.00 37.80 ? 181 GLN A C   1 
ATOM   1262 O O   . GLN A 1 181 ? -14.299 -11.438 9.045   1.00 39.18 ? 181 GLN A O   1 
ATOM   1263 C CB  . GLN A 1 181 ? -11.501 -10.441 7.626   1.00 35.83 ? 181 GLN A CB  1 
ATOM   1264 C CG  . GLN A 1 181 ? -11.492 -12.019 7.544   1.00 38.02 ? 181 GLN A CG  1 
ATOM   1265 C CD  . GLN A 1 181 ? -10.157 -12.572 7.163   1.00 37.71 ? 181 GLN A CD  1 
ATOM   1266 O OE1 . GLN A 1 181 ? -10.055 -13.411 6.254   1.00 39.70 ? 181 GLN A OE1 1 
ATOM   1267 N NE2 . GLN A 1 181 ? -9.094  -12.088 7.833   1.00 37.85 ? 181 GLN A NE2 1 
ATOM   1268 N N   . CYS A 1 182 ? -12.906 -10.140 10.285  1.00 39.57 ? 182 CYS A N   1 
ATOM   1269 C CA  . CYS A 1 182 ? -13.236 -10.747 11.554  1.00 42.08 ? 182 CYS A CA  1 
ATOM   1270 C C   . CYS A 1 182 ? -14.731 -10.549 11.866  1.00 43.47 ? 182 CYS A C   1 
ATOM   1271 O O   . CYS A 1 182 ? -15.441 -11.537 12.135  1.00 43.47 ? 182 CYS A O   1 
ATOM   1272 C CB  . CYS A 1 182 ? -12.346 -10.185 12.682  1.00 42.42 ? 182 CYS A CB  1 
ATOM   1273 S SG  . CYS A 1 182 ? -10.566 -10.523 12.559  1.00 45.76 ? 182 CYS A SG  1 
ATOM   1274 N N   . ARG A 1 183 ? -15.188 -9.293  11.796  1.00 44.43 ? 183 ARG A N   1 
ATOM   1275 C CA  . ARG A 1 183 ? -16.597 -8.881  12.007  1.00 45.54 ? 183 ARG A CA  1 
ATOM   1276 C C   . ARG A 1 183 ? -17.598 -9.414  10.986  1.00 46.09 ? 183 ARG A C   1 
ATOM   1277 O O   . ARG A 1 183 ? -18.806 -9.550  11.302  1.00 47.38 ? 183 ARG A O   1 
ATOM   1278 C CB  . ARG A 1 183 ? -16.736 -7.340  11.972  1.00 45.63 ? 183 ARG A CB  1 
ATOM   1279 C CG  . ARG A 1 183 ? -15.432 -6.575  12.143  1.00 48.04 ? 183 ARG A CG  1 
ATOM   1280 C CD  . ARG A 1 183 ? -15.038 -6.235  13.574  1.00 48.19 ? 183 ARG A CD  1 
ATOM   1281 N NE  . ARG A 1 183 ? -13.642 -6.607  13.847  1.00 50.84 ? 183 ARG A NE  1 
ATOM   1282 C CZ  . ARG A 1 183 ? -12.708 -5.795  14.343  1.00 48.56 ? 183 ARG A CZ  1 
ATOM   1283 N NH1 . ARG A 1 183 ? -12.996 -4.508  14.601  1.00 46.95 ? 183 ARG A NH1 1 
ATOM   1284 N NH2 . ARG A 1 183 ? -11.481 -6.274  14.568  1.00 43.55 ? 183 ARG A NH2 1 
ATOM   1285 N N   . SER A 1 184 ? -17.121 -9.655  9.762   1.00 45.67 ? 184 SER A N   1 
ATOM   1286 C CA  . SER A 1 184 ? -17.979 -10.063 8.639   1.00 45.37 ? 184 SER A CA  1 
ATOM   1287 C C   . SER A 1 184 ? -18.019 -11.553 8.372   1.00 45.51 ? 184 SER A C   1 
ATOM   1288 O O   . SER A 1 184 ? -18.944 -12.039 7.727   1.00 44.53 ? 184 SER A O   1 
ATOM   1289 C CB  . SER A 1 184 ? -17.512 -9.405  7.342   1.00 44.80 ? 184 SER A CB  1 
ATOM   1290 O OG  . SER A 1 184 ? -17.365 -8.026  7.538   1.00 46.03 ? 184 SER A OG  1 
ATOM   1291 N N   . VAL A 1 185 ? -16.974 -12.257 8.770   1.00 45.69 ? 185 VAL A N   1 
ATOM   1292 C CA  . VAL A 1 185 ? -16.932 -13.674 8.539   1.00 46.54 ? 185 VAL A CA  1 
ATOM   1293 C C   . VAL A 1 185 ? -16.716 -14.290 9.914   1.00 47.28 ? 185 VAL A C   1 
ATOM   1294 O O   . VAL A 1 185 ? -15.635 -14.142 10.493  1.00 47.46 ? 185 VAL A O   1 
ATOM   1295 C CB  . VAL A 1 185 ? -15.864 -14.085 7.465   1.00 46.70 ? 185 VAL A CB  1 
ATOM   1296 C CG1 . VAL A 1 185 ? -15.798 -15.633 7.266   1.00 44.87 ? 185 VAL A CG1 1 
ATOM   1297 C CG2 . VAL A 1 185 ? -16.138 -13.366 6.106   1.00 46.12 ? 185 VAL A CG2 1 
ATOM   1298 N N   . GLU A 1 186 ? -17.767 -14.929 10.445  1.00 48.29 ? 186 GLU A N   1 
ATOM   1299 C CA  . GLU A 1 186 ? -17.688 -15.562 11.759  1.00 49.44 ? 186 GLU A CA  1 
ATOM   1300 C C   . GLU A 1 186 ? -16.825 -16.831 11.816  1.00 49.38 ? 186 GLU A C   1 
ATOM   1301 O O   . GLU A 1 186 ? -16.910 -17.708 10.943  1.00 49.38 ? 186 GLU A O   1 
ATOM   1302 C CB  . GLU A 1 186 ? -19.067 -15.760 12.406  1.00 49.96 ? 186 GLU A CB  1 
ATOM   1303 C CG  . GLU A 1 186 ? -19.260 -14.826 13.631  1.00 49.57 ? 186 GLU A CG  1 
ATOM   1304 C CD  . GLU A 1 186 ? -20.575 -15.054 14.402  1.00 51.17 ? 186 GLU A CD  1 
ATOM   1305 O OE1 . GLU A 1 186 ? -21.057 -16.205 14.444  1.00 50.23 ? 186 GLU A OE1 1 
ATOM   1306 O OE2 . GLU A 1 186 ? -21.102 -14.077 15.003  1.00 54.22 ? 186 GLU A OE2 1 
ATOM   1307 N N   . GLY A 1 187 ? -15.969 -16.870 12.844  1.00 49.69 ? 187 GLY A N   1 
ATOM   1308 C CA  . GLY A 1 187 ? -14.943 -17.899 13.037  1.00 49.64 ? 187 GLY A CA  1 
ATOM   1309 C C   . GLY A 1 187 ? -13.593 -17.525 12.466  1.00 50.48 ? 187 GLY A C   1 
ATOM   1310 O O   . GLY A 1 187 ? -12.591 -18.205 12.706  1.00 49.89 ? 187 GLY A O   1 
ATOM   1311 N N   . SER A 1 188 ? -13.575 -16.450 11.681  1.00 50.27 ? 188 SER A N   1 
ATOM   1312 C CA  . SER A 1 188 ? -12.375 -15.975 11.015  1.00 51.76 ? 188 SER A CA  1 
ATOM   1313 C C   . SER A 1 188 ? -11.235 -15.700 11.968  1.00 51.95 ? 188 SER A C   1 
ATOM   1314 O O   . SER A 1 188 ? -10.062 -15.737 11.577  1.00 51.98 ? 188 SER A O   1 
ATOM   1315 C CB  . SER A 1 188 ? -12.678 -14.657 10.298  1.00 51.36 ? 188 SER A CB  1 
ATOM   1316 O OG  . SER A 1 188 ? -13.220 -14.929 9.038   1.00 54.81 ? 188 SER A OG  1 
ATOM   1317 N N   . CYS A 1 189 ? -11.600 -15.370 13.205  1.00 52.27 ? 189 CYS A N   1 
ATOM   1318 C CA  . CYS A 1 189 ? -10.708 -14.712 14.129  1.00 52.82 ? 189 CYS A CA  1 
ATOM   1319 C C   . CYS A 1 189 ? -11.032 -15.138 15.558  1.00 53.40 ? 189 CYS A C   1 
ATOM   1320 O O   . CYS A 1 189 ? -11.691 -16.170 15.780  1.00 54.69 ? 189 CYS A O   1 
ATOM   1321 C CB  . CYS A 1 189 ? -10.843 -13.192 13.969  1.00 52.61 ? 189 CYS A CB  1 
ATOM   1322 S SG  . CYS A 1 189 ? -10.427 -12.550 12.254  1.00 52.01 ? 189 CYS A SG  1 
HETATM 1323 O O   . HOH B 2 .   ? -3.993  15.556  -4.586  0.50 27.31 ? 192 HOH A O   1 
HETATM 1324 O O   . HOH B 2 .   ? 14.874  0.498   9.905   1.00 33.97 ? 193 HOH A O   1 
HETATM 1325 O O   . HOH B 2 .   ? 11.862  0.802   10.365  1.00 26.16 ? 194 HOH A O   1 
HETATM 1326 O O   . HOH B 2 .   ? 8.305   0.955   1.007   1.00 21.18 ? 195 HOH A O   1 
HETATM 1327 O O   . HOH B 2 .   ? 2.344   -1.694  -18.328 1.00 30.94 ? 196 HOH A O   1 
HETATM 1328 O O   . HOH B 2 .   ? 7.192   -9.309  7.766   1.00 28.24 ? 197 HOH A O   1 
HETATM 1329 O O   . HOH B 2 .   ? 11.412  -6.119  -3.293  1.00 26.45 ? 198 HOH A O   1 
HETATM 1330 O O   . HOH B 2 .   ? 28.287  8.108   9.512   1.00 30.09 ? 199 HOH A O   1 
HETATM 1331 O O   . HOH B 2 .   ? -19.320 -26.286 -3.068  1.00 35.58 ? 200 HOH A O   1 
HETATM 1332 O O   . HOH B 2 .   ? 10.709  -3.687  -4.603  1.00 29.46 ? 201 HOH A O   1 
HETATM 1333 O O   . HOH B 2 .   ? 6.962   5.029   13.018  1.00 36.69 ? 202 HOH A O   1 
HETATM 1334 O O   . HOH B 2 .   ? 18.202  10.457  -6.801  1.00 60.00 ? 203 HOH A O   1 
HETATM 1335 O O   . HOH B 2 .   ? 15.804  12.900  -14.148 1.00 52.31 ? 204 HOH A O   1 
HETATM 1336 O O   . HOH B 2 .   ? -10.892 -10.670 -3.047  1.00 45.40 ? 205 HOH A O   1 
HETATM 1337 O O   . HOH B 2 .   ? 12.700  -2.573  8.391   1.00 35.47 ? 206 HOH A O   1 
HETATM 1338 O O   . HOH B 2 .   ? -15.318 3.599   11.594  1.00 48.15 ? 207 HOH A O   1 
HETATM 1339 O O   . HOH B 2 .   ? -6.209  -9.200  -4.071  1.00 39.07 ? 208 HOH A O   1 
HETATM 1340 O O   . HOH B 2 .   ? 10.218  0.950   -11.135 1.00 42.34 ? 209 HOH A O   1 
HETATM 1341 O O   . HOH B 2 .   ? 20.897  2.940   7.558   1.00 35.38 ? 210 HOH A O   1 
HETATM 1342 O O   . HOH B 2 .   ? 5.503   -9.005  -1.576  1.00 31.88 ? 211 HOH A O   1 
HETATM 1343 O O   . HOH B 2 .   ? 8.499   -7.972  -1.669  1.00 42.53 ? 212 HOH A O   1 
HETATM 1344 O O   . HOH B 2 .   ? -5.587  -15.246 3.948   1.00 37.36 ? 213 HOH A O   1 
HETATM 1345 O O   . HOH B 2 .   ? 2.073   -6.576  -14.477 1.00 38.70 ? 214 HOH A O   1 
HETATM 1346 O O   . HOH B 2 .   ? 6.519   2.858   7.768   1.00 31.38 ? 215 HOH A O   1 
HETATM 1347 O O   . HOH B 2 .   ? 17.122  8.007   -3.882  1.00 38.96 ? 216 HOH A O   1 
HETATM 1348 O O   . HOH B 2 .   ? 5.568   -11.482 -0.542  1.00 39.06 ? 217 HOH A O   1 
HETATM 1349 O O   . HOH B 2 .   ? 19.777  13.598  -7.742  1.00 56.62 ? 218 HOH A O   1 
HETATM 1350 O O   . HOH B 2 .   ? -0.451  -5.440  -14.791 1.00 41.44 ? 219 HOH A O   1 
HETATM 1351 O O   . HOH B 2 .   ? 1.407   9.996   -8.007  1.00 51.87 ? 220 HOH A O   1 
HETATM 1352 O O   . HOH B 2 .   ? 15.057  14.963  11.840  1.00 46.17 ? 221 HOH A O   1 
HETATM 1353 O O   . HOH B 2 .   ? 22.596  11.253  -6.093  1.00 56.64 ? 222 HOH A O   1 
HETATM 1354 O O   . HOH B 2 .   ? 13.225  -0.080  -16.163 1.00 34.28 ? 223 HOH A O   1 
HETATM 1355 O O   . HOH B 2 .   ? 17.234  19.798  -10.033 1.00 54.91 ? 224 HOH A O   1 
HETATM 1356 O O   . HOH B 2 .   ? -9.380  16.102  -7.052  1.00 52.86 ? 225 HOH A O   1 
HETATM 1357 O O   . HOH B 2 .   ? -21.190 -2.445  9.314   1.00 48.00 ? 226 HOH A O   1 
HETATM 1358 O O   . HOH B 2 .   ? 12.014  1.789   -12.841 1.00 41.82 ? 227 HOH A O   1 
HETATM 1359 O O   . HOH B 2 .   ? -3.936  8.132   15.834  1.00 49.42 ? 228 HOH A O   1 
HETATM 1360 O O   . HOH B 2 .   ? 0.338   2.039   9.888   1.00 40.82 ? 229 HOH A O   1 
HETATM 1361 O O   . HOH B 2 .   ? 18.799  13.640  14.204  1.00 52.57 ? 230 HOH A O   1 
HETATM 1362 O O   . HOH B 2 .   ? 20.740  14.180  2.226   1.00 58.14 ? 231 HOH A O   1 
HETATM 1363 O O   . HOH B 2 .   ? 3.426   -8.258  5.474   1.00 41.43 ? 232 HOH A O   1 
HETATM 1364 O O   . HOH B 2 .   ? 3.361   14.699  2.960   1.00 49.48 ? 233 HOH A O   1 
HETATM 1365 O O   . HOH B 2 .   ? 5.116   -8.733  -4.327  1.00 53.41 ? 234 HOH A O   1 
HETATM 1366 O O   . HOH B 2 .   ? 17.921  11.153  12.065  1.00 43.19 ? 235 HOH A O   1 
HETATM 1367 O O   . HOH B 2 .   ? -9.821  -19.291 1.008   1.00 29.28 ? 236 HOH A O   1 
HETATM 1368 O O   . HOH B 2 .   ? 7.669   10.139  5.625   1.00 37.25 ? 237 HOH A O   1 
HETATM 1369 O O   . HOH B 2 .   ? -10.669 7.734   -7.252  1.00 45.98 ? 238 HOH A O   1 
HETATM 1370 O O   . HOH B 2 .   ? 3.791   0.823   -16.968 1.00 21.72 ? 239 HOH A O   1 
HETATM 1371 O O   . HOH B 2 .   ? -10.590 -1.506  -10.429 1.00 46.70 ? 240 HOH A O   1 
HETATM 1372 O O   . HOH B 2 .   ? -20.809 -22.217 -12.424 1.00 39.08 ? 241 HOH A O   1 
HETATM 1373 O O   . HOH B 2 .   ? -22.210 5.687   9.979   1.00 34.91 ? 242 HOH A O   1 
HETATM 1374 O O   . HOH B 2 .   ? -23.934 1.154   12.897  1.00 47.88 ? 243 HOH A O   1 
HETATM 1375 O O   . HOH B 2 .   ? -7.287  -11.936 -11.967 1.00 54.34 ? 244 HOH A O   1 
HETATM 1376 O O   . HOH B 2 .   ? -16.656 0.142   -8.743  1.00 49.54 ? 245 HOH A O   1 
HETATM 1377 O O   . HOH B 2 .   ? -11.989 5.131   -10.088 1.00 35.18 ? 246 HOH A O   1 
HETATM 1378 O O   . HOH B 2 .   ? -22.963 -1.333  -4.400  1.00 36.29 ? 247 HOH A O   1 
HETATM 1379 O O   . HOH B 2 .   ? 18.828  16.864  -5.640  1.00 52.29 ? 248 HOH A O   1 
HETATM 1380 O O   . HOH B 2 .   ? -6.795  -4.896  14.367  1.00 56.22 ? 249 HOH A O   1 
HETATM 1381 O O   . HOH B 2 .   ? -15.426 -15.604 17.588  1.00 41.63 ? 250 HOH A O   1 
HETATM 1382 O O   . HOH B 2 .   ? -18.824 11.186  -1.563  1.00 41.83 ? 251 HOH A O   1 
HETATM 1383 O O   . HOH B 2 .   ? -27.356 -6.514  1.948   1.00 46.97 ? 252 HOH A O   1 
HETATM 1384 O O   . HOH B 2 .   ? -29.844 -4.248  2.654   1.00 48.57 ? 253 HOH A O   1 
HETATM 1385 O O   . HOH B 2 .   ? -6.991  11.763  -6.728  1.00 40.29 ? 254 HOH A O   1 
HETATM 1386 O O   . HOH B 2 .   ? -8.417  -6.764  14.587  1.00 64.82 ? 255 HOH A O   1 
HETATM 1387 O O   . HOH B 2 .   ? -8.143  5.821   -7.677  1.00 53.68 ? 256 HOH A O   1 
# 
